data_6ZDJ
#
_entry.id   6ZDJ
#
_cell.length_a   1.00
_cell.length_b   1.00
_cell.length_c   1.00
_cell.angle_alpha   90.00
_cell.angle_beta   90.00
_cell.angle_gamma   90.00
#
_symmetry.space_group_name_H-M   'P 1'
#
loop_
_entity.id
_entity.type
_entity.pdbx_description
1 polymer 'Gag protein'
2 polymer 'Peptidyl-prolyl cis-trans isomerase A'
#
loop_
_entity_poly.entity_id
_entity_poly.type
_entity_poly.pdbx_seq_one_letter_code
_entity_poly.pdbx_strand_id
1 'polypeptide(L)'
;PIVQNIQGQMVHQAISPRTLNAWVKVVEEKAFSPEVIPMFSALSEGATPQDLNTMLNTVGGHQAAMQMLKETINEEAAEW
DRVHPVHAGPIAPGQMREPRGSDIAGTTSTLQEQIGWMTNNPPIPVGEIYKRWIILGLNKIVRMYSPTSILDIRQGPKEP
FRDYVDRFYKTLRAEQASQEVKNWMTETLLVQNANPDCKTILKALGPAATLEEMMTACQG
;
A,B,C,D,G,H,N,Y,d,e,j,k
2 'polypeptide(L)'
;VNPTVFFDIAVDGEPLGRVSFELFADKVPKTAENFRALSTGEKGFGYKGSCFHRIIPGFMCQGGDFTRHNGTGGKSIYGE
KFEDENFILKHTGPGILSMANAGPNTNGSQFFICTAKTEWLDGKHVVFGKVKEGMNIVEAMERFGSRNGKTSKKITIADC
GQLE
;
J
#
# COMPACT_ATOMS: atom_id res chain seq x y z
N PRO A 1 29.56 30.07 23.42
CA PRO A 1 29.89 31.10 24.40
C PRO A 1 28.94 32.28 24.37
N ILE A 2 29.30 33.39 25.01
CA ILE A 2 28.51 34.59 24.99
C ILE A 2 29.30 35.70 24.30
N VAL A 3 29.12 35.83 22.98
CA VAL A 3 29.83 36.88 22.26
C VAL A 3 29.14 38.21 22.48
N GLN A 4 29.94 39.24 22.77
CA GLN A 4 29.42 40.58 22.97
C GLN A 4 29.29 41.29 21.63
N ASN A 5 28.06 41.60 21.23
CA ASN A 5 27.83 42.28 19.97
C ASN A 5 28.45 43.67 20.00
N ILE A 6 28.88 44.13 18.83
CA ILE A 6 29.49 45.45 18.72
C ILE A 6 28.46 46.52 19.08
N GLN A 7 28.82 47.40 20.01
CA GLN A 7 27.97 48.52 20.48
C GLN A 7 26.53 48.08 20.72
N GLY A 8 26.34 46.85 21.17
CA GLY A 8 25.01 46.33 21.41
C GLY A 8 24.95 45.34 22.56
N GLN A 9 23.79 44.70 22.73
CA GLN A 9 23.62 43.74 23.81
C GLN A 9 24.40 42.46 23.50
N MET A 10 24.95 41.85 24.54
CA MET A 10 25.66 40.59 24.38
C MET A 10 24.68 39.48 24.03
N VAL A 11 24.97 38.77 22.94
CA VAL A 11 24.07 37.75 22.42
C VAL A 11 24.67 36.37 22.70
N HIS A 12 23.81 35.45 23.11
CA HIS A 12 24.25 34.07 23.31
C HIS A 12 24.46 33.38 21.97
N GLN A 13 25.45 32.50 21.93
CA GLN A 13 25.81 31.79 20.71
C GLN A 13 26.23 30.37 21.07
N ALA A 14 25.75 29.41 20.30
CA ALA A 14 26.12 28.01 20.53
C ALA A 14 27.61 27.81 20.28
N ILE A 15 28.19 26.83 20.99
CA ILE A 15 29.60 26.53 20.81
C ILE A 15 29.87 26.10 19.38
N SER A 16 30.98 26.56 18.82
CA SER A 16 31.27 26.31 17.43
C SER A 16 31.68 24.85 17.22
N PRO A 17 31.20 24.22 16.15
CA PRO A 17 31.71 22.90 15.78
C PRO A 17 33.22 22.90 15.62
N ARG A 18 33.80 23.99 15.12
CA ARG A 18 35.25 24.08 15.03
C ARG A 18 35.90 24.03 16.41
N THR A 19 35.33 24.76 17.37
CA THR A 19 35.87 24.75 18.73
C THR A 19 35.80 23.36 19.33
N LEU A 20 34.65 22.69 19.19
CA LEU A 20 34.51 21.36 19.77
C LEU A 20 35.42 20.34 19.09
N ASN A 21 35.59 20.45 17.76
CA ASN A 21 36.48 19.54 17.06
C ASN A 21 37.92 19.76 17.48
N ALA A 22 38.35 21.02 17.60
CA ALA A 22 39.70 21.29 18.07
C ALA A 22 39.91 20.74 19.48
N TRP A 23 38.90 20.88 20.34
CA TRP A 23 39.03 20.37 21.71
C TRP A 23 39.17 18.86 21.72
N VAL A 24 38.27 18.15 21.04
CA VAL A 24 38.36 16.69 21.06
C VAL A 24 39.64 16.22 20.39
N LYS A 25 40.11 16.95 19.37
CA LYS A 25 41.35 16.57 18.71
C LYS A 25 42.56 16.72 19.63
N VAL A 26 42.65 17.85 20.33
CA VAL A 26 43.80 18.05 21.21
C VAL A 26 43.76 17.05 22.36
N VAL A 27 42.56 16.73 22.87
CA VAL A 27 42.47 15.69 23.88
C VAL A 27 43.01 14.36 23.33
N GLU A 28 42.49 13.93 22.18
CA GLU A 28 42.87 12.64 21.64
C GLU A 28 44.35 12.57 21.29
N GLU A 29 44.85 13.63 20.67
CA GLU A 29 46.25 13.73 20.17
C GLU A 29 47.31 13.84 21.28
N LYS A 30 47.07 14.70 22.28
CA LYS A 30 48.11 14.96 23.32
C LYS A 30 47.77 14.33 24.67
N ALA A 31 46.74 13.47 24.75
CA ALA A 31 46.36 12.85 26.05
C ALA A 31 46.13 13.97 27.07
N PHE A 32 46.83 13.95 28.20
CA PHE A 32 46.66 15.01 29.23
C PHE A 32 48.01 15.62 29.60
N SER A 33 48.60 16.40 28.68
CA SER A 33 49.86 17.09 28.91
C SER A 33 49.57 18.41 29.62
N PRO A 34 50.56 18.97 30.33
CA PRO A 34 50.30 20.16 31.15
C PRO A 34 49.74 21.35 30.37
N GLU A 35 49.85 21.37 29.05
CA GLU A 35 49.35 22.49 28.26
C GLU A 35 47.88 22.35 27.90
N VAL A 36 47.26 21.20 28.16
CA VAL A 36 45.84 21.05 27.84
C VAL A 36 44.99 21.96 28.70
N ILE A 37 45.45 22.29 29.91
CA ILE A 37 44.71 23.22 30.76
C ILE A 37 44.76 24.65 30.21
N PRO A 38 45.92 25.19 29.82
CA PRO A 38 45.89 26.49 29.12
C PRO A 38 45.10 26.47 27.83
N MET A 39 45.21 25.40 27.03
CA MET A 39 44.46 25.39 25.78
C MET A 39 42.96 25.28 26.02
N PHE A 40 42.54 24.59 27.08
CA PHE A 40 41.12 24.53 27.43
C PHE A 40 40.63 25.88 27.91
N SER A 41 41.39 26.54 28.79
CA SER A 41 41.02 27.88 29.22
C SER A 41 41.00 28.86 28.06
N ALA A 42 41.76 28.59 27.00
CA ALA A 42 41.74 29.45 25.82
C ALA A 42 40.50 29.19 24.96
N LEU A 43 40.22 27.92 24.66
CA LEU A 43 39.08 27.58 23.81
C LEU A 43 37.77 27.97 24.47
N SER A 44 37.61 27.67 25.76
CA SER A 44 36.38 27.96 26.49
C SER A 44 36.55 29.31 27.18
N GLU A 45 36.04 30.37 26.54
CA GLU A 45 36.08 31.72 27.09
C GLU A 45 34.66 32.29 27.08
N GLY A 46 34.21 32.74 28.25
CA GLY A 46 32.86 33.25 28.37
C GLY A 46 31.78 32.23 28.11
N ALA A 47 32.07 30.95 28.33
CA ALA A 47 31.14 29.88 28.02
C ALA A 47 30.27 29.55 29.23
N THR A 48 29.04 29.15 28.96
CA THR A 48 28.11 28.78 30.01
C THR A 48 28.45 27.40 30.57
N PRO A 49 27.95 27.09 31.78
CA PRO A 49 28.14 25.73 32.30
C PRO A 49 27.60 24.66 31.36
N GLN A 50 26.56 24.95 30.59
CA GLN A 50 26.11 24.00 29.57
C GLN A 50 27.20 23.76 28.53
N ASP A 51 27.85 24.83 28.07
CA ASP A 51 28.95 24.67 27.12
C ASP A 51 30.09 23.88 27.71
N LEU A 52 30.42 24.15 28.99
CA LEU A 52 31.52 23.42 29.63
C LEU A 52 31.18 21.94 29.83
N ASN A 53 29.95 21.63 30.21
CA ASN A 53 29.54 20.24 30.32
C ASN A 53 29.56 19.54 28.97
N THR A 54 29.19 20.24 27.90
CA THR A 54 29.29 19.65 26.57
C THR A 54 30.75 19.38 26.19
N MET A 55 31.62 20.37 26.43
CA MET A 55 33.04 20.19 26.12
C MET A 55 33.66 19.06 26.92
N LEU A 56 33.17 18.82 28.13
CA LEU A 56 33.66 17.70 28.92
C LEU A 56 33.08 16.36 28.45
N ASN A 57 31.82 16.34 28.05
CA ASN A 57 31.19 15.08 27.65
C ASN A 57 31.66 14.61 26.29
N THR A 58 32.05 15.53 25.41
CA THR A 58 32.52 15.10 24.09
C THR A 58 33.83 14.33 24.18
N VAL A 59 34.53 14.43 25.32
CA VAL A 59 35.78 13.69 25.48
C VAL A 59 35.50 12.20 25.50
N GLY A 60 36.20 11.45 24.67
CA GLY A 60 36.05 10.01 24.61
C GLY A 60 37.26 9.28 25.17
N GLY A 61 37.03 8.34 26.08
CA GLY A 61 38.11 7.66 26.75
C GLY A 61 38.54 8.38 28.01
N HIS A 62 39.54 7.80 28.66
CA HIS A 62 40.07 8.32 29.93
C HIS A 62 38.94 8.51 30.95
N GLN A 63 38.09 7.49 31.04
CA GLN A 63 36.89 7.59 31.85
C GLN A 63 37.23 7.68 33.33
N ALA A 64 38.37 7.12 33.74
CA ALA A 64 38.80 7.30 35.12
C ALA A 64 39.10 8.76 35.40
N ALA A 65 39.81 9.44 34.49
CA ALA A 65 40.07 10.86 34.66
C ALA A 65 38.78 11.66 34.63
N MET A 66 37.84 11.29 33.77
CA MET A 66 36.56 11.99 33.73
C MET A 66 35.78 11.82 35.03
N GLN A 67 35.78 10.62 35.60
CA GLN A 67 35.09 10.39 36.86
C GLN A 67 35.76 11.14 38.00
N MET A 68 37.09 11.22 37.98
CA MET A 68 37.80 12.00 38.99
C MET A 68 37.48 13.49 38.86
N LEU A 69 37.37 13.99 37.63
CA LEU A 69 36.99 15.38 37.43
C LEU A 69 35.57 15.63 37.93
N LYS A 70 34.65 14.70 37.67
CA LYS A 70 33.29 14.87 38.16
C LYS A 70 33.23 14.80 39.69
N GLU A 71 34.06 13.95 40.30
CA GLU A 71 34.11 13.90 41.76
C GLU A 71 34.67 15.19 42.34
N THR A 72 35.68 15.78 41.67
CA THR A 72 36.20 17.07 42.13
C THR A 72 35.15 18.16 42.01
N ILE A 73 34.40 18.18 40.90
CA ILE A 73 33.31 19.14 40.76
C ILE A 73 32.27 18.94 41.85
N ASN A 74 31.97 17.69 42.19
CA ASN A 74 31.00 17.43 43.25
C ASN A 74 31.50 17.92 44.59
N GLU A 75 32.78 17.69 44.89
CA GLU A 75 33.34 18.17 46.15
C GLU A 75 33.31 19.70 46.22
N GLU A 76 33.67 20.37 45.12
CA GLU A 76 33.62 21.82 45.11
C GLU A 76 32.19 22.33 45.30
N ALA A 77 31.22 21.68 44.67
CA ALA A 77 29.83 22.09 44.83
C ALA A 77 29.36 21.87 46.26
N ALA A 78 29.77 20.76 46.88
CA ALA A 78 29.40 20.51 48.27
C ALA A 78 29.99 21.56 49.19
N GLU A 79 31.27 21.91 48.99
CA GLU A 79 31.88 22.95 49.80
C GLU A 79 31.19 24.30 49.61
N TRP A 80 30.84 24.64 48.36
CA TRP A 80 30.15 25.88 48.09
C TRP A 80 28.79 25.92 48.79
N ASP A 81 28.03 24.83 48.69
CA ASP A 81 26.72 24.79 49.34
C ASP A 81 26.84 24.80 50.85
N ARG A 82 27.92 24.26 51.39
CA ARG A 82 28.10 24.25 52.84
C ARG A 82 28.47 25.64 53.36
N VAL A 83 29.34 26.36 52.65
CA VAL A 83 29.78 27.67 53.10
C VAL A 83 28.93 28.80 52.54
N HIS A 84 27.86 28.49 51.80
CA HIS A 84 26.93 29.50 51.29
C HIS A 84 25.50 29.04 51.52
N PRO A 85 24.76 29.71 52.41
CA PRO A 85 23.36 29.34 52.61
C PRO A 85 22.52 29.65 51.38
N VAL A 86 21.47 28.87 51.19
CA VAL A 86 20.57 29.02 50.04
C VAL A 86 19.23 29.53 50.55
N HIS A 87 18.79 30.67 50.00
CA HIS A 87 17.51 31.24 50.36
C HIS A 87 16.39 30.58 49.57
N ALA A 88 15.16 30.70 50.09
CA ALA A 88 14.00 30.11 49.46
C ALA A 88 12.80 31.02 49.68
N GLY A 89 11.64 30.57 49.22
CA GLY A 89 10.41 31.33 49.36
C GLY A 89 10.12 32.17 48.14
N PRO A 90 9.15 33.08 48.24
CA PRO A 90 8.85 33.97 47.12
C PRO A 90 10.01 34.90 46.83
N ILE A 91 10.30 35.07 45.55
CA ILE A 91 11.42 35.88 45.10
C ILE A 91 10.89 37.08 44.32
N ALA A 92 11.47 38.25 44.58
CA ALA A 92 11.02 39.46 43.91
C ALA A 92 11.27 39.36 42.40
N PRO A 93 10.40 39.92 41.57
CA PRO A 93 10.61 39.84 40.12
C PRO A 93 11.81 40.67 39.70
N GLY A 94 12.41 40.26 38.57
CA GLY A 94 13.58 40.94 38.07
C GLY A 94 14.86 40.62 38.79
N GLN A 95 14.82 39.71 39.76
CA GLN A 95 16.00 39.32 40.53
C GLN A 95 16.03 37.81 40.62
N MET A 96 17.07 37.19 40.07
CA MET A 96 17.18 35.74 40.12
C MET A 96 17.47 35.26 41.54
N ARG A 97 17.10 34.01 41.81
CA ARG A 97 17.26 33.44 43.13
C ARG A 97 18.73 33.12 43.40
N GLU A 98 18.99 32.59 44.60
CA GLU A 98 20.34 32.25 45.01
C GLU A 98 20.80 31.01 44.23
N PRO A 99 21.91 31.10 43.49
CA PRO A 99 22.40 29.93 42.73
C PRO A 99 22.97 28.88 43.65
N ARG A 100 22.41 27.67 43.59
CA ARG A 100 22.90 26.57 44.40
C ARG A 100 24.15 25.97 43.77
N GLY A 101 24.83 25.10 44.53
CA GLY A 101 26.00 24.42 43.99
C GLY A 101 25.67 23.48 42.85
N SER A 102 24.56 22.75 42.96
CA SER A 102 24.15 21.88 41.87
C SER A 102 23.75 22.68 40.64
N ASP A 103 23.34 23.93 40.82
CA ASP A 103 22.98 24.77 39.68
C ASP A 103 24.23 25.39 39.04
N ILE A 104 25.17 25.84 39.86
CA ILE A 104 26.43 26.36 39.32
C ILE A 104 27.23 25.24 38.68
N ALA A 105 26.96 24.00 39.07
CA ALA A 105 27.56 22.86 38.37
C ALA A 105 26.86 22.59 37.04
N GLY A 106 25.67 23.16 36.85
CA GLY A 106 24.93 22.97 35.62
C GLY A 106 24.18 21.65 35.52
N THR A 107 24.14 20.86 36.57
CA THR A 107 23.46 19.57 36.55
C THR A 107 21.98 19.66 36.86
N THR A 108 21.53 20.77 37.44
CA THR A 108 20.12 20.93 37.82
C THR A 108 19.55 22.25 37.37
N SER A 109 20.15 22.89 36.37
CA SER A 109 19.70 24.19 35.88
C SER A 109 19.51 24.12 34.37
N THR A 110 19.17 25.25 33.78
CA THR A 110 18.95 25.36 32.35
C THR A 110 19.70 26.56 31.79
N LEU A 111 19.83 26.58 30.45
CA LEU A 111 20.54 27.66 29.79
C LEU A 111 19.92 29.01 30.10
N GLN A 112 18.60 29.06 30.27
CA GLN A 112 17.94 30.32 30.64
C GLN A 112 18.43 30.82 31.98
N GLU A 113 18.47 29.94 32.99
CA GLU A 113 18.96 30.35 34.31
C GLU A 113 20.44 30.74 34.26
N GLN A 114 21.24 30.02 33.47
CA GLN A 114 22.66 30.36 33.38
C GLN A 114 22.85 31.75 32.75
N ILE A 115 22.15 32.01 31.64
CA ILE A 115 22.25 33.33 31.02
C ILE A 115 21.71 34.41 31.95
N GLY A 116 20.66 34.13 32.70
CA GLY A 116 20.15 35.11 33.64
C GLY A 116 21.16 35.43 34.73
N TRP A 117 21.82 34.41 35.26
CA TRP A 117 22.84 34.64 36.28
C TRP A 117 24.09 35.30 35.71
N MET A 118 24.34 35.16 34.41
CA MET A 118 25.47 35.82 33.78
C MET A 118 25.14 37.20 33.23
N THR A 119 23.87 37.59 33.23
CA THR A 119 23.48 38.93 32.78
C THR A 119 22.98 39.81 33.90
N ASN A 120 22.93 39.31 35.13
CA ASN A 120 22.40 40.09 36.25
C ASN A 120 23.29 41.27 36.57
N ASN A 121 22.77 42.19 37.37
CA ASN A 121 23.50 43.37 37.80
C ASN A 121 23.50 43.45 39.32
N PRO A 122 24.63 43.20 40.00
CA PRO A 122 25.92 42.85 39.41
C PRO A 122 25.98 41.40 38.92
N PRO A 123 26.80 41.13 37.90
CA PRO A 123 26.88 39.77 37.36
C PRO A 123 27.48 38.79 38.36
N ILE A 124 27.07 37.55 38.24
CA ILE A 124 27.57 36.46 39.06
C ILE A 124 28.34 35.50 38.15
N PRO A 125 29.66 35.44 38.28
CA PRO A 125 30.49 34.62 37.37
C PRO A 125 30.33 33.11 37.57
N VAL A 126 29.14 32.61 37.23
CA VAL A 126 28.89 31.17 37.28
C VAL A 126 29.84 30.43 36.35
N GLY A 127 30.04 30.97 35.14
CA GLY A 127 30.98 30.33 34.21
C GLY A 127 32.40 30.36 34.73
N GLU A 128 32.80 31.48 35.33
CA GLU A 128 34.17 31.60 35.83
C GLU A 128 34.41 30.75 37.07
N ILE A 129 33.36 30.39 37.81
CA ILE A 129 33.53 29.50 38.94
C ILE A 129 33.54 28.04 38.49
N TYR A 130 32.66 27.69 37.56
CA TYR A 130 32.65 26.32 37.07
C TYR A 130 33.92 26.02 36.29
N LYS A 131 34.45 27.00 35.56
CA LYS A 131 35.74 26.82 34.90
C LYS A 131 36.86 26.66 35.90
N ARG A 132 36.81 27.40 37.01
CA ARG A 132 37.82 27.23 38.06
C ARG A 132 37.78 25.82 38.61
N TRP A 133 36.58 25.29 38.85
CA TRP A 133 36.45 23.92 39.34
C TRP A 133 37.00 22.93 38.32
N ILE A 134 36.67 23.12 37.04
CA ILE A 134 37.19 22.23 36.00
C ILE A 134 38.72 22.30 35.93
N ILE A 135 39.29 23.49 36.13
CA ILE A 135 40.74 23.62 36.10
C ILE A 135 41.38 22.92 37.30
N LEU A 136 40.76 23.01 38.48
CA LEU A 136 41.25 22.24 39.61
C LEU A 136 41.23 20.74 39.31
N GLY A 137 40.14 20.26 38.72
CA GLY A 137 40.07 18.86 38.37
C GLY A 137 41.11 18.46 37.35
N LEU A 138 41.30 19.27 36.31
CA LEU A 138 42.30 18.97 35.29
C LEU A 138 43.71 19.03 35.88
N ASN A 139 43.93 19.88 36.87
CA ASN A 139 45.22 19.90 37.56
C ASN A 139 45.45 18.60 38.31
N LYS A 140 44.42 18.12 39.03
CA LYS A 140 44.54 16.82 39.68
C LYS A 140 44.84 15.73 38.67
N ILE A 141 44.19 15.78 37.50
CA ILE A 141 44.38 14.75 36.50
C ILE A 141 45.82 14.77 35.96
N VAL A 142 46.31 15.98 35.62
CA VAL A 142 47.66 16.07 35.06
C VAL A 142 48.71 15.73 36.11
N ARG A 143 48.41 15.97 37.39
CA ARG A 143 49.29 15.48 38.45
C ARG A 143 49.29 13.96 38.51
N MET A 144 48.13 13.34 38.29
CA MET A 144 48.06 11.89 38.31
C MET A 144 48.78 11.27 37.12
N TYR A 145 48.82 11.97 36.00
CA TYR A 145 49.48 11.42 34.78
C TYR A 145 51.00 11.62 34.85
N SER A 146 51.51 12.28 35.90
CA SER A 146 52.94 12.52 35.98
C SER A 146 53.69 11.20 36.06
N PRO B 1 19.03 25.69 11.34
CA PRO B 1 18.48 26.06 12.65
C PRO B 1 18.33 27.56 12.81
N ILE B 2 17.33 27.98 13.59
CA ILE B 2 17.13 29.39 13.87
C ILE B 2 18.17 29.86 14.87
N VAL B 3 18.53 31.14 14.78
CA VAL B 3 19.57 31.72 15.63
C VAL B 3 19.19 33.16 15.91
N GLN B 4 19.58 33.63 17.10
CA GLN B 4 19.34 35.03 17.46
C GLN B 4 20.07 35.94 16.51
N ASN B 5 19.30 36.76 15.78
CA ASN B 5 19.84 37.66 14.77
C ASN B 5 19.70 39.09 15.24
N ILE B 6 20.71 39.90 14.95
CA ILE B 6 20.70 41.31 15.35
C ILE B 6 19.60 42.03 14.61
N GLN B 7 18.65 42.60 15.36
CA GLN B 7 18.72 42.59 16.81
C GLN B 7 17.46 41.99 17.45
N GLY B 8 17.64 40.87 18.15
CA GLY B 8 16.59 40.27 18.95
C GLY B 8 15.47 39.60 18.17
N GLN B 9 15.61 39.43 16.86
CA GLN B 9 14.59 38.80 16.04
C GLN B 9 15.17 37.54 15.41
N MET B 10 14.69 36.38 15.85
CA MET B 10 15.17 35.12 15.32
C MET B 10 14.64 34.91 13.89
N VAL B 11 15.55 34.61 12.97
CA VAL B 11 15.21 34.31 11.59
C VAL B 11 15.79 32.94 11.24
N HIS B 12 15.19 32.30 10.24
CA HIS B 12 15.62 30.96 9.87
C HIS B 12 16.91 31.01 9.06
N GLN B 13 17.90 30.25 9.50
CA GLN B 13 19.17 30.08 8.79
C GLN B 13 19.33 28.60 8.48
N ALA B 14 19.43 28.27 7.19
CA ALA B 14 19.53 26.88 6.79
C ALA B 14 20.78 26.24 7.37
N ILE B 15 20.75 24.91 7.47
CA ILE B 15 21.89 24.18 8.02
C ILE B 15 23.09 24.31 7.10
N SER B 16 24.26 24.57 7.70
CA SER B 16 25.46 24.81 6.91
C SER B 16 26.03 23.49 6.41
N PRO B 17 26.58 23.47 5.18
CA PRO B 17 27.18 22.22 4.68
C PRO B 17 28.33 21.71 5.52
N ARG B 18 29.08 22.60 6.16
CA ARG B 18 30.20 22.15 6.99
C ARG B 18 29.72 21.35 8.19
N THR B 19 28.59 21.75 8.78
CA THR B 19 28.03 20.97 9.89
C THR B 19 27.64 19.57 9.42
N LEU B 20 27.01 19.48 8.23
CA LEU B 20 26.63 18.17 7.70
C LEU B 20 27.86 17.32 7.41
N ASN B 21 28.93 17.94 6.89
CA ASN B 21 30.15 17.18 6.63
C ASN B 21 30.78 16.70 7.93
N ALA B 22 30.77 17.53 8.97
CA ALA B 22 31.27 17.09 10.27
C ALA B 22 30.45 15.93 10.81
N TRP B 23 29.13 16.00 10.65
CA TRP B 23 28.28 14.90 11.11
C TRP B 23 28.56 13.62 10.33
N VAL B 24 28.71 13.72 9.00
CA VAL B 24 29.01 12.53 8.21
C VAL B 24 30.37 11.96 8.60
N LYS B 25 31.34 12.82 8.90
CA LYS B 25 32.66 12.31 9.30
C LYS B 25 32.60 11.63 10.66
N VAL B 26 31.86 12.19 11.61
CA VAL B 26 31.79 11.57 12.92
C VAL B 26 30.95 10.30 12.89
N VAL B 27 30.04 10.18 11.92
CA VAL B 27 29.32 8.92 11.74
C VAL B 27 30.04 8.03 10.72
N GLU B 28 31.20 8.46 10.25
CA GLU B 28 32.05 7.59 9.45
C GLU B 28 33.20 6.99 10.26
N GLU B 29 33.79 7.76 11.19
CA GLU B 29 34.96 7.22 11.94
C GLU B 29 34.54 6.74 13.33
N LYS B 30 33.93 7.63 14.12
CA LYS B 30 33.46 7.28 15.48
C LYS B 30 32.39 6.19 15.36
N ALA B 31 31.62 6.22 14.26
CA ALA B 31 30.52 5.27 14.00
C ALA B 31 29.54 5.39 15.17
N PHE B 32 29.13 4.27 15.77
CA PHE B 32 28.23 4.38 16.95
C PHE B 32 29.02 4.02 18.21
N SER B 33 29.17 5.04 19.08
CA SER B 33 29.89 4.94 20.38
C SER B 33 29.18 5.86 21.38
N PRO B 34 29.51 5.82 22.69
CA PRO B 34 28.84 6.68 23.68
C PRO B 34 29.01 8.18 23.36
N GLU B 35 30.17 8.58 22.84
CA GLU B 35 30.53 9.99 22.50
C GLU B 35 29.65 10.58 21.38
N VAL B 36 29.03 9.76 20.54
CA VAL B 36 28.19 10.32 19.42
C VAL B 36 26.97 11.10 19.94
N ILE B 37 26.33 10.66 21.03
CA ILE B 37 25.11 11.38 21.52
C ILE B 37 25.48 12.82 21.90
N PRO B 38 26.56 13.06 22.68
CA PRO B 38 26.99 14.41 23.03
C PRO B 38 27.39 15.23 21.79
N MET B 39 28.09 14.61 20.83
CA MET B 39 28.52 15.32 19.59
C MET B 39 27.28 15.77 18.80
N PHE B 40 26.28 14.89 18.70
CA PHE B 40 25.04 15.16 17.98
C PHE B 40 24.27 16.30 18.62
N SER B 41 24.18 16.29 19.96
CA SER B 41 23.49 17.37 20.65
C SER B 41 24.19 18.72 20.47
N ALA B 42 25.50 18.71 20.27
CA ALA B 42 26.23 19.97 20.09
C ALA B 42 26.19 20.45 18.65
N LEU B 43 26.16 19.53 17.69
CA LEU B 43 26.11 19.92 16.28
C LEU B 43 24.73 20.44 15.85
N SER B 44 23.68 20.10 16.61
CA SER B 44 22.31 20.44 16.24
C SER B 44 21.62 21.29 17.31
N GLU B 45 22.29 22.31 17.83
CA GLU B 45 21.69 23.15 18.86
C GLU B 45 20.58 24.01 18.26
N GLY B 46 19.38 23.91 18.83
CA GLY B 46 18.26 24.68 18.37
C GLY B 46 17.85 24.40 16.93
N ALA B 47 17.96 23.15 16.50
CA ALA B 47 17.67 22.81 15.10
C ALA B 47 16.18 22.54 14.91
N THR B 48 15.64 23.06 13.81
CA THR B 48 14.27 22.72 13.44
C THR B 48 14.18 21.23 13.14
N PRO B 49 13.00 20.62 13.27
CA PRO B 49 12.88 19.19 12.96
C PRO B 49 13.36 18.81 11.57
N GLN B 50 13.24 19.72 10.60
CA GLN B 50 13.76 19.45 9.26
C GLN B 50 15.26 19.26 9.27
N ASP B 51 15.97 20.05 10.09
CA ASP B 51 17.42 19.91 10.15
C ASP B 51 17.82 18.58 10.78
N LEU B 52 17.10 18.14 11.81
CA LEU B 52 17.40 16.84 12.41
C LEU B 52 17.08 15.70 11.44
N ASN B 53 16.00 15.83 10.67
CA ASN B 53 15.72 14.82 9.64
C ASN B 53 16.82 14.80 8.60
N THR B 54 17.32 15.97 8.19
CA THR B 54 18.42 16.03 7.25
C THR B 54 19.67 15.38 7.80
N MET B 55 19.98 15.62 9.07
CA MET B 55 21.15 15.03 9.71
C MET B 55 21.01 13.53 9.93
N LEU B 56 19.78 13.02 10.06
CA LEU B 56 19.56 11.59 10.18
C LEU B 56 19.47 10.87 8.83
N ASN B 57 19.20 11.60 7.75
CA ASN B 57 19.13 10.98 6.43
C ASN B 57 20.51 10.85 5.81
N THR B 58 21.41 11.78 6.15
CA THR B 58 22.72 11.81 5.51
C THR B 58 23.62 10.66 5.97
N VAL B 59 23.25 9.95 7.03
CA VAL B 59 24.07 8.84 7.51
C VAL B 59 24.04 7.70 6.50
N GLY B 60 25.21 7.33 5.99
CA GLY B 60 25.33 6.24 5.04
C GLY B 60 25.67 4.95 5.76
N GLY B 61 24.91 3.92 5.48
CA GLY B 61 25.06 2.65 6.17
C GLY B 61 24.35 2.63 7.51
N HIS B 62 24.51 1.50 8.19
CA HIS B 62 23.86 1.28 9.50
C HIS B 62 22.36 1.50 9.40
N GLN B 63 21.73 0.84 8.43
CA GLN B 63 20.31 1.09 8.18
C GLN B 63 19.43 0.48 9.27
N ALA B 64 19.90 -0.60 9.90
CA ALA B 64 19.14 -1.17 11.01
C ALA B 64 19.03 -0.19 12.16
N ALA B 65 20.13 0.50 12.49
CA ALA B 65 20.09 1.47 13.57
C ALA B 65 19.16 2.63 13.24
N MET B 66 19.21 3.11 11.99
CA MET B 66 18.33 4.20 11.60
C MET B 66 16.87 3.76 11.64
N GLN B 67 16.60 2.50 11.31
CA GLN B 67 15.23 2.00 11.39
C GLN B 67 14.77 1.89 12.84
N MET B 68 15.66 1.45 13.74
CA MET B 68 15.33 1.47 15.17
C MET B 68 15.02 2.88 15.63
N LEU B 69 15.82 3.85 15.20
CA LEU B 69 15.60 5.23 15.59
C LEU B 69 14.25 5.74 15.08
N LYS B 70 13.93 5.43 13.82
CA LYS B 70 12.65 5.85 13.26
C LYS B 70 11.48 5.21 14.01
N GLU B 71 11.60 3.92 14.34
CA GLU B 71 10.53 3.24 15.04
C GLU B 71 10.34 3.77 16.46
N THR B 72 11.44 4.08 17.14
CA THR B 72 11.33 4.67 18.48
C THR B 72 10.76 6.09 18.41
N ILE B 73 11.08 6.84 17.36
CA ILE B 73 10.47 8.15 17.18
C ILE B 73 8.96 7.99 16.99
N ASN B 74 8.55 6.99 16.19
CA ASN B 74 7.13 6.74 16.01
C ASN B 74 6.45 6.36 17.32
N GLU B 75 7.12 5.53 18.12
CA GLU B 75 6.57 5.12 19.41
C GLU B 75 6.42 6.31 20.35
N GLU B 76 7.44 7.17 20.41
CA GLU B 76 7.34 8.37 21.23
C GLU B 76 6.25 9.30 20.72
N ALA B 77 6.06 9.38 19.40
CA ALA B 77 4.98 10.20 18.87
C ALA B 77 3.62 9.66 19.26
N ALA B 78 3.45 8.33 19.21
CA ALA B 78 2.21 7.72 19.64
C ALA B 78 1.94 7.97 21.12
N GLU B 79 2.99 7.87 21.94
CA GLU B 79 2.82 8.13 23.37
C GLU B 79 2.48 9.61 23.63
N TRP B 80 3.10 10.51 22.87
CA TRP B 80 2.80 11.96 23.01
C TRP B 80 1.30 12.19 22.83
N ASP B 81 0.68 11.49 21.87
CA ASP B 81 -0.76 11.68 21.58
C ASP B 81 -1.60 11.30 22.80
N ARG B 82 -1.24 10.21 23.47
CA ARG B 82 -1.98 9.78 24.69
C ARG B 82 -1.84 10.86 25.77
N VAL B 83 -0.62 11.38 25.96
CA VAL B 83 -0.36 12.38 27.02
C VAL B 83 -1.12 13.69 26.72
N HIS B 84 -1.11 14.13 25.46
CA HIS B 84 -1.75 15.44 25.13
C HIS B 84 -2.86 15.25 24.10
N PRO B 85 -4.13 15.55 24.41
CA PRO B 85 -5.22 15.49 23.44
C PRO B 85 -5.12 16.66 22.45
N VAL B 86 -5.54 16.46 21.20
CA VAL B 86 -5.54 17.59 20.22
C VAL B 86 -6.99 18.05 20.01
N HIS B 87 -7.29 19.30 20.33
CA HIS B 87 -8.66 19.85 20.14
C HIS B 87 -8.94 20.08 18.66
N ALA B 88 -10.18 19.83 18.21
CA ALA B 88 -10.53 20.13 16.80
C ALA B 88 -11.29 21.45 16.76
N GLY B 89 -10.63 22.53 16.29
CA GLY B 89 -11.28 23.86 16.21
C GLY B 89 -10.53 24.76 15.26
N PRO B 90 -11.13 25.88 14.77
CA PRO B 90 -10.39 26.83 13.94
C PRO B 90 -9.16 27.36 14.68
N ILE B 91 -8.01 27.39 14.02
CA ILE B 91 -6.76 27.85 14.67
C ILE B 91 -6.84 29.37 14.90
N ALA B 92 -6.43 29.84 16.08
CA ALA B 92 -6.40 31.30 16.34
C ALA B 92 -5.29 31.93 15.50
N PRO B 93 -5.48 33.13 14.91
CA PRO B 93 -4.39 33.78 14.17
C PRO B 93 -3.23 34.12 15.12
N GLY B 94 -3.53 34.62 16.32
CA GLY B 94 -2.48 34.97 17.30
C GLY B 94 -1.68 33.77 17.78
N GLN B 95 -2.34 32.65 18.06
CA GLN B 95 -1.62 31.47 18.64
C GLN B 95 -1.80 30.25 17.75
N MET B 96 -0.69 29.58 17.40
CA MET B 96 -0.75 28.36 16.56
C MET B 96 -1.39 27.22 17.35
N ARG B 97 -2.10 26.32 16.67
CA ARG B 97 -2.78 25.17 17.34
C ARG B 97 -1.71 24.23 17.89
N GLU B 98 -2.03 23.50 18.98
CA GLU B 98 -1.03 22.62 19.62
C GLU B 98 -0.58 21.57 18.59
N PRO B 99 0.74 21.31 18.43
CA PRO B 99 1.23 20.36 17.44
C PRO B 99 0.79 18.93 17.76
N ARG B 100 0.48 18.14 16.73
CA ARG B 100 0.11 16.75 16.95
C ARG B 100 1.36 15.91 17.21
N GLY B 101 1.17 14.60 17.36
CA GLY B 101 2.29 13.71 17.60
C GLY B 101 3.24 13.57 16.43
N SER B 102 2.75 13.78 15.20
CA SER B 102 3.58 13.66 14.01
C SER B 102 4.07 15.02 13.52
N ASP B 103 3.53 16.12 14.04
CA ASP B 103 4.05 17.44 13.71
C ASP B 103 5.41 17.68 14.33
N ILE B 104 5.77 16.91 15.36
CA ILE B 104 7.07 17.07 16.00
C ILE B 104 8.17 16.46 15.16
N ALA B 105 7.91 15.29 14.59
CA ALA B 105 8.89 14.56 13.79
C ALA B 105 9.10 15.17 12.41
N GLY B 106 8.50 16.31 12.11
CA GLY B 106 8.70 16.97 10.84
C GLY B 106 8.23 16.16 9.63
N THR B 107 7.29 15.23 9.84
CA THR B 107 6.80 14.42 8.73
C THR B 107 5.78 15.19 7.89
N THR B 108 4.73 15.70 8.53
CA THR B 108 3.67 16.42 7.84
C THR B 108 3.63 17.89 8.20
N SER B 109 4.63 18.42 8.91
CA SER B 109 4.67 19.81 9.33
C SER B 109 5.64 20.57 8.43
N THR B 110 5.14 21.57 7.74
CA THR B 110 5.98 22.40 6.88
C THR B 110 6.95 23.21 7.73
N LEU B 111 8.04 23.67 7.09
CA LEU B 111 9.07 24.42 7.80
C LEU B 111 8.49 25.69 8.43
N GLN B 112 7.54 26.33 7.75
CA GLN B 112 6.96 27.56 8.28
C GLN B 112 6.20 27.30 9.57
N GLU B 113 5.49 26.17 9.64
CA GLU B 113 4.76 25.83 10.85
C GLU B 113 5.71 25.62 12.03
N GLN B 114 6.85 24.97 11.78
CA GLN B 114 7.84 24.76 12.83
C GLN B 114 8.45 26.08 13.28
N ILE B 115 8.82 26.94 12.32
CA ILE B 115 9.35 28.25 12.65
C ILE B 115 8.35 29.03 13.49
N GLY B 116 7.07 28.95 13.16
CA GLY B 116 6.04 29.58 13.96
C GLY B 116 5.98 29.02 15.37
N TRP B 117 5.95 27.70 15.48
CA TRP B 117 5.89 27.05 16.80
C TRP B 117 7.10 27.39 17.66
N MET B 118 8.24 27.72 17.04
CA MET B 118 9.44 28.00 17.82
C MET B 118 9.55 29.49 18.19
N THR B 119 9.24 30.38 17.26
CA THR B 119 9.39 31.81 17.50
C THR B 119 8.18 32.44 18.19
N ASN B 120 7.07 31.70 18.29
CA ASN B 120 5.88 32.26 18.92
C ASN B 120 6.09 32.47 20.41
N ASN B 121 5.25 33.29 21.01
CA ASN B 121 5.29 33.56 22.45
C ASN B 121 3.97 33.16 23.10
N PRO B 122 3.94 32.12 23.95
CA PRO B 122 5.07 31.31 24.37
C PRO B 122 5.51 30.30 23.32
N PRO B 123 6.80 29.98 23.30
CA PRO B 123 7.33 29.03 22.32
C PRO B 123 6.90 27.61 22.63
N ILE B 124 6.77 26.82 21.57
CA ILE B 124 6.47 25.40 21.67
C ILE B 124 7.78 24.64 21.50
N PRO B 125 8.24 23.88 22.49
CA PRO B 125 9.56 23.23 22.41
C PRO B 125 9.54 21.98 21.54
N VAL B 126 9.27 22.16 20.25
CA VAL B 126 9.26 21.03 19.33
C VAL B 126 10.67 20.51 19.08
N GLY B 127 11.64 21.41 18.95
CA GLY B 127 13.01 20.99 18.69
C GLY B 127 13.59 20.18 19.83
N GLU B 128 13.40 20.65 21.06
CA GLU B 128 13.93 19.91 22.21
C GLU B 128 13.22 18.57 22.39
N ILE B 129 11.93 18.50 22.10
CA ILE B 129 11.22 17.22 22.23
C ILE B 129 11.72 16.22 21.19
N TYR B 130 11.85 16.66 19.94
CA TYR B 130 12.39 15.76 18.92
C TYR B 130 13.82 15.37 19.23
N LYS B 131 14.60 16.28 19.82
CA LYS B 131 15.96 15.94 20.24
C LYS B 131 15.96 14.90 21.35
N ARG B 132 15.03 15.02 22.31
CA ARG B 132 14.92 14.00 23.36
C ARG B 132 14.57 12.65 22.76
N TRP B 133 13.66 12.63 21.79
CA TRP B 133 13.32 11.37 21.14
C TRP B 133 14.52 10.76 20.42
N ILE B 134 15.23 11.57 19.64
CA ILE B 134 16.41 11.07 18.92
C ILE B 134 17.48 10.61 19.90
N ILE B 135 17.59 11.28 21.05
CA ILE B 135 18.58 10.89 22.05
C ILE B 135 18.21 9.57 22.70
N LEU B 136 16.92 9.34 22.96
CA LEU B 136 16.47 8.03 23.42
C LEU B 136 16.82 6.95 22.40
N GLY B 137 16.55 7.23 21.13
CA GLY B 137 16.88 6.26 20.09
C GLY B 137 18.37 5.97 20.01
N LEU B 138 19.19 7.01 20.11
CA LEU B 138 20.64 6.84 20.05
C LEU B 138 21.15 6.08 21.27
N ASN B 139 20.54 6.31 22.44
CA ASN B 139 20.89 5.52 23.63
C ASN B 139 20.57 4.05 23.41
N LYS B 140 19.39 3.76 22.87
CA LYS B 140 19.05 2.38 22.53
C LYS B 140 20.10 1.78 21.59
N ILE B 141 20.48 2.52 20.56
CA ILE B 141 21.39 1.97 19.55
C ILE B 141 22.77 1.74 20.15
N VAL B 142 23.26 2.67 20.97
CA VAL B 142 24.61 2.51 21.51
C VAL B 142 24.63 1.44 22.60
N ARG B 143 23.50 1.20 23.28
CA ARG B 143 23.45 0.07 24.20
C ARG B 143 23.32 -1.25 23.44
N MET B 144 22.81 -1.20 22.21
CA MET B 144 22.76 -2.42 21.40
C MET B 144 24.13 -2.75 20.82
N TYR B 145 24.86 -1.74 20.35
CA TYR B 145 26.15 -1.95 19.71
C TYR B 145 27.23 -2.46 20.68
N SER B 146 26.92 -2.61 21.95
CA SER B 146 27.90 -3.11 22.91
C SER B 146 28.32 -4.52 22.52
N PRO B 147 29.62 -4.78 22.36
CA PRO B 147 30.04 -6.13 21.96
C PRO B 147 29.81 -7.17 23.04
N THR B 148 30.18 -6.87 24.29
CA THR B 148 30.03 -7.82 25.39
C THR B 148 29.30 -7.13 26.54
N SER B 149 28.82 -7.95 27.47
CA SER B 149 28.14 -7.42 28.64
C SER B 149 29.15 -6.96 29.68
N ILE B 150 28.66 -6.19 30.65
CA ILE B 150 29.54 -5.69 31.71
C ILE B 150 29.94 -6.81 32.65
N LEU B 151 29.14 -7.87 32.73
CA LEU B 151 29.47 -9.00 33.61
C LEU B 151 30.59 -9.86 33.04
N ASP B 152 30.85 -9.75 31.73
CA ASP B 152 31.87 -10.56 31.09
C ASP B 152 33.25 -9.91 31.10
N ILE B 153 33.36 -8.66 31.56
CA ILE B 153 34.64 -7.97 31.56
C ILE B 153 35.54 -8.60 32.62
N ARG B 154 36.67 -9.16 32.18
CA ARG B 154 37.64 -9.77 33.07
C ARG B 154 39.05 -9.45 32.58
N GLN B 155 39.95 -9.21 33.52
CA GLN B 155 41.32 -8.86 33.20
C GLN B 155 42.14 -10.09 32.86
N GLY B 156 43.06 -9.92 31.89
CA GLY B 156 43.97 -10.96 31.53
C GLY B 156 45.05 -11.15 32.58
N PRO B 157 45.81 -12.24 32.47
CA PRO B 157 46.86 -12.50 33.47
C PRO B 157 47.93 -11.42 33.52
N LYS B 158 48.40 -10.94 32.37
CA LYS B 158 49.43 -9.91 32.32
C LYS B 158 48.87 -8.61 31.73
N GLU B 159 47.59 -8.57 31.40
CA GLU B 159 46.99 -7.34 30.91
C GLU B 159 47.05 -6.28 32.02
N PRO B 160 47.68 -5.14 31.77
CA PRO B 160 47.85 -4.14 32.84
C PRO B 160 46.52 -3.66 33.37
N PHE B 161 46.56 -3.11 34.59
CA PHE B 161 45.34 -2.59 35.20
C PHE B 161 44.77 -1.42 34.38
N ARG B 162 45.63 -0.70 33.68
CA ARG B 162 45.17 0.46 32.91
C ARG B 162 44.17 0.05 31.85
N ASP B 163 44.56 -0.87 30.97
CA ASP B 163 43.67 -1.32 29.90
C ASP B 163 42.41 -1.98 30.48
N TYR B 164 42.56 -2.73 31.57
CA TYR B 164 41.42 -3.40 32.17
C TYR B 164 40.38 -2.39 32.66
N VAL B 165 40.82 -1.39 33.43
CA VAL B 165 39.85 -0.44 33.97
C VAL B 165 39.30 0.43 32.85
N ASP B 166 40.11 0.75 31.83
CA ASP B 166 39.61 1.53 30.71
C ASP B 166 38.50 0.79 29.98
N ARG B 167 38.75 -0.47 29.62
CA ARG B 167 37.74 -1.26 28.92
C ARG B 167 36.51 -1.47 29.79
N PHE B 168 36.71 -1.70 31.09
CA PHE B 168 35.58 -1.92 31.99
C PHE B 168 34.69 -0.68 32.08
N TYR B 169 35.28 0.49 32.28
CA TYR B 169 34.48 1.70 32.36
C TYR B 169 33.86 2.06 31.01
N LYS B 170 34.53 1.74 29.90
CA LYS B 170 33.94 2.00 28.59
C LYS B 170 32.69 1.14 28.39
N THR B 171 32.79 -0.15 28.69
CA THR B 171 31.62 -1.02 28.58
C THR B 171 30.54 -0.62 29.56
N LEU B 172 30.91 -0.16 30.75
CA LEU B 172 29.92 0.28 31.73
C LEU B 172 29.18 1.53 31.26
N ARG B 173 29.90 2.46 30.62
CA ARG B 173 29.25 3.66 30.10
C ARG B 173 28.35 3.31 28.92
N ALA B 174 28.82 2.42 28.04
CA ALA B 174 27.98 1.98 26.94
C ALA B 174 26.74 1.23 27.43
N GLU B 175 26.87 0.48 28.53
CA GLU B 175 25.73 -0.21 29.11
C GLU B 175 24.70 0.79 29.61
N GLN B 176 23.45 0.32 29.70
CA GLN B 176 22.33 1.15 30.13
C GLN B 176 21.80 0.63 31.46
N ALA B 177 21.83 1.48 32.47
CA ALA B 177 21.30 1.16 33.80
C ALA B 177 21.24 2.45 34.59
N SER B 178 20.49 2.42 35.69
CA SER B 178 20.40 3.59 36.56
C SER B 178 21.72 3.78 37.29
N GLN B 179 22.03 5.06 37.58
CA GLN B 179 23.29 5.36 38.26
C GLN B 179 23.36 4.72 39.64
N GLU B 180 22.21 4.54 40.30
CA GLU B 180 22.19 3.91 41.61
C GLU B 180 22.65 2.46 41.54
N VAL B 181 22.27 1.76 40.47
CA VAL B 181 22.72 0.38 40.30
C VAL B 181 24.20 0.34 39.98
N LYS B 182 24.69 1.32 39.21
CA LYS B 182 26.12 1.37 38.88
C LYS B 182 26.98 1.56 40.12
N ASN B 183 26.47 2.27 41.13
CA ASN B 183 27.25 2.49 42.35
C ASN B 183 27.57 1.18 43.05
N TRP B 184 26.64 0.22 43.05
CA TRP B 184 26.92 -1.11 43.57
C TRP B 184 27.71 -1.95 42.57
N MET B 185 27.42 -1.78 41.28
CA MET B 185 28.08 -2.58 40.25
C MET B 185 29.59 -2.36 40.26
N THR B 186 30.04 -1.12 40.40
CA THR B 186 31.47 -0.85 40.41
C THR B 186 32.14 -1.49 41.62
N GLU B 187 31.62 -1.24 42.82
CA GLU B 187 32.22 -1.77 44.04
C GLU B 187 32.12 -3.29 44.11
N THR B 188 31.25 -3.91 43.30
CA THR B 188 31.17 -5.36 43.31
C THR B 188 31.99 -6.02 42.19
N LEU B 189 32.23 -5.32 41.08
CA LEU B 189 32.84 -5.94 39.91
C LEU B 189 34.27 -5.49 39.63
N LEU B 190 34.63 -4.26 39.98
CA LEU B 190 35.94 -3.74 39.59
C LEU B 190 37.08 -4.51 40.25
N VAL B 191 36.99 -4.73 41.55
CA VAL B 191 38.09 -5.37 42.27
C VAL B 191 38.07 -6.87 42.06
N GLN B 192 36.89 -7.46 41.88
CA GLN B 192 36.77 -8.91 41.80
C GLN B 192 37.38 -9.46 40.52
N ASN B 193 37.17 -8.79 39.40
CA ASN B 193 37.62 -9.29 38.11
C ASN B 193 39.07 -8.97 37.81
N ALA B 194 39.80 -8.37 38.75
CA ALA B 194 41.19 -7.99 38.51
C ALA B 194 42.11 -9.21 38.63
N ASN B 195 43.39 -9.00 38.34
CA ASN B 195 44.38 -10.03 38.49
C ASN B 195 44.57 -10.36 39.97
N PRO B 196 44.86 -11.63 40.30
CA PRO B 196 44.96 -12.02 41.72
C PRO B 196 45.92 -11.17 42.53
N ASP B 197 47.12 -10.90 42.01
CA ASP B 197 48.05 -10.04 42.73
C ASP B 197 47.49 -8.64 42.90
N CYS B 198 47.03 -8.03 41.80
CA CYS B 198 46.39 -6.72 41.92
C CYS B 198 45.09 -6.80 42.70
N LYS B 199 44.42 -7.96 42.67
CA LYS B 199 43.22 -8.11 43.50
C LYS B 199 43.55 -7.95 44.98
N THR B 200 44.58 -8.67 45.45
CA THR B 200 45.00 -8.52 46.84
C THR B 200 45.55 -7.12 47.11
N ILE B 201 46.20 -6.51 46.12
CA ILE B 201 46.73 -5.16 46.30
C ILE B 201 45.60 -4.16 46.52
N LEU B 202 44.51 -4.27 45.76
CA LEU B 202 43.37 -3.38 45.94
C LEU B 202 42.60 -3.71 47.20
N LYS B 203 42.50 -4.99 47.56
CA LYS B 203 41.80 -5.34 48.79
C LYS B 203 42.57 -4.89 50.02
N ALA B 204 43.89 -4.73 49.90
CA ALA B 204 44.68 -4.20 51.02
C ALA B 204 44.34 -2.74 51.26
N LEU B 205 43.89 -2.02 50.23
CA LEU B 205 43.55 -0.61 50.40
C LEU B 205 42.20 -0.44 51.11
N GLY B 206 41.27 -1.35 50.91
CA GLY B 206 39.97 -1.27 51.52
C GLY B 206 38.84 -1.34 50.50
N PRO B 207 37.64 -1.67 50.97
CA PRO B 207 36.51 -1.79 50.03
C PRO B 207 36.07 -0.46 49.45
N ALA B 208 36.03 0.60 50.26
CA ALA B 208 35.56 1.91 49.82
C ALA B 208 36.68 2.79 49.29
N ALA B 209 37.77 2.20 48.80
CA ALA B 209 38.86 2.99 48.26
C ALA B 209 38.44 3.67 46.96
N THR B 210 38.94 4.88 46.75
CA THR B 210 38.60 5.63 45.56
C THR B 210 39.35 5.07 44.35
N LEU B 211 39.01 5.58 43.17
CA LEU B 211 39.60 5.07 41.94
C LEU B 211 41.07 5.44 41.84
N GLU B 212 41.44 6.66 42.25
CA GLU B 212 42.83 7.10 42.11
C GLU B 212 43.76 6.31 43.02
N GLU B 213 43.34 6.01 44.25
CA GLU B 213 44.18 5.22 45.14
C GLU B 213 44.32 3.79 44.62
N MET B 214 43.19 3.20 44.20
CA MET B 214 43.23 1.87 43.60
C MET B 214 44.16 1.84 42.39
N MET B 215 44.19 2.91 41.60
CA MET B 215 45.07 2.97 40.44
C MET B 215 46.52 3.06 40.88
N THR B 216 46.85 4.06 41.71
CA THR B 216 48.24 4.25 42.11
C THR B 216 48.77 3.08 42.93
N ALA B 217 47.87 2.20 43.40
CA ALA B 217 48.33 0.98 44.06
C ALA B 217 49.12 0.09 43.10
N CYS B 218 48.48 -0.36 42.03
CA CYS B 218 49.12 -1.21 41.03
C CYS B 218 49.81 -0.44 39.93
N GLN B 219 50.17 0.82 40.15
CA GLN B 219 50.80 1.62 39.11
C GLN B 219 52.20 1.09 38.79
N GLY B 220 52.36 0.58 37.59
CA GLY B 220 53.63 0.02 37.15
C GLY B 220 53.88 -1.38 37.67
N PRO C 1 24.39 30.84 -4.96
CA PRO C 1 23.11 30.68 -4.26
C PRO C 1 22.67 31.97 -3.56
N ILE C 2 21.37 32.22 -3.54
CA ILE C 2 20.86 33.42 -2.90
C ILE C 2 21.01 33.31 -1.40
N VAL C 3 21.15 34.46 -0.74
CA VAL C 3 21.33 34.51 0.71
C VAL C 3 20.60 35.74 1.24
N GLN C 4 19.96 35.59 2.40
CA GLN C 4 19.23 36.69 3.02
C GLN C 4 20.20 37.67 3.66
N ASN C 5 19.80 38.94 3.67
CA ASN C 5 20.61 40.00 4.24
C ASN C 5 20.00 40.49 5.55
N ILE C 6 20.60 41.54 6.11
CA ILE C 6 20.10 42.10 7.37
C ILE C 6 18.71 42.69 7.18
N GLN C 7 18.47 43.38 6.06
CA GLN C 7 17.15 43.94 5.81
C GLN C 7 16.12 42.89 5.43
N GLY C 8 16.56 41.68 5.08
CA GLY C 8 15.66 40.59 4.78
C GLY C 8 15.61 40.16 3.32
N GLN C 9 16.10 41.01 2.41
CA GLN C 9 16.06 40.66 0.99
C GLN C 9 17.23 39.76 0.62
N MET C 10 17.10 39.11 -0.53
CA MET C 10 18.12 38.18 -1.02
C MET C 10 18.62 38.64 -2.39
N VAL C 11 19.86 38.27 -2.69
CA VAL C 11 20.52 38.63 -3.95
C VAL C 11 21.51 37.51 -4.27
N HIS C 12 21.87 37.40 -5.55
CA HIS C 12 22.78 36.36 -5.98
C HIS C 12 24.12 36.45 -5.26
N GLN C 13 24.74 35.29 -5.05
CA GLN C 13 26.05 35.19 -4.44
C GLN C 13 26.86 34.14 -5.19
N ALA C 14 28.13 34.42 -5.42
CA ALA C 14 28.99 33.49 -6.13
C ALA C 14 29.10 32.18 -5.36
N ILE C 15 29.13 31.06 -6.11
CA ILE C 15 29.20 29.76 -5.48
C ILE C 15 30.55 29.58 -4.80
N SER C 16 30.54 29.07 -3.59
CA SER C 16 31.77 28.95 -2.82
C SER C 16 32.60 27.79 -3.36
N PRO C 17 33.92 27.97 -3.54
CA PRO C 17 34.76 26.84 -3.98
C PRO C 17 34.75 25.68 -3.01
N ARG C 18 34.52 25.94 -1.73
CA ARG C 18 35.59 24.33 -0.51
C ARG C 18 33.31 23.91 -1.03
N THR C 19 32.16 24.45 -1.44
CA THR C 19 31.02 23.59 -1.76
C THR C 19 31.34 22.68 -2.93
N LEU C 20 31.91 23.24 -4.00
CA LEU C 20 32.26 22.44 -5.16
C LEU C 20 33.30 21.38 -4.80
N ASN C 21 34.31 21.75 -4.02
CA ASN C 21 35.33 20.78 -3.63
C ASN C 21 34.73 19.65 -2.81
N ALA C 22 33.87 19.99 -1.84
CA ALA C 22 33.26 18.96 -1.01
C ALA C 22 32.37 18.04 -1.84
N TRP C 23 31.62 18.60 -2.79
CA TRP C 23 30.76 17.78 -3.63
C TRP C 23 31.57 16.84 -4.51
N VAL C 24 32.61 17.36 -5.16
CA VAL C 24 33.45 16.50 -5.99
C VAL C 24 34.12 15.42 -5.15
N LYS C 25 34.57 15.75 -3.95
CA LYS C 25 35.22 14.75 -3.11
C LYS C 25 34.23 13.68 -2.66
N VAL C 26 33.02 14.07 -2.26
CA VAL C 26 32.05 13.08 -1.80
C VAL C 26 31.56 12.24 -2.96
N VAL C 27 31.48 12.83 -4.15
CA VAL C 27 31.02 12.05 -5.32
C VAL C 27 32.06 10.98 -5.67
N GLU C 28 33.34 11.36 -5.73
CA GLU C 28 34.43 10.41 -6.07
C GLU C 28 34.71 9.41 -4.96
N GLU C 29 34.92 9.90 -3.72
CA GLU C 29 35.29 9.03 -2.58
C GLU C 29 34.18 8.01 -2.26
N LYS C 30 32.92 8.46 -2.22
CA LYS C 30 31.80 7.55 -1.89
C LYS C 30 31.15 7.00 -3.17
N ALA C 31 31.63 7.44 -4.34
CA ALA C 31 31.05 6.99 -5.63
C ALA C 31 29.54 7.24 -5.60
N PHE C 32 28.73 6.21 -5.91
CA PHE C 32 27.26 6.39 -5.82
C PHE C 32 26.71 5.44 -4.73
N SER C 33 26.09 6.04 -3.71
CA SER C 33 25.48 5.30 -2.57
C SER C 33 24.21 6.05 -2.13
N PRO C 34 23.22 5.40 -1.47
CA PRO C 34 21.99 6.11 -1.08
C PRO C 34 22.23 7.38 -0.31
N GLU C 35 23.40 7.55 0.32
CA GLU C 35 23.70 8.73 1.12
C GLU C 35 24.41 9.82 0.33
N VAL C 36 24.19 9.88 -0.98
CA VAL C 36 24.73 10.98 -1.78
C VAL C 36 23.61 11.96 -2.07
N ILE C 37 22.37 11.48 -2.06
CA ILE C 37 21.23 12.35 -2.29
C ILE C 37 21.01 13.32 -1.13
N PRO C 38 21.04 12.90 0.14
CA PRO C 38 20.93 13.91 1.21
C PRO C 38 22.07 14.91 1.20
N MET C 39 23.29 14.45 0.94
CA MET C 39 24.42 15.37 0.85
C MET C 39 24.24 16.37 -0.29
N PHE C 40 23.75 15.91 -1.44
CA PHE C 40 23.50 16.84 -2.54
C PHE C 40 22.41 17.83 -2.18
N SER C 41 21.32 17.37 -1.57
CA SER C 41 20.24 18.27 -1.21
C SER C 41 20.68 19.28 -0.14
N ALA C 42 21.66 18.91 0.69
CA ALA C 42 22.12 19.83 1.73
C ALA C 42 23.16 20.81 1.19
N LEU C 43 23.96 20.38 0.21
CA LEU C 43 25.03 21.23 -0.28
C LEU C 43 24.51 22.40 -1.10
N SER C 44 23.45 22.21 -1.88
CA SER C 44 22.99 23.18 -2.85
C SER C 44 21.61 23.73 -2.50
N GLU C 45 21.41 24.06 -1.23
CA GLU C 45 20.15 24.68 -0.82
C GLU C 45 20.07 26.11 -1.34
N GLY C 46 19.05 26.38 -2.16
CA GLY C 46 18.88 27.68 -2.74
C GLY C 46 19.75 27.97 -3.95
N ALA C 47 20.36 26.94 -4.54
CA ALA C 47 21.25 27.14 -5.67
C ALA C 47 20.45 27.38 -6.94
N THR C 48 20.95 28.28 -7.79
CA THR C 48 20.34 28.58 -9.07
C THR C 48 20.56 27.42 -10.04
N PRO C 49 19.76 27.33 -11.11
CA PRO C 49 19.99 26.28 -12.11
C PRO C 49 21.39 26.28 -12.69
N GLN C 50 22.02 27.46 -12.79
CA GLN C 50 23.42 27.51 -13.23
C GLN C 50 24.32 26.80 -12.23
N ASP C 51 24.08 26.97 -10.93
CA ASP C 51 24.88 26.31 -9.92
C ASP C 51 24.69 24.79 -9.96
N LEU C 52 23.47 24.33 -10.23
CA LEU C 52 23.25 22.89 -10.33
C LEU C 52 23.89 22.31 -11.59
N ASN C 53 23.81 23.04 -12.71
CA ASN C 53 24.53 22.59 -13.91
C ASN C 53 26.03 22.58 -13.67
N THR C 54 26.54 23.50 -12.85
CA THR C 54 27.94 23.46 -12.46
C THR C 54 28.25 22.21 -11.66
N MET C 55 27.48 21.96 -10.60
CA MET C 55 27.72 20.80 -9.75
C MET C 55 27.56 19.48 -10.49
N LEU C 56 26.80 19.47 -11.58
CA LEU C 56 26.67 18.25 -12.37
C LEU C 56 27.78 18.10 -13.40
N ASN C 57 28.13 19.18 -14.10
CA ASN C 57 29.20 19.11 -15.10
C ASN C 57 30.56 18.88 -14.46
N THR C 58 30.72 19.30 -13.20
CA THR C 58 32.00 19.19 -12.51
C THR C 58 32.34 17.76 -12.10
N VAL C 59 31.37 16.84 -12.18
CA VAL C 59 31.59 15.46 -11.76
C VAL C 59 32.35 14.72 -12.86
N GLY C 60 33.67 14.61 -12.70
CA GLY C 60 34.45 13.84 -13.63
C GLY C 60 34.32 12.36 -13.35
N GLY C 61 34.28 11.56 -14.42
CA GLY C 61 34.07 10.14 -14.30
C GLY C 61 32.61 9.78 -14.07
N HIS C 62 32.31 8.49 -14.22
CA HIS C 62 30.94 8.00 -14.15
C HIS C 62 30.04 8.75 -15.12
N GLN C 63 30.52 8.89 -16.36
CA GLN C 63 29.81 9.71 -17.34
C GLN C 63 28.50 9.06 -17.76
N ALA C 64 28.39 7.74 -17.63
CA ALA C 64 27.14 7.07 -17.95
C ALA C 64 26.03 7.50 -16.99
N ALA C 65 26.35 7.58 -15.70
CA ALA C 65 25.37 8.04 -14.72
C ALA C 65 24.96 9.48 -14.99
N MET C 66 25.93 10.33 -15.33
CA MET C 66 25.59 11.72 -15.65
C MET C 66 24.74 11.82 -16.90
N GLN C 67 24.96 10.94 -17.87
CA GLN C 67 24.11 10.94 -19.05
C GLN C 67 22.70 10.45 -18.73
N MET C 68 22.58 9.45 -17.84
CA MET C 68 21.27 9.04 -17.36
C MET C 68 20.55 10.22 -16.70
N LEU C 69 21.26 10.96 -15.86
CA LEU C 69 20.65 12.11 -15.20
C LEU C 69 20.23 13.17 -16.21
N LYS C 70 21.06 13.40 -17.24
CA LYS C 70 20.71 14.36 -18.27
C LYS C 70 19.46 13.92 -19.03
N GLU C 71 19.37 12.62 -19.35
CA GLU C 71 18.18 12.11 -20.04
C GLU C 71 16.93 12.25 -19.18
N THR C 72 17.05 11.95 -17.89
CA THR C 72 15.92 12.09 -16.98
C THR C 72 15.48 13.55 -16.88
N ILE C 73 16.44 14.47 -16.79
CA ILE C 73 16.12 15.89 -16.75
C ILE C 73 15.43 16.31 -18.06
N ASN C 74 15.93 15.75 -19.17
CA ASN C 74 15.38 16.06 -20.52
C ASN C 74 13.90 15.69 -20.58
N GLU C 75 13.56 14.46 -20.22
CA GLU C 75 12.17 13.95 -20.26
C GLU C 75 11.29 14.77 -19.30
N GLU C 76 11.81 15.09 -18.11
CA GLU C 76 11.04 15.87 -17.10
C GLU C 76 10.70 17.25 -17.66
N ALA C 77 11.65 17.88 -18.34
CA ALA C 77 11.43 19.25 -18.91
C ALA C 77 10.31 19.19 -19.96
N ALA C 78 10.30 18.14 -20.78
CA ALA C 78 9.27 17.99 -21.85
C ALA C 78 7.88 17.86 -21.21
N GLU C 79 7.78 17.10 -20.12
CA GLU C 79 6.48 16.87 -19.43
C GLU C 79 5.93 18.22 -18.90
N TRP C 80 6.81 19.06 -18.35
CA TRP C 80 6.39 20.37 -17.80
C TRP C 80 5.81 21.25 -18.91
N ASP C 81 6.45 21.25 -20.09
CA ASP C 81 5.96 22.06 -21.23
C ASP C 81 4.58 21.54 -21.67
N ARG C 82 4.41 20.22 -21.73
CA ARG C 82 3.13 19.60 -22.16
C ARG C 82 2.00 19.87 -21.15
N VAL C 83 2.27 19.75 -19.86
CA VAL C 83 1.22 19.90 -18.81
C VAL C 83 0.64 21.33 -18.77
N HIS C 84 1.45 22.37 -18.91
CA HIS C 84 0.91 23.75 -18.85
C HIS C 84 1.18 24.52 -20.15
N PRO C 85 0.15 25.02 -20.85
CA PRO C 85 0.32 25.78 -22.09
C PRO C 85 0.20 27.28 -21.81
N VAL C 86 1.13 28.08 -22.34
CA VAL C 86 1.08 29.52 -22.13
C VAL C 86 -0.24 30.10 -22.61
N HIS C 87 -0.79 31.03 -21.82
CA HIS C 87 -2.04 31.68 -22.17
C HIS C 87 -1.81 32.79 -23.19
N ALA C 88 -2.84 33.07 -23.97
CA ALA C 88 -2.80 34.13 -24.97
C ALA C 88 -3.61 35.33 -24.52
N GLY C 89 -3.52 36.41 -25.29
CA GLY C 89 -4.23 37.63 -25.00
C GLY C 89 -3.39 38.64 -24.25
N PRO C 90 -4.00 39.73 -23.80
CA PRO C 90 -3.25 40.76 -23.07
C PRO C 90 -2.81 40.26 -21.71
N ILE C 91 -1.64 40.70 -21.28
CA ILE C 91 -1.09 40.32 -19.99
C ILE C 91 -1.35 41.43 -18.98
N ALA C 92 -1.57 41.05 -17.73
CA ALA C 92 -1.86 42.02 -16.69
C ALA C 92 -0.67 42.97 -16.50
N PRO C 93 -0.90 44.21 -16.08
CA PRO C 93 0.22 45.15 -15.91
C PRO C 93 1.19 44.76 -14.81
N GLY C 94 0.69 44.19 -13.71
CA GLY C 94 1.54 43.80 -12.60
C GLY C 94 2.22 42.45 -12.76
N GLN C 95 2.01 41.76 -13.89
CA GLN C 95 2.58 40.46 -14.14
C GLN C 95 3.25 40.44 -15.51
N MET C 96 4.29 39.61 -15.59
CA MET C 96 5.12 39.33 -16.77
C MET C 96 5.24 37.80 -17.02
N ARG C 97 5.66 37.43 -18.23
CA ARG C 97 5.78 36.03 -18.69
C ARG C 97 6.78 35.03 -18.04
N GLU C 98 6.34 33.77 -17.97
CA GLU C 98 7.08 32.61 -17.39
C GLU C 98 8.11 31.84 -18.26
N PRO C 99 8.95 30.98 -17.54
CA PRO C 99 9.94 30.20 -18.33
C PRO C 99 9.41 28.90 -18.99
N ARG C 100 10.20 28.28 -19.86
CA ARG C 100 9.81 27.07 -20.57
C ARG C 100 10.44 25.85 -19.91
N GLY C 101 10.07 24.67 -20.42
CA GLY C 101 10.62 23.43 -19.88
C GLY C 101 12.12 23.38 -19.94
N SER C 102 12.72 23.81 -21.06
CA SER C 102 14.17 23.80 -21.18
C SER C 102 14.84 24.89 -20.37
N ASP C 103 14.17 26.02 -20.17
CA ASP C 103 14.74 27.11 -19.39
C ASP C 103 14.69 26.87 -17.88
N ILE C 104 13.83 25.97 -17.42
CA ILE C 104 13.87 25.55 -16.02
C ILE C 104 15.23 24.93 -15.71
N ALA C 105 15.80 24.19 -16.66
CA ALA C 105 17.12 23.61 -16.47
C ALA C 105 18.20 24.68 -16.47
N GLY C 106 17.91 25.86 -17.01
CA GLY C 106 18.91 26.89 -17.14
C GLY C 106 19.86 26.73 -18.30
N THR C 107 19.49 25.93 -19.30
CA THR C 107 20.38 25.67 -20.43
C THR C 107 20.42 26.85 -21.39
N THR C 108 19.32 27.58 -21.54
CA THR C 108 19.24 28.67 -22.50
C THR C 108 18.71 29.94 -21.84
N SER C 109 19.25 30.28 -20.67
CA SER C 109 18.87 31.50 -19.98
C SER C 109 20.05 31.98 -19.14
N THR C 110 20.19 33.30 -19.04
CA THR C 110 21.29 33.88 -18.28
C THR C 110 20.99 33.85 -16.79
N LEU C 111 22.02 34.13 -15.99
CA LEU C 111 21.89 34.07 -14.55
C LEU C 111 20.94 35.15 -14.01
N GLN C 112 20.95 36.34 -14.63
CA GLN C 112 20.09 37.42 -14.16
C GLN C 112 18.62 37.03 -14.28
N GLU C 113 18.25 36.31 -15.34
CA GLU C 113 16.88 35.85 -15.46
C GLU C 113 16.52 34.83 -14.38
N GLN C 114 17.45 33.95 -14.03
CA GLN C 114 17.21 33.02 -12.92
C GLN C 114 16.99 33.78 -11.62
N ILE C 115 17.80 34.80 -11.37
CA ILE C 115 17.66 35.57 -10.13
C ILE C 115 16.34 36.32 -10.11
N GLY C 116 15.94 36.87 -11.27
CA GLY C 116 14.65 37.54 -11.34
C GLY C 116 13.48 36.58 -11.14
N TRP C 117 13.62 35.36 -11.65
CA TRP C 117 12.57 34.36 -11.47
C TRP C 117 12.48 33.93 -10.01
N MET C 118 13.62 33.82 -9.32
CA MET C 118 13.64 33.34 -7.94
C MET C 118 13.23 34.40 -6.94
N THR C 119 13.47 35.68 -7.24
CA THR C 119 13.13 36.78 -6.33
C THR C 119 11.99 37.63 -6.87
N ASN C 120 11.14 37.07 -7.72
CA ASN C 120 9.99 37.79 -8.23
C ASN C 120 8.90 37.87 -7.17
N ASN C 121 7.84 38.61 -7.50
CA ASN C 121 6.68 38.71 -6.62
C ASN C 121 5.43 38.28 -7.38
N PRO C 122 4.89 37.08 -7.15
CA PRO C 122 5.41 36.09 -6.20
C PRO C 122 6.61 35.32 -6.74
N PRO C 123 7.47 34.80 -5.86
CA PRO C 123 8.66 34.09 -6.32
C PRO C 123 8.30 32.81 -7.05
N ILE C 124 9.13 32.46 -8.04
CA ILE C 124 8.97 31.25 -8.83
C ILE C 124 10.12 30.31 -8.47
N PRO C 125 9.83 29.12 -7.93
CA PRO C 125 10.90 28.22 -7.46
C PRO C 125 11.45 27.32 -8.58
N VAL C 126 12.22 27.93 -9.49
CA VAL C 126 12.87 27.14 -10.53
C VAL C 126 13.97 26.28 -9.94
N GLY C 127 14.69 26.80 -8.94
CA GLY C 127 15.76 26.04 -8.32
C GLY C 127 15.24 24.78 -7.65
N GLU C 128 14.12 24.89 -6.92
CA GLU C 128 13.55 23.73 -6.27
C GLU C 128 13.02 22.69 -7.26
N ILE C 129 12.43 23.13 -8.37
CA ILE C 129 11.96 22.20 -9.39
C ILE C 129 13.13 21.45 -10.01
N TYR C 130 14.18 22.17 -10.38
CA TYR C 130 15.34 21.50 -10.99
C TYR C 130 16.05 20.62 -9.98
N LYS C 131 16.04 21.00 -8.69
CA LYS C 131 16.59 20.14 -7.65
C LYS C 131 15.78 18.86 -7.49
N ARG C 132 14.44 18.95 -7.57
CA ARG C 132 13.62 17.76 -7.52
C ARG C 132 13.93 16.84 -8.70
N TRP C 133 14.07 17.43 -9.89
CA TRP C 133 14.42 16.61 -11.06
C TRP C 133 15.77 15.93 -10.88
N ILE C 134 16.76 16.66 -10.37
CA ILE C 134 18.09 16.08 -10.18
C ILE C 134 18.04 14.99 -9.11
N ILE C 135 17.21 15.18 -8.07
CA ILE C 135 17.10 14.16 -7.04
C ILE C 135 16.46 12.90 -7.60
N LEU C 136 15.46 13.05 -8.48
CA LEU C 136 14.88 11.88 -9.12
C LEU C 136 15.90 11.17 -10.01
N GLY C 137 16.69 11.94 -10.75
CA GLY C 137 17.74 11.34 -11.55
C GLY C 137 18.77 10.59 -10.72
N LEU C 138 19.15 11.17 -9.57
CA LEU C 138 20.10 10.52 -8.69
C LEU C 138 19.49 9.26 -8.06
N ASN C 139 18.18 9.27 -7.80
CA ASN C 139 17.52 8.06 -7.33
C ASN C 139 17.61 6.96 -8.38
N LYS C 140 17.35 7.30 -9.64
CA LYS C 140 17.49 6.31 -10.70
C LYS C 140 18.93 5.83 -10.84
N ILE C 141 19.89 6.73 -10.65
CA ILE C 141 21.30 6.34 -10.75
C ILE C 141 21.67 5.36 -9.64
N VAL C 142 21.29 5.67 -8.41
CA VAL C 142 21.61 4.77 -7.29
C VAL C 142 20.81 3.48 -7.40
N ARG C 143 19.67 3.51 -8.11
CA ARG C 143 18.97 2.27 -8.43
C ARG C 143 19.80 1.42 -9.38
N MET C 144 20.37 2.04 -10.42
CA MET C 144 21.19 1.29 -11.36
C MET C 144 22.45 0.73 -10.70
N TYR C 145 23.09 1.52 -9.84
CA TYR C 145 24.31 1.07 -9.17
C TYR C 145 24.06 0.05 -8.08
N SER C 146 22.84 -0.45 -7.93
CA SER C 146 22.58 -1.51 -6.96
C SER C 146 23.25 -2.79 -7.43
N PRO C 147 24.16 -3.37 -6.64
CA PRO C 147 24.90 -4.55 -7.13
C PRO C 147 24.03 -5.78 -7.31
N THR C 148 22.00 -6.07 -6.42
CA THR C 148 21.17 -7.26 -6.49
C THR C 148 19.70 -6.87 -6.29
N SER C 149 18.82 -7.80 -6.65
CA SER C 149 17.40 -7.60 -6.45
C SER C 149 17.01 -7.93 -5.02
N ILE C 150 15.76 -7.60 -4.68
CA ILE C 150 15.29 -7.80 -3.30
C ILE C 150 14.95 -9.26 -3.05
N LEU C 151 14.57 -10.01 -4.09
CA LEU C 151 14.12 -11.37 -3.89
C LEU C 151 15.28 -12.35 -3.74
N ASP C 152 16.44 -12.04 -4.32
CA ASP C 152 17.55 -12.97 -4.31
C ASP C 152 18.24 -13.08 -2.96
N ILE C 153 17.78 -12.33 -1.96
CA ILE C 153 18.45 -12.33 -0.67
C ILE C 153 18.18 -13.63 0.06
N ARG C 154 19.27 -14.36 0.38
CA ARG C 154 19.17 -15.57 1.19
C ARG C 154 20.41 -15.64 2.07
N GLN C 155 20.19 -15.63 3.38
CA GLN C 155 21.32 -15.61 4.31
C GLN C 155 22.06 -16.94 4.28
N GLY C 156 23.39 -16.86 4.27
CA GLY C 156 24.22 -18.03 4.29
C GLY C 156 24.21 -18.71 5.64
N PRO C 157 24.67 -19.96 5.69
CA PRO C 157 24.69 -20.69 6.96
C PRO C 157 25.58 -20.06 8.01
N LYS C 158 26.63 -19.34 7.60
CA LYS C 158 27.56 -18.72 8.52
C LYS C 158 27.44 -17.21 8.59
N GLU C 159 26.90 -16.56 7.55
CA GLU C 159 26.75 -15.12 7.53
C GLU C 159 25.85 -14.68 8.68
N PRO C 160 26.33 -13.84 9.59
CA PRO C 160 25.52 -13.47 10.76
C PRO C 160 24.25 -12.75 10.37
N PHE C 161 23.26 -12.80 11.27
CA PHE C 161 21.99 -12.15 11.02
C PHE C 161 22.15 -10.64 10.86
N ARG C 162 23.14 -10.05 11.55
CA ARG C 162 23.37 -8.62 11.43
C ARG C 162 23.77 -8.24 10.01
N ASP C 163 24.72 -8.96 9.43
CA ASP C 163 25.13 -8.69 8.06
C ASP C 163 24.00 -8.94 7.08
N TYR C 164 23.20 -9.99 7.32
CA TYR C 164 22.06 -10.28 6.45
C TYR C 164 21.06 -9.14 6.44
N VAL C 165 20.67 -8.67 7.63
CA VAL C 165 19.68 -7.60 7.70
C VAL C 165 20.27 -6.28 7.20
N ASP C 166 21.58 -6.08 7.38
CA ASP C 166 22.21 -4.89 6.82
C ASP C 166 22.14 -4.90 5.29
N ARG C 167 22.53 -6.01 4.67
CA ARG C 167 22.45 -6.11 3.22
C ARG C 167 21.01 -5.96 2.73
N PHE C 168 20.07 -6.61 3.43
CA PHE C 168 18.66 -6.53 3.08
C PHE C 168 18.18 -5.08 3.07
N TYR C 169 18.37 -4.37 4.17
CA TYR C 169 17.88 -2.99 4.24
C TYR C 169 18.65 -2.07 3.32
N LYS C 170 19.92 -2.37 3.02
CA LYS C 170 20.66 -1.58 2.05
C LYS C 170 20.02 -1.68 0.67
N THR C 171 19.84 -2.90 0.17
CA THR C 171 19.23 -3.05 -1.16
C THR C 171 17.75 -2.72 -1.13
N LEU C 172 17.13 -2.64 0.04
CA LEU C 172 15.74 -2.22 0.13
C LEU C 172 15.61 -0.71 0.01
N ARG C 173 16.48 0.04 0.70
CA ARG C 173 16.52 1.48 0.51
C ARG C 173 16.99 1.84 -0.90
N ALA C 174 17.81 0.98 -1.50
CA ALA C 174 18.21 1.18 -2.89
C ALA C 174 17.14 0.74 -3.89
N GLU C 175 16.09 0.05 -3.43
CA GLU C 175 15.03 -0.38 -4.32
C GLU C 175 14.04 0.75 -4.59
N GLN C 176 13.40 1.26 -3.55
CA GLN C 176 12.50 2.41 -3.64
C GLN C 176 11.37 2.17 -4.65
N ALA C 177 10.89 0.93 -4.73
CA ALA C 177 9.73 0.66 -5.57
C ALA C 177 8.49 1.35 -5.03
N SER C 178 8.28 1.30 -3.71
CA SER C 178 7.18 1.99 -3.06
C SER C 178 7.42 2.04 -1.55
N GLN C 179 6.43 2.48 -0.79
CA GLN C 179 6.55 2.56 0.65
C GLN C 179 5.73 1.51 1.38
N GLU C 180 4.50 1.24 0.93
CA GLU C 180 3.70 0.19 1.54
C GLU C 180 4.18 -1.20 1.11
N VAL C 181 4.63 -1.32 -0.14
CA VAL C 181 5.24 -2.57 -0.57
C VAL C 181 6.51 -2.84 0.23
N LYS C 182 7.25 -1.78 0.58
CA LYS C 182 8.38 -1.93 1.48
C LYS C 182 7.93 -2.44 2.84
N ASN C 183 6.78 -1.93 3.33
CA ASN C 183 6.27 -2.38 4.62
C ASN C 183 5.85 -3.84 4.58
N TRP C 184 5.33 -4.31 3.45
CA TRP C 184 4.98 -5.73 3.33
C TRP C 184 6.24 -6.59 3.19
N MET C 185 7.23 -6.09 2.47
CA MET C 185 8.47 -6.84 2.30
C MET C 185 9.20 -7.03 3.63
N THR C 186 9.28 -5.97 4.44
CA THR C 186 9.99 -6.09 5.71
C THR C 186 9.29 -7.04 6.66
N GLU C 187 8.01 -7.32 6.43
CA GLU C 187 7.34 -8.35 7.23
C GLU C 187 7.58 -9.74 6.66
N THR C 188 7.46 -9.92 5.35
CA THR C 188 7.52 -11.27 4.77
C THR C 188 8.93 -11.71 4.40
N LEU C 189 9.62 -10.97 3.53
CA LEU C 189 10.93 -11.42 3.06
C LEU C 189 11.97 -11.42 4.17
N LEU C 190 11.82 -10.58 5.19
CA LEU C 190 12.78 -10.56 6.29
C LEU C 190 12.69 -11.84 7.12
N VAL C 191 11.47 -12.32 7.35
CA VAL C 191 11.30 -13.53 8.15
C VAL C 191 11.44 -14.80 7.30
N GLN C 192 11.33 -14.68 5.98
CA GLN C 192 11.26 -15.89 5.16
C GLN C 192 12.64 -16.44 4.81
N ASN C 193 13.71 -15.64 4.99
CA ASN C 193 15.04 -16.01 4.51
C ASN C 193 16.07 -16.14 5.63
N ALA C 194 15.68 -16.65 6.80
CA ALA C 194 16.63 -16.79 7.89
C ALA C 194 17.23 -18.20 7.91
N ASN C 195 18.32 -18.33 8.65
CA ASN C 195 18.95 -19.65 8.82
C ASN C 195 18.10 -20.51 9.75
N PRO C 196 17.98 -21.81 9.45
CA PRO C 196 16.93 -22.64 10.08
C PRO C 196 16.85 -22.52 11.61
N ASP C 197 17.99 -22.58 12.30
CA ASP C 197 17.99 -22.47 13.76
C ASP C 197 17.44 -21.11 14.19
N CYS C 198 18.11 -20.03 13.81
CA CYS C 198 17.59 -18.72 14.12
C CYS C 198 16.26 -18.46 13.43
N LYS C 199 15.99 -19.12 12.31
CA LYS C 199 14.68 -19.01 11.68
C LYS C 199 13.57 -19.43 12.63
N THR C 200 13.70 -20.63 13.22
CA THR C 200 12.65 -21.07 14.14
C THR C 200 12.70 -20.31 15.46
N ILE C 201 13.86 -19.76 15.84
CA ILE C 201 13.87 -18.87 17.00
C ILE C 201 13.02 -17.63 16.73
N LEU C 202 13.09 -17.09 15.51
CA LEU C 202 12.23 -15.96 15.17
C LEU C 202 10.77 -16.38 15.06
N LYS C 203 10.50 -17.56 14.51
CA LYS C 203 9.14 -18.07 14.46
C LYS C 203 8.56 -18.31 15.84
N ALA C 204 9.42 -18.50 16.86
CA ALA C 204 8.92 -18.67 18.22
C ALA C 204 8.22 -17.42 18.73
N LEU C 205 8.55 -16.25 18.19
CA LEU C 205 7.96 -14.99 18.62
C LEU C 205 6.76 -14.57 17.78
N GLY C 206 6.46 -15.29 16.71
CA GLY C 206 5.30 -14.99 15.89
C GLY C 206 5.48 -13.75 15.04
N PRO C 207 4.48 -13.43 14.22
CA PRO C 207 4.60 -12.25 13.36
C PRO C 207 4.55 -10.93 14.12
N ALA C 208 4.04 -10.95 15.36
CA ALA C 208 3.99 -9.73 16.16
C ALA C 208 5.37 -9.27 16.62
N ALA C 209 6.41 -10.06 16.35
CA ALA C 209 7.74 -9.71 16.81
C ALA C 209 8.27 -8.46 16.11
N THR C 210 8.93 -7.60 16.87
CA THR C 210 9.59 -6.42 16.34
C THR C 210 11.05 -6.73 16.04
N LEU C 211 11.72 -5.77 15.40
CA LEU C 211 13.09 -6.00 14.95
C LEU C 211 14.07 -6.15 16.11
N GLU C 212 13.88 -5.38 17.19
CA GLU C 212 14.80 -5.44 18.32
C GLU C 212 14.85 -6.85 18.92
N GLU C 213 13.69 -7.38 19.31
CA GLU C 213 13.65 -8.75 19.81
C GLU C 213 14.02 -9.75 18.73
N MET C 214 13.71 -9.43 17.47
CA MET C 214 14.10 -10.27 16.35
C MET C 214 15.60 -10.49 16.32
N MET C 215 16.39 -9.44 16.60
CA MET C 215 17.85 -9.58 16.54
C MET C 215 18.42 -10.10 17.85
N THR C 216 17.88 -9.65 18.99
CA THR C 216 18.43 -10.15 20.25
C THR C 216 18.08 -11.62 20.48
N ALA C 217 17.11 -12.15 19.72
CA ALA C 217 16.85 -13.59 19.76
C ALA C 217 18.04 -14.35 19.19
N CYS C 218 18.40 -14.05 17.94
CA CYS C 218 19.57 -14.65 17.30
C CYS C 218 20.89 -14.15 17.88
N GLN C 219 20.85 -13.12 18.74
CA GLN C 219 22.07 -12.62 19.35
C GLN C 219 22.55 -13.56 20.45
N GLY C 220 23.87 -13.70 20.55
CA GLY C 220 24.47 -14.54 21.56
C GLY C 220 24.17 -16.01 21.38
N PRO D 1 37.91 37.95 -8.07
CA PRO D 1 36.71 38.15 -8.89
C PRO D 1 36.06 39.51 -8.65
N ILE D 2 34.82 39.65 -9.11
CA ILE D 2 34.05 40.88 -8.87
C ILE D 2 32.82 40.56 -8.05
N VAL D 3 32.94 40.68 -6.73
CA VAL D 3 31.81 40.38 -5.86
C VAL D 3 30.84 41.56 -5.86
N GLN D 4 29.55 41.25 -5.96
CA GLN D 4 28.50 42.27 -5.95
C GLN D 4 28.07 42.49 -4.50
N ASN D 5 28.39 43.67 -3.98
CA ASN D 5 28.01 43.99 -2.61
C ASN D 5 26.49 44.03 -2.48
N ILE D 6 26.01 43.59 -1.32
CA ILE D 6 24.57 43.56 -1.07
C ILE D 6 24.06 44.98 -0.94
N GLN D 7 23.22 45.39 -1.89
CA GLN D 7 22.74 46.77 -1.98
C GLN D 7 23.92 47.74 -2.01
N GLY D 8 24.66 47.67 -3.10
CA GLY D 8 25.85 48.50 -3.24
C GLY D 8 26.52 48.25 -4.57
N GLN D 9 27.65 48.90 -4.75
CA GLN D 9 28.43 48.75 -5.99
C GLN D 9 29.12 47.40 -6.02
N MET D 10 29.36 46.89 -7.23
CA MET D 10 30.08 45.64 -7.42
C MET D 10 31.56 45.88 -7.17
N VAL D 11 31.98 45.75 -5.92
CA VAL D 11 33.34 46.05 -5.52
C VAL D 11 34.27 44.96 -6.03
N HIS D 12 35.45 45.37 -6.51
CA HIS D 12 36.46 44.41 -6.94
C HIS D 12 37.12 43.77 -5.72
N GLN D 13 37.51 42.51 -5.89
CA GLN D 13 38.12 41.76 -4.80
C GLN D 13 39.17 40.83 -5.39
N ALA D 14 40.38 40.87 -4.82
CA ALA D 14 41.45 40.00 -5.29
C ALA D 14 41.09 38.54 -5.06
N ILE D 15 41.61 37.68 -5.94
CA ILE D 15 41.32 36.24 -5.83
C ILE D 15 41.86 35.71 -4.52
N SER D 16 41.01 35.03 -3.76
CA SER D 16 41.41 34.47 -2.49
C SER D 16 42.45 33.38 -2.70
N PRO D 17 43.37 33.20 -1.75
CA PRO D 17 44.35 32.12 -1.90
C PRO D 17 43.73 30.74 -1.95
N ARG D 18 42.52 30.57 -1.41
CA ARG D 18 41.86 29.26 -1.43
C ARG D 18 41.54 28.84 -2.86
N THR D 19 41.10 29.78 -3.69
CA THR D 19 40.78 29.47 -5.08
C THR D 19 42.01 28.95 -5.82
N LEU D 20 43.12 29.68 -5.72
CA LEU D 20 44.34 29.25 -6.39
C LEU D 20 44.88 27.95 -5.82
N ASN D 21 44.76 27.74 -4.51
CA ASN D 21 45.23 26.49 -3.92
C ASN D 21 44.42 25.31 -4.44
N ALA D 22 43.09 25.44 -4.48
CA ALA D 22 42.25 24.39 -5.04
C ALA D 22 42.56 24.16 -6.51
N TRP D 23 42.81 25.23 -7.26
CA TRP D 23 43.11 25.08 -8.69
C TRP D 23 44.41 24.33 -8.92
N VAL D 24 45.47 24.72 -8.20
CA VAL D 24 46.74 24.02 -8.38
C VAL D 24 46.63 22.59 -7.88
N LYS D 25 45.85 22.35 -6.81
CA LYS D 25 45.68 20.98 -6.31
C LYS D 25 44.99 20.10 -7.35
N VAL D 26 43.91 20.61 -7.97
CA VAL D 26 43.19 19.78 -8.93
C VAL D 26 44.03 19.57 -10.18
N VAL D 27 44.75 20.59 -10.63
CA VAL D 27 45.53 20.44 -11.84
C VAL D 27 46.76 19.56 -11.59
N GLU D 28 47.16 19.42 -10.32
CA GLU D 28 48.28 18.55 -10.00
C GLU D 28 47.83 17.11 -9.82
N GLU D 29 46.80 16.91 -9.00
CA GLU D 29 46.25 15.56 -8.66
C GLU D 29 45.50 14.89 -9.82
N LYS D 30 44.64 15.63 -10.53
CA LYS D 30 43.76 15.04 -11.57
C LYS D 30 44.29 15.22 -13.00
N ALA D 31 45.50 15.77 -13.19
CA ALA D 31 46.04 15.98 -14.55
C ALA D 31 45.04 16.78 -15.38
N PHE D 32 44.63 16.28 -16.55
CA PHE D 32 43.67 17.03 -17.40
C PHE D 32 42.48 16.17 -17.81
N SER D 33 41.57 15.91 -16.86
CA SER D 33 40.33 15.14 -17.10
C SER D 33 39.28 16.05 -17.76
N PRO D 34 38.21 15.51 -18.37
CA PRO D 34 37.20 16.33 -19.03
C PRO D 34 36.50 17.26 -18.03
N GLU D 35 36.27 16.77 -16.80
CA GLU D 35 35.58 17.51 -15.72
C GLU D 35 36.39 18.72 -15.22
N VAL D 36 37.71 18.76 -15.42
CA VAL D 36 38.51 19.91 -14.91
C VAL D 36 37.96 21.19 -15.54
N ILE D 37 37.65 21.15 -16.84
CA ILE D 37 37.05 22.33 -17.46
C ILE D 37 35.82 22.82 -16.70
N PRO D 38 34.87 21.96 -16.30
CA PRO D 38 33.77 22.47 -15.47
C PRO D 38 34.23 23.03 -14.14
N MET D 39 35.20 22.39 -13.48
CA MET D 39 35.69 22.90 -12.21
C MET D 39 36.43 24.22 -12.39
N PHE D 40 37.15 24.37 -13.51
CA PHE D 40 37.81 25.64 -13.80
C PHE D 40 36.77 26.74 -14.02
N SER D 41 35.73 26.45 -14.81
CA SER D 41 34.67 27.43 -15.01
C SER D 41 33.90 27.71 -13.72
N ALA D 42 33.92 26.80 -12.77
CA ALA D 42 33.25 27.01 -11.49
C ALA D 42 34.06 27.90 -10.57
N LEU D 43 35.35 27.60 -10.41
CA LEU D 43 36.19 28.37 -9.49
C LEU D 43 36.31 29.82 -9.95
N SER D 44 36.49 30.04 -11.24
CA SER D 44 36.65 31.39 -11.80
C SER D 44 35.31 31.85 -12.35
N GLU D 45 34.58 32.63 -11.54
CA GLU D 45 33.31 33.21 -11.94
C GLU D 45 33.37 34.73 -11.76
N GLY D 46 33.06 35.44 -12.83
CA GLY D 46 33.14 36.89 -12.81
C GLY D 46 34.52 37.42 -12.53
N ALA D 47 35.56 36.75 -13.02
CA ALA D 47 36.94 37.10 -12.73
C ALA D 47 37.52 37.94 -13.86
N THR D 48 38.36 38.90 -13.51
CA THR D 48 39.02 39.74 -14.50
C THR D 48 40.04 38.91 -15.27
N PRO D 49 40.42 39.35 -16.48
CA PRO D 49 41.48 38.64 -17.21
C PRO D 49 42.78 38.54 -16.42
N GLN D 50 43.05 39.49 -15.52
CA GLN D 50 44.21 39.35 -14.65
C GLN D 50 44.07 38.13 -13.75
N ASP D 51 42.86 37.89 -13.22
CA ASP D 51 42.64 36.71 -12.39
C ASP D 51 42.86 35.43 -13.19
N LEU D 52 42.39 35.39 -14.44
CA LEU D 52 42.55 34.20 -15.26
C LEU D 52 44.01 33.97 -15.65
N ASN D 53 44.75 35.06 -15.93
CA ASN D 53 46.18 34.91 -16.19
C ASN D 53 46.91 34.42 -14.95
N THR D 54 46.52 34.87 -13.76
CA THR D 54 47.12 34.37 -12.54
C THR D 54 46.79 32.90 -12.32
N MET D 55 45.56 32.50 -12.61
CA MET D 55 45.17 31.11 -12.46
C MET D 55 45.88 30.20 -13.47
N LEU D 56 46.20 30.72 -14.66
CA LEU D 56 46.91 29.92 -15.64
C LEU D 56 48.41 29.86 -15.39
N ASN D 57 49.00 30.96 -14.92
CA ASN D 57 50.45 30.97 -14.70
C ASN D 57 50.83 30.11 -13.50
N THR D 58 49.92 29.96 -12.53
CA THR D 58 50.24 29.18 -11.34
C THR D 58 50.37 27.70 -11.64
N VAL D 59 49.89 27.27 -12.81
CA VAL D 59 49.99 25.86 -13.18
C VAL D 59 51.46 25.47 -13.31
N GLY D 60 51.85 24.42 -12.61
CA GLY D 60 53.22 23.93 -12.66
C GLY D 60 53.36 22.64 -13.43
N GLY D 61 54.23 22.64 -14.46
CA GLY D 61 54.45 21.46 -15.31
C GLY D 61 53.51 21.44 -16.51
N HIS D 62 53.59 20.39 -17.34
CA HIS D 62 52.71 20.28 -18.55
C HIS D 62 52.83 21.57 -19.37
N GLN D 63 54.07 22.02 -19.60
CA GLN D 63 54.30 23.30 -20.26
C GLN D 63 53.91 23.27 -21.73
N ALA D 64 53.89 22.08 -22.33
CA ALA D 64 53.42 21.96 -23.71
C ALA D 64 51.94 22.34 -23.80
N ALA D 65 51.14 21.88 -22.84
CA ALA D 65 49.73 22.24 -22.82
C ALA D 65 49.54 23.73 -22.61
N MET D 66 50.36 24.33 -21.74
CA MET D 66 50.27 25.78 -21.54
C MET D 66 50.66 26.55 -22.79
N GLN D 67 51.67 26.07 -23.52
CA GLN D 67 52.05 26.74 -24.76
C GLN D 67 50.96 26.60 -25.82
N MET D 68 50.31 25.43 -25.90
CA MET D 68 49.19 25.26 -26.82
C MET D 68 48.03 26.18 -26.44
N LEU D 69 47.76 26.32 -25.14
CA LEU D 69 46.69 27.21 -24.71
C LEU D 69 47.02 28.66 -25.05
N LYS D 70 48.27 29.08 -24.87
CA LYS D 70 48.65 30.44 -25.24
C LYS D 70 48.57 30.65 -26.73
N GLU D 71 48.92 29.63 -27.53
CA GLU D 71 48.79 29.74 -28.97
C GLU D 71 47.33 29.85 -29.39
N THR D 72 46.44 29.11 -28.73
CA THR D 72 45.02 29.21 -29.03
C THR D 72 44.48 30.59 -28.66
N ILE D 73 44.90 31.12 -27.51
CA ILE D 73 44.50 32.47 -27.13
C ILE D 73 45.01 33.48 -28.15
N ASN D 74 46.23 33.30 -28.65
CA ASN D 74 46.76 34.22 -29.65
C ASN D 74 45.97 34.13 -30.96
N GLU D 75 45.61 32.92 -31.38
CA GLU D 75 44.81 32.78 -32.59
C GLU D 75 43.44 33.43 -32.44
N GLU D 76 42.79 33.23 -31.30
CA GLU D 76 41.50 33.86 -31.07
C GLU D 76 41.61 35.37 -31.03
N ALA D 77 42.68 35.90 -30.44
CA ALA D 77 42.89 37.34 -30.41
C ALA D 77 43.13 37.89 -31.81
N ALA D 78 43.90 37.17 -32.63
CA ALA D 78 44.12 37.59 -34.00
C ALA D 78 42.82 37.60 -34.79
N GLU D 79 41.99 36.58 -34.62
CA GLU D 79 40.70 36.55 -35.30
C GLU D 79 39.82 37.71 -34.86
N TRP D 80 39.77 37.96 -33.54
CA TRP D 80 38.96 39.07 -33.02
C TRP D 80 39.43 40.40 -33.57
N ASP D 81 40.75 40.61 -33.64
CA ASP D 81 41.28 41.86 -34.15
C ASP D 81 41.08 41.99 -35.66
N ARG D 82 41.01 40.86 -36.37
CA ARG D 82 40.78 40.91 -37.81
C ARG D 82 39.33 41.25 -38.13
N VAL D 83 38.39 40.60 -37.45
CA VAL D 83 36.97 40.81 -37.74
C VAL D 83 36.37 41.97 -36.97
N HIS D 84 37.17 42.75 -36.26
CA HIS D 84 36.69 43.92 -35.54
C HIS D 84 37.68 45.07 -35.70
N PRO D 85 37.29 46.15 -36.40
CA PRO D 85 38.20 47.29 -36.52
C PRO D 85 38.38 47.99 -35.19
N VAL D 86 39.57 48.56 -34.98
CA VAL D 86 39.92 49.25 -33.74
C VAL D 86 39.98 50.75 -34.03
N HIS D 87 39.17 51.52 -33.32
CA HIS D 87 39.17 52.96 -33.47
C HIS D 87 40.31 53.59 -32.67
N ALA D 88 40.70 54.81 -33.07
CA ALA D 88 41.78 55.53 -32.43
C ALA D 88 41.44 57.01 -32.38
N GLY D 89 42.42 57.82 -32.01
CA GLY D 89 42.24 59.25 -31.92
C GLY D 89 41.71 59.68 -30.58
N PRO D 90 41.30 60.93 -30.47
CA PRO D 90 40.73 61.42 -29.20
C PRO D 90 39.41 60.72 -28.90
N ILE D 91 39.27 60.32 -27.64
CA ILE D 91 38.10 59.58 -27.17
C ILE D 91 37.34 60.44 -26.18
N ALA D 92 36.02 60.44 -26.31
CA ALA D 92 35.19 61.25 -25.44
C ALA D 92 35.31 60.76 -24.00
N PRO D 93 35.29 61.66 -23.00
CA PRO D 93 35.41 61.22 -21.61
C PRO D 93 34.21 60.43 -21.17
N GLY D 94 34.41 59.58 -20.16
CA GLY D 94 33.36 58.73 -19.64
C GLY D 94 33.04 57.54 -20.49
N GLN D 95 33.76 57.34 -21.61
CA GLN D 95 33.53 56.22 -22.51
C GLN D 95 34.89 55.59 -22.83
N MET D 96 35.08 54.33 -22.45
CA MET D 96 36.34 53.66 -22.72
C MET D 96 36.51 53.39 -24.21
N ARG D 97 37.75 53.19 -24.62
CA ARG D 97 38.06 52.98 -26.03
C ARG D 97 37.70 51.56 -26.46
N GLU D 98 37.97 51.28 -27.73
CA GLU D 98 37.66 49.96 -28.29
C GLU D 98 38.62 48.92 -27.75
N PRO D 99 38.14 47.84 -27.15
CA PRO D 99 39.04 46.80 -26.61
C PRO D 99 39.68 46.01 -27.74
N ARG D 100 41.00 45.95 -27.73
CA ARG D 100 41.75 45.21 -28.74
C ARG D 100 41.86 43.75 -28.35
N GLY D 101 42.14 42.91 -29.35
CA GLY D 101 42.31 41.48 -29.08
C GLY D 101 43.46 41.20 -28.12
N SER D 102 44.63 41.77 -28.38
CA SER D 102 45.72 41.66 -27.42
C SER D 102 45.38 42.34 -26.11
N ASP D 103 44.43 43.28 -26.14
CA ASP D 103 43.97 43.92 -24.91
C ASP D 103 42.87 43.10 -24.25
N ILE D 104 41.96 42.52 -25.03
CA ILE D 104 40.93 41.66 -24.46
C ILE D 104 41.57 40.41 -23.86
N ALA D 105 42.78 40.06 -24.30
CA ALA D 105 43.52 38.97 -23.67
C ALA D 105 44.13 39.39 -22.33
N GLY D 106 44.21 40.70 -22.07
CA GLY D 106 44.79 41.17 -20.82
C GLY D 106 46.30 41.22 -20.80
N THR D 107 46.96 40.96 -21.92
CA THR D 107 48.42 40.98 -21.95
C THR D 107 48.99 42.37 -22.19
N THR D 108 48.16 43.32 -22.62
CA THR D 108 48.63 44.68 -22.92
C THR D 108 47.72 45.71 -22.24
N SER D 109 47.42 45.48 -20.96
CA SER D 109 46.58 46.39 -20.20
C SER D 109 46.77 46.11 -18.72
N THR D 110 46.18 46.98 -17.89
CA THR D 110 46.18 46.82 -16.46
C THR D 110 44.79 46.44 -15.97
N LEU D 111 44.65 46.30 -14.65
CA LEU D 111 43.35 45.93 -14.07
C LEU D 111 42.31 47.04 -14.24
N GLN D 112 42.74 48.30 -14.35
CA GLN D 112 41.79 49.39 -14.41
C GLN D 112 40.96 49.35 -15.68
N GLU D 113 41.60 49.08 -16.82
CA GLU D 113 40.86 49.00 -18.09
C GLU D 113 39.87 47.85 -18.07
N GLN D 114 40.25 46.70 -17.50
CA GLN D 114 39.33 45.57 -17.43
C GLN D 114 38.15 45.89 -16.53
N ILE D 115 38.40 46.49 -15.37
CA ILE D 115 37.31 46.85 -14.47
C ILE D 115 36.39 47.88 -15.12
N GLY D 116 36.96 48.82 -15.87
CA GLY D 116 36.13 49.79 -16.57
C GLY D 116 35.28 49.16 -17.66
N TRP D 117 35.85 48.21 -18.40
CA TRP D 117 35.09 47.53 -19.44
C TRP D 117 34.01 46.61 -18.87
N MET D 118 34.22 46.08 -17.66
CA MET D 118 33.22 45.25 -17.00
C MET D 118 32.26 46.06 -16.14
N THR D 119 32.32 47.39 -16.18
CA THR D 119 31.39 48.23 -15.48
C THR D 119 30.73 49.28 -16.36
N ASN D 120 31.02 49.29 -17.66
CA ASN D 120 30.46 50.27 -18.56
C ASN D 120 28.97 50.01 -18.77
N ASN D 121 28.30 51.01 -19.36
CA ASN D 121 26.87 50.89 -19.68
C ASN D 121 26.67 51.19 -21.15
N PRO D 122 26.31 50.19 -21.98
CA PRO D 122 26.10 48.79 -21.61
C PRO D 122 27.39 48.04 -21.32
N PRO D 123 27.31 47.00 -20.48
CA PRO D 123 28.53 46.27 -20.12
C PRO D 123 29.13 45.54 -21.31
N ILE D 124 30.46 45.54 -21.36
CA ILE D 124 31.22 44.78 -22.35
C ILE D 124 32.03 43.73 -21.62
N PRO D 125 31.56 42.48 -21.56
CA PRO D 125 32.20 41.47 -20.72
C PRO D 125 33.48 40.93 -21.35
N VAL D 126 34.63 41.30 -20.78
CA VAL D 126 35.89 40.75 -21.22
C VAL D 126 36.13 39.38 -20.59
N GLY D 127 35.64 39.18 -19.38
CA GLY D 127 35.85 37.92 -18.69
C GLY D 127 35.19 36.76 -19.41
N GLU D 128 33.96 36.95 -19.88
CA GLU D 128 33.22 35.88 -20.52
C GLU D 128 33.76 35.54 -21.91
N ILE D 129 34.61 36.38 -22.48
CA ILE D 129 35.26 36.06 -23.75
C ILE D 129 36.63 35.42 -23.51
N TYR D 130 37.40 35.96 -22.57
CA TYR D 130 38.69 35.37 -22.28
C TYR D 130 38.53 33.97 -21.66
N LYS D 131 37.49 33.77 -20.85
CA LYS D 131 37.19 32.44 -20.33
C LYS D 131 36.74 31.51 -21.45
N ARG D 132 36.00 32.02 -22.43
CA ARG D 132 35.61 31.20 -23.57
C ARG D 132 36.84 30.73 -24.34
N TRP D 133 37.81 31.63 -24.53
CA TRP D 133 39.04 31.25 -25.21
C TRP D 133 39.83 30.22 -24.41
N ILE D 134 39.93 30.43 -23.10
CA ILE D 134 40.62 29.46 -22.25
C ILE D 134 39.92 28.11 -22.29
N ILE D 135 38.59 28.11 -22.37
CA ILE D 135 37.85 26.85 -22.43
C ILE D 135 38.09 26.15 -23.77
N LEU D 136 38.14 26.91 -24.87
CA LEU D 136 38.52 26.30 -26.14
C LEU D 136 39.90 25.68 -26.08
N GLY D 137 40.86 26.38 -25.48
CA GLY D 137 42.20 25.82 -25.33
C GLY D 137 42.22 24.57 -24.48
N LEU D 138 41.53 24.60 -23.35
CA LEU D 138 41.48 23.42 -22.48
C LEU D 138 40.77 22.26 -23.15
N ASN D 139 39.79 22.55 -24.01
CA ASN D 139 39.15 21.50 -24.78
C ASN D 139 40.12 20.86 -25.75
N LYS D 140 40.91 21.67 -26.46
CA LYS D 140 41.96 21.13 -27.32
C LYS D 140 42.92 20.27 -26.52
N ILE D 141 43.29 20.73 -25.32
CA ILE D 141 44.25 19.99 -24.50
C ILE D 141 43.68 18.65 -24.09
N VAL D 142 42.44 18.63 -23.59
CA VAL D 142 41.85 17.37 -23.13
C VAL D 142 41.57 16.44 -24.30
N ARG D 143 41.32 16.98 -25.49
CA ARG D 143 41.21 16.13 -26.67
C ARG D 143 42.54 15.50 -27.00
N MET D 144 43.62 16.29 -26.92
CA MET D 144 45.00 15.82 -27.20
C MET D 144 45.39 14.76 -26.17
N TYR D 145 45.02 14.98 -24.90
CA TYR D 145 45.37 14.08 -23.77
C TYR D 145 44.66 12.72 -23.86
N SER D 146 43.52 12.63 -24.55
CA SER D 146 42.79 11.33 -24.60
C SER D 146 43.72 10.24 -25.14
N PRO D 147 43.85 9.09 -24.45
CA PRO D 147 44.77 8.02 -24.87
C PRO D 147 44.24 7.20 -26.03
N THR D 148 42.95 6.89 -26.05
CA THR D 148 42.35 6.07 -27.09
C THR D 148 41.24 6.84 -27.79
N SER D 149 40.99 6.48 -29.04
CA SER D 149 39.94 7.12 -29.81
C SER D 149 38.58 6.52 -29.48
N ILE D 150 37.53 7.15 -30.00
CA ILE D 150 36.17 6.69 -29.75
C ILE D 150 35.80 5.54 -30.68
N LEU D 151 36.34 5.54 -31.90
CA LEU D 151 35.98 4.52 -32.86
C LEU D 151 36.64 3.17 -32.56
N ASP D 152 37.62 3.14 -31.68
CA ASP D 152 38.40 1.93 -31.41
C ASP D 152 38.12 1.33 -30.04
N ILE D 153 36.91 1.53 -29.51
CA ILE D 153 36.55 0.95 -28.22
C ILE D 153 35.83 -0.37 -28.45
N ARG D 154 36.34 -1.43 -27.81
CA ARG D 154 35.76 -2.75 -27.91
C ARG D 154 35.66 -3.36 -26.52
N GLN D 155 34.49 -3.94 -26.22
CA GLN D 155 34.28 -4.55 -24.92
C GLN D 155 35.00 -5.88 -24.81
N GLY D 156 35.61 -6.13 -23.65
CA GLY D 156 36.29 -7.37 -23.39
C GLY D 156 35.31 -8.50 -23.16
N PRO D 157 35.76 -9.74 -23.37
CA PRO D 157 34.87 -10.90 -23.16
C PRO D 157 34.39 -11.03 -21.73
N LYS D 158 35.25 -10.79 -20.74
CA LYS D 158 34.87 -10.87 -19.34
C LYS D 158 34.49 -9.52 -18.76
N GLU D 159 34.98 -8.42 -19.33
CA GLU D 159 34.69 -7.09 -18.83
C GLU D 159 33.19 -6.81 -18.95
N PRO D 160 32.50 -6.48 -17.86
CA PRO D 160 31.05 -6.32 -17.93
C PRO D 160 30.63 -5.10 -18.74
N PHE D 161 29.31 -4.94 -18.86
CA PHE D 161 28.76 -3.85 -19.66
C PHE D 161 28.94 -2.50 -18.98
N ARG D 162 28.91 -2.47 -17.64
CA ARG D 162 29.03 -1.20 -16.94
C ARG D 162 30.38 -0.55 -17.18
N ASP D 163 31.46 -1.31 -17.05
CA ASP D 163 32.79 -0.76 -17.31
C ASP D 163 32.93 -0.33 -18.77
N TYR D 164 32.35 -1.10 -19.69
CA TYR D 164 32.43 -0.74 -21.11
C TYR D 164 31.72 0.58 -21.39
N VAL D 165 30.51 0.75 -20.85
CA VAL D 165 29.79 2.00 -21.10
C VAL D 165 30.46 3.15 -20.35
N ASP D 166 31.10 2.89 -19.21
CA ASP D 166 31.86 3.94 -18.54
C ASP D 166 33.00 4.44 -19.43
N ARG D 167 33.81 3.51 -19.95
CA ARG D 167 34.91 3.92 -20.82
C ARG D 167 34.38 4.60 -22.08
N PHE D 168 33.29 4.09 -22.64
CA PHE D 168 32.72 4.66 -23.86
C PHE D 168 32.26 6.10 -23.63
N TYR D 169 31.54 6.34 -22.54
CA TYR D 169 31.04 7.69 -22.29
C TYR D 169 32.15 8.63 -21.87
N LYS D 170 33.19 8.13 -21.20
CA LYS D 170 34.34 8.97 -20.91
C LYS D 170 35.02 9.43 -22.19
N THR D 171 35.30 8.48 -23.10
CA THR D 171 35.92 8.85 -24.37
C THR D 171 35.00 9.75 -25.19
N LEU D 172 33.69 9.56 -25.09
CA LEU D 172 32.75 10.44 -25.78
C LEU D 172 32.80 11.85 -25.21
N ARG D 173 32.90 11.98 -23.89
CA ARG D 173 33.11 13.30 -23.29
C ARG D 173 34.42 13.91 -23.76
N ALA D 174 35.42 13.07 -24.06
CA ALA D 174 36.70 13.60 -24.55
C ALA D 174 36.66 13.85 -26.06
N GLU D 175 35.58 13.46 -26.73
CA GLU D 175 35.53 13.55 -28.19
C GLU D 175 35.38 14.99 -28.65
N GLN D 176 35.79 15.24 -29.90
CA GLN D 176 35.79 16.58 -30.48
C GLN D 176 34.68 16.81 -31.51
N ALA D 177 33.94 15.78 -31.88
CA ALA D 177 32.95 15.91 -32.93
C ALA D 177 31.78 16.78 -32.49
N SER D 178 30.98 17.21 -33.46
CA SER D 178 29.82 18.03 -33.17
C SER D 178 28.78 17.25 -32.39
N GLN D 179 27.76 17.96 -31.90
CA GLN D 179 26.78 17.33 -31.02
C GLN D 179 25.90 16.34 -31.79
N GLU D 180 25.58 16.62 -33.05
CA GLU D 180 24.77 15.68 -33.82
C GLU D 180 25.56 14.40 -34.12
N VAL D 181 26.84 14.54 -34.45
CA VAL D 181 27.68 13.36 -34.63
C VAL D 181 27.83 12.61 -33.31
N LYS D 182 27.91 13.34 -32.20
CA LYS D 182 27.97 12.70 -30.88
C LYS D 182 26.71 11.88 -30.61
N ASN D 183 25.55 12.44 -30.92
CA ASN D 183 24.31 11.69 -30.75
C ASN D 183 24.29 10.46 -31.66
N TRP D 184 24.74 10.62 -32.91
CA TRP D 184 24.79 9.49 -33.83
C TRP D 184 25.65 8.36 -33.28
N MET D 185 26.85 8.68 -32.79
CA MET D 185 27.75 7.62 -32.33
C MET D 185 27.23 6.99 -31.03
N THR D 186 26.77 7.82 -30.08
CA THR D 186 26.22 7.27 -28.85
C THR D 186 24.92 6.50 -29.09
N GLU D 187 24.30 6.67 -30.25
CA GLU D 187 23.13 5.87 -30.59
C GLU D 187 23.53 4.55 -31.24
N THR D 188 24.54 4.57 -32.12
CA THR D 188 24.88 3.39 -32.91
C THR D 188 26.03 2.56 -32.32
N LEU D 189 27.21 3.17 -32.14
CA LEU D 189 28.39 2.38 -31.83
C LEU D 189 28.34 1.79 -30.43
N LEU D 190 27.44 2.27 -29.57
CA LEU D 190 27.30 1.70 -28.23
C LEU D 190 26.85 0.25 -28.32
N VAL D 191 25.76 0.01 -29.04
CA VAL D 191 25.29 -1.37 -29.21
C VAL D 191 26.05 -2.07 -30.32
N GLN D 192 26.70 -1.31 -31.22
CA GLN D 192 27.40 -1.92 -32.33
C GLN D 192 28.78 -2.46 -31.93
N ASN D 193 29.23 -2.21 -30.70
CA ASN D 193 30.55 -2.62 -30.27
C ASN D 193 30.54 -3.46 -29.00
N ALA D 194 29.37 -3.80 -28.47
CA ALA D 194 29.29 -4.56 -27.23
C ALA D 194 29.67 -6.02 -27.49
N ASN D 195 29.69 -6.82 -26.42
CA ASN D 195 29.98 -8.24 -26.55
C ASN D 195 28.80 -8.96 -27.20
N PRO D 196 29.07 -10.02 -27.97
CA PRO D 196 28.01 -10.63 -28.80
C PRO D 196 26.77 -11.05 -28.02
N ASP D 197 26.92 -11.55 -26.80
CA ASP D 197 25.75 -11.98 -26.03
C ASP D 197 24.82 -10.81 -25.73
N CYS D 198 25.34 -9.80 -25.02
CA CYS D 198 24.52 -8.62 -24.76
C CYS D 198 24.28 -7.79 -26.02
N LYS D 199 25.10 -7.98 -27.07
CA LYS D 199 24.78 -7.37 -28.35
C LYS D 199 23.46 -7.92 -28.89
N THR D 200 23.31 -9.25 -28.89
CA THR D 200 22.04 -9.84 -29.29
C THR D 200 20.92 -9.49 -28.32
N ILE D 201 21.24 -9.34 -27.03
CA ILE D 201 20.23 -8.92 -26.07
C ILE D 201 19.68 -7.54 -26.44
N LEU D 202 20.58 -6.58 -26.71
CA LEU D 202 20.15 -5.24 -27.06
C LEU D 202 19.51 -5.18 -28.45
N LYS D 203 19.89 -6.09 -29.35
CA LYS D 203 19.20 -6.20 -30.62
C LYS D 203 17.77 -6.69 -30.43
N ALA D 204 17.57 -7.64 -29.52
CA ALA D 204 16.21 -8.04 -29.15
C ALA D 204 15.46 -6.91 -28.48
N LEU D 205 16.17 -6.03 -27.77
CA LEU D 205 15.55 -4.84 -27.21
C LEU D 205 14.99 -3.94 -28.30
N GLY D 206 15.62 -3.94 -29.48
CA GLY D 206 15.10 -3.23 -30.62
C GLY D 206 15.39 -1.74 -30.60
N PRO D 207 14.54 -0.96 -31.29
CA PRO D 207 14.75 0.48 -31.35
C PRO D 207 14.43 1.16 -30.03
N ALA D 208 14.59 2.49 -30.03
CA ALA D 208 14.35 3.32 -28.85
C ALA D 208 15.16 2.86 -27.65
N ALA D 209 16.37 2.38 -27.90
CA ALA D 209 17.22 1.87 -26.84
C ALA D 209 17.63 3.01 -25.90
N THR D 210 17.32 2.83 -24.61
CA THR D 210 17.62 3.83 -23.59
C THR D 210 18.56 3.21 -22.58
N LEU D 211 19.47 4.02 -22.04
CA LEU D 211 20.62 3.50 -21.30
C LEU D 211 20.19 2.63 -20.11
N GLU D 212 19.21 3.07 -19.34
CA GLU D 212 18.78 2.28 -18.19
C GLU D 212 18.18 0.94 -18.64
N GLU D 213 17.42 0.95 -19.74
CA GLU D 213 16.88 -0.30 -20.26
C GLU D 213 18.01 -1.21 -20.72
N MET D 214 19.02 -0.66 -21.38
CA MET D 214 20.17 -1.46 -21.80
C MET D 214 20.85 -2.11 -20.60
N MET D 215 21.15 -1.32 -19.57
CA MET D 215 21.85 -1.85 -18.41
C MET D 215 20.99 -2.82 -17.60
N THR D 216 19.67 -2.67 -17.63
CA THR D 216 18.82 -3.66 -16.97
C THR D 216 18.70 -4.94 -17.78
N ALA D 217 18.89 -4.85 -19.10
CA ALA D 217 18.82 -6.05 -19.93
C ALA D 217 20.09 -6.89 -19.82
N CYS D 218 21.25 -6.22 -19.83
CA CYS D 218 22.53 -6.92 -19.79
C CYS D 218 22.93 -7.40 -18.39
N GLN D 219 22.02 -7.33 -17.42
CA GLN D 219 22.33 -7.77 -16.07
C GLN D 219 22.64 -9.26 -16.04
N GLY D 220 23.47 -9.67 -15.08
CA GLY D 220 23.84 -11.06 -14.93
C GLY D 220 24.83 -11.53 -15.97
N PRO E 1 -47.31 -22.83 9.65
CA PRO E 1 -46.93 -21.85 10.68
C PRO E 1 -47.94 -20.72 10.82
N ILE E 2 -47.57 -19.66 11.52
CA ILE E 2 -48.42 -18.48 11.64
C ILE E 2 -47.73 -17.30 10.99
N VAL E 3 -48.02 -17.07 9.71
CA VAL E 3 -47.44 -15.94 9.00
C VAL E 3 -48.17 -14.67 9.39
N GLN E 4 -47.39 -13.63 9.68
CA GLN E 4 -47.96 -12.33 10.04
C GLN E 4 -48.22 -11.54 8.77
N ASN E 5 -49.50 -11.25 8.52
CA ASN E 5 -49.87 -10.49 7.34
C ASN E 5 -49.31 -9.08 7.42
N ILE E 6 -49.00 -8.51 6.25
CA ILE E 6 -48.47 -7.16 6.19
C ILE E 6 -49.50 -6.18 6.72
N GLN E 7 -49.10 -5.34 7.68
CA GLN E 7 -49.94 -4.31 8.31
C GLN E 7 -51.35 -4.83 8.63
N GLY E 8 -51.44 -6.10 9.00
CA GLY E 8 -52.72 -6.71 9.32
C GLY E 8 -52.64 -7.78 10.38
N GLN E 9 -53.75 -8.48 10.61
CA GLN E 9 -53.78 -9.53 11.61
C GLN E 9 -52.97 -10.74 11.13
N MET E 10 -52.31 -11.40 12.08
CA MET E 10 -51.56 -12.61 11.75
C MET E 10 -52.52 -13.74 11.41
N VAL E 11 -52.31 -14.35 10.25
CA VAL E 11 -53.19 -15.37 9.73
C VAL E 11 -52.51 -16.73 9.84
N HIS E 12 -53.28 -17.74 10.25
CA HIS E 12 -52.79 -19.09 10.30
C HIS E 12 -52.66 -19.68 8.90
N GLN E 13 -51.64 -20.50 8.72
CA GLN E 13 -51.36 -21.10 7.42
C GLN E 13 -50.84 -22.52 7.62
N ALA E 14 -51.34 -23.45 6.82
CA ALA E 14 -50.90 -24.82 6.91
C ALA E 14 -49.43 -24.94 6.52
N ILE E 15 -48.74 -25.94 7.09
CA ILE E 15 -47.34 -26.15 6.79
C ILE E 15 -47.19 -26.46 5.30
N SER E 16 -46.15 -25.89 4.69
CA SER E 16 -45.97 -26.04 3.26
C SER E 16 -45.52 -27.45 2.91
N PRO E 17 -46.07 -28.02 1.83
CA PRO E 17 -45.52 -29.29 1.32
C PRO E 17 -44.04 -29.20 1.03
N ARG E 18 -43.56 -28.05 0.58
CA ARG E 18 -42.12 -27.88 0.37
C ARG E 18 -41.36 -28.00 1.68
N THR E 19 -41.86 -27.37 2.75
CA THR E 19 -41.21 -27.46 4.04
C THR E 19 -41.17 -28.90 4.54
N LEU E 20 -42.29 -29.60 4.44
CA LEU E 20 -42.33 -30.98 4.93
C LEU E 20 -41.44 -31.89 4.08
N ASN E 21 -41.39 -31.68 2.77
CA ASN E 21 -40.52 -32.49 1.92
C ASN E 21 -39.06 -32.23 2.23
N ALA E 22 -38.68 -30.97 2.42
CA ALA E 22 -37.31 -30.66 2.80
C ALA E 22 -36.95 -31.30 4.13
N TRP E 23 -37.88 -31.28 5.08
CA TRP E 23 -37.61 -31.88 6.39
C TRP E 23 -37.40 -33.38 6.28
N VAL E 24 -38.33 -34.08 5.63
CA VAL E 24 -38.18 -35.53 5.52
C VAL E 24 -36.94 -35.89 4.70
N LYS E 25 -36.59 -35.06 3.71
CA LYS E 25 -35.40 -35.33 2.91
C LYS E 25 -34.13 -35.18 3.74
N VAL E 26 -34.02 -34.10 4.52
CA VAL E 26 -32.81 -33.92 5.31
C VAL E 26 -32.70 -35.00 6.38
N VAL E 27 -33.83 -35.41 6.96
CA VAL E 27 -33.79 -36.53 7.89
C VAL E 27 -33.25 -37.79 7.20
N GLU E 28 -33.85 -38.14 6.06
CA GLU E 28 -33.46 -39.39 5.39
C GLU E 28 -32.01 -39.36 4.93
N GLU E 29 -31.62 -38.22 4.34
CA GLU E 29 -30.27 -38.02 3.74
C GLU E 29 -29.13 -37.94 4.75
N LYS E 30 -29.31 -37.18 5.84
CA LYS E 30 -28.20 -36.93 6.80
C LYS E 30 -28.39 -37.68 8.13
N ALA E 31 -29.37 -38.58 8.23
CA ALA E 31 -29.61 -39.33 9.49
C ALA E 31 -29.80 -38.30 10.61
N PHE E 32 -28.99 -38.37 11.68
CA PHE E 32 -29.12 -37.39 12.80
C PHE E 32 -27.77 -36.75 13.10
N SER E 33 -27.30 -35.87 12.20
CA SER E 33 -26.07 -35.14 12.38
C SER E 33 -26.34 -33.88 13.21
N PRO E 34 -25.31 -33.34 13.88
CA PRO E 34 -25.56 -32.22 14.79
C PRO E 34 -26.23 -31.01 14.16
N GLU E 35 -26.23 -30.89 12.83
CA GLU E 35 -26.86 -29.73 12.20
C GLU E 35 -28.36 -29.92 11.95
N VAL E 36 -28.89 -31.11 12.17
CA VAL E 36 -30.33 -31.31 11.96
C VAL E 36 -31.13 -30.50 12.96
N ILE E 37 -30.58 -30.26 14.15
CA ILE E 37 -31.29 -29.42 15.13
C ILE E 37 -31.35 -27.97 14.68
N PRO E 38 -30.26 -27.33 14.24
CA PRO E 38 -30.40 -25.99 13.65
C PRO E 38 -31.30 -25.95 12.44
N MET E 39 -31.22 -26.95 11.54
CA MET E 39 -32.08 -26.92 10.37
C MET E 39 -33.54 -27.11 10.73
N PHE E 40 -33.83 -27.90 11.76
CA PHE E 40 -35.21 -28.06 12.22
C PHE E 40 -35.72 -26.77 12.85
N SER E 41 -34.91 -26.15 13.70
CA SER E 41 -35.29 -24.86 14.28
C SER E 41 -35.46 -23.79 13.21
N ALA E 42 -34.79 -23.95 12.05
CA ALA E 42 -34.96 -23.00 10.95
C ALA E 42 -36.24 -23.27 10.19
N LEU E 43 -36.50 -24.52 9.81
CA LEU E 43 -37.69 -24.85 9.04
C LEU E 43 -38.96 -24.58 9.84
N SER E 44 -38.98 -24.99 11.10
CA SER E 44 -40.16 -24.81 11.96
C SER E 44 -39.99 -23.50 12.73
N GLU E 45 -40.60 -22.44 12.23
CA GLU E 45 -40.57 -21.13 12.88
C GLU E 45 -42.00 -20.63 13.04
N GLY E 46 -42.37 -20.28 14.27
CA GLY E 46 -43.73 -19.86 14.54
C GLY E 46 -44.78 -20.91 14.30
N ALA E 47 -44.42 -22.18 14.39
CA ALA E 47 -45.32 -23.27 14.07
C ALA E 47 -46.07 -23.73 15.33
N THR E 48 -47.31 -24.18 15.13
CA THR E 48 -48.12 -24.66 16.22
C THR E 48 -47.67 -26.06 16.65
N PRO E 49 -48.05 -26.49 17.85
CA PRO E 49 -47.75 -27.87 18.25
C PRO E 49 -48.32 -28.90 17.30
N GLN E 50 -49.44 -28.60 16.62
CA GLN E 50 -49.93 -29.50 15.58
C GLN E 50 -48.93 -29.60 14.43
N ASP E 51 -48.37 -28.47 14.01
CA ASP E 51 -47.36 -28.50 12.95
C ASP E 51 -46.13 -29.28 13.40
N LEU E 52 -45.70 -29.09 14.64
CA LEU E 52 -44.52 -29.80 15.12
C LEU E 52 -44.77 -31.30 15.24
N ASN E 53 -45.96 -31.70 15.70
CA ASN E 53 -46.29 -33.12 15.75
C ASN E 53 -46.35 -33.72 14.34
N THR E 54 -46.85 -32.96 13.36
CA THR E 54 -46.84 -33.45 11.99
C THR E 54 -45.41 -33.62 11.48
N MET E 55 -44.56 -32.61 11.72
CA MET E 55 -43.18 -32.68 11.26
C MET E 55 -42.43 -33.84 11.92
N LEU E 56 -42.81 -34.20 13.15
CA LEU E 56 -42.20 -35.35 13.81
C LEU E 56 -42.75 -36.67 13.29
N ASN E 57 -44.06 -36.73 12.99
CA ASN E 57 -44.65 -37.98 12.55
C ASN E 57 -44.29 -38.32 11.12
N THR E 58 -44.03 -37.33 10.27
CA THR E 58 -43.65 -37.62 8.90
C THR E 58 -42.31 -38.33 8.81
N VAL E 59 -41.52 -38.29 9.89
CA VAL E 59 -40.22 -38.97 9.89
C VAL E 59 -40.44 -40.47 9.83
N GLY E 60 -39.77 -41.12 8.87
CA GLY E 60 -39.86 -42.56 8.73
C GLY E 60 -38.59 -43.27 9.11
N GLY E 61 -38.69 -44.29 9.97
CA GLY E 61 -37.52 -44.95 10.49
C GLY E 61 -37.02 -44.31 11.75
N HIS E 62 -35.94 -44.89 12.28
CA HIS E 62 -35.33 -44.43 13.53
C HIS E 62 -36.37 -44.38 14.65
N GLN E 63 -37.16 -45.45 14.73
CA GLN E 63 -38.30 -45.46 15.65
C GLN E 63 -37.83 -45.47 17.10
N ALA E 64 -36.63 -46.01 17.36
CA ALA E 64 -36.07 -45.91 18.71
C ALA E 64 -35.82 -44.45 19.08
N ALA E 65 -35.24 -43.68 18.16
CA ALA E 65 -35.02 -42.26 18.42
C ALA E 65 -36.34 -41.52 18.57
N MET E 66 -37.34 -41.88 17.77
CA MET E 66 -38.65 -41.24 17.89
C MET E 66 -39.30 -41.55 19.23
N GLN E 67 -39.20 -42.79 19.71
CA GLN E 67 -39.77 -43.14 20.99
C GLN E 67 -39.03 -42.44 22.13
N MET E 68 -37.70 -42.30 22.00
CA MET E 68 -36.95 -41.55 23.01
C MET E 68 -37.35 -40.09 23.03
N LEU E 69 -37.58 -39.50 21.85
CA LEU E 69 -38.04 -38.12 21.80
C LEU E 69 -39.42 -37.97 22.44
N LYS E 70 -40.31 -38.93 22.18
CA LYS E 70 -41.64 -38.87 22.80
C LYS E 70 -41.55 -39.05 24.30
N GLU E 71 -40.64 -39.90 24.78
CA GLU E 71 -40.46 -40.06 26.22
C GLU E 71 -39.91 -38.78 26.85
N THR E 72 -39.00 -38.10 26.15
CA THR E 72 -38.48 -36.82 26.65
C THR E 72 -39.59 -35.77 26.71
N ILE E 73 -40.43 -35.72 25.69
CA ILE E 73 -41.57 -34.80 25.71
C ILE E 73 -42.50 -35.12 26.86
N ASN E 74 -42.72 -36.42 27.13
CA ASN E 74 -43.58 -36.81 28.24
C ASN E 74 -42.98 -36.39 29.58
N GLU E 75 -41.67 -36.57 29.75
CA GLU E 75 -41.02 -36.16 30.99
C GLU E 75 -41.10 -34.65 31.18
N GLU E 76 -40.88 -33.88 30.11
CA GLU E 76 -40.99 -32.44 30.22
C GLU E 76 -42.42 -32.01 30.57
N ALA E 77 -43.41 -32.68 29.96
CA ALA E 77 -44.81 -32.34 30.27
C ALA E 77 -45.14 -32.69 31.72
N ALA E 78 -44.63 -33.82 32.21
CA ALA E 78 -44.85 -34.19 33.61
C ALA E 78 -44.23 -33.19 34.55
N GLU E 79 -43.00 -32.75 34.27
CA GLU E 79 -42.36 -31.74 35.11
C GLU E 79 -43.12 -30.43 35.08
N TRP E 80 -43.59 -30.01 33.89
CA TRP E 80 -44.37 -28.79 33.78
C TRP E 80 -45.65 -28.87 34.60
N ASP E 81 -46.38 -29.99 34.47
CA ASP E 81 -47.62 -30.14 35.23
C ASP E 81 -47.38 -30.24 36.72
N ARG E 82 -46.21 -30.76 37.12
CA ARG E 82 -45.91 -30.87 38.54
C ARG E 82 -45.57 -29.51 39.14
N VAL E 83 -44.79 -28.70 38.42
CA VAL E 83 -44.36 -27.40 38.93
C VAL E 83 -45.31 -26.27 38.53
N HIS E 84 -46.42 -26.59 37.87
CA HIS E 84 -47.43 -25.58 37.51
C HIS E 84 -48.82 -26.14 37.83
N PRO E 85 -49.51 -25.57 38.83
CA PRO E 85 -50.88 -26.02 39.11
C PRO E 85 -51.83 -25.66 37.99
N VAL E 86 -52.86 -26.48 37.83
CA VAL E 86 -53.86 -26.30 36.78
C VAL E 86 -55.17 -25.88 37.44
N HIS E 87 -55.70 -24.73 37.02
CA HIS E 87 -56.97 -24.26 37.53
C HIS E 87 -58.14 -24.92 36.78
N ALA E 88 -59.31 -24.89 37.42
CA ALA E 88 -60.50 -25.50 36.83
C ALA E 88 -61.71 -24.66 37.23
N GLY E 89 -62.89 -25.13 36.84
CA GLY E 89 -64.12 -24.45 37.14
C GLY E 89 -64.57 -23.54 36.01
N PRO E 90 -65.55 -22.69 36.28
CA PRO E 90 -66.00 -21.74 35.25
C PRO E 90 -64.90 -20.72 34.95
N ILE E 91 -64.73 -20.45 33.65
CA ILE E 91 -63.69 -19.54 33.17
C ILE E 91 -64.35 -18.32 32.55
N ALA E 92 -63.80 -17.15 32.84
CA ALA E 92 -64.36 -15.92 32.31
C ALA E 92 -64.24 -15.88 30.79
N PRO E 93 -65.21 -15.32 30.08
CA PRO E 93 -65.13 -15.27 28.61
C PRO E 93 -64.00 -14.37 28.15
N GLY E 94 -63.49 -14.65 26.95
CA GLY E 94 -62.39 -13.88 26.40
C GLY E 94 -61.04 -14.19 26.99
N GLN E 95 -60.95 -15.18 27.88
CA GLN E 95 -59.69 -15.55 28.52
C GLN E 95 -59.59 -17.07 28.49
N MET E 96 -58.58 -17.59 27.81
CA MET E 96 -58.40 -19.03 27.73
C MET E 96 -57.97 -19.60 29.08
N ARG E 97 -58.25 -20.88 29.28
CA ARG E 97 -57.95 -21.54 30.54
C ARG E 97 -56.45 -21.82 30.66
N GLU E 98 -56.07 -22.40 31.79
CA GLU E 98 -54.67 -22.72 32.04
C GLU E 98 -54.22 -23.86 31.14
N PRO E 99 -53.19 -23.67 30.32
CA PRO E 99 -52.72 -24.75 29.42
C PRO E 99 -52.02 -25.84 30.22
N ARG E 100 -52.54 -27.06 30.10
CA ARG E 100 -51.93 -28.20 30.79
C ARG E 100 -50.72 -28.69 30.01
N GLY E 101 -49.93 -29.57 30.63
CA GLY E 101 -48.79 -30.15 29.95
C GLY E 101 -49.17 -31.02 28.77
N SER E 102 -50.23 -31.81 28.92
CA SER E 102 -50.70 -32.61 27.80
C SER E 102 -51.24 -31.75 26.67
N ASP E 103 -51.70 -30.53 26.98
CA ASP E 103 -52.19 -29.63 25.95
C ASP E 103 -51.04 -28.91 25.25
N ILE E 104 -50.04 -28.47 26.02
CA ILE E 104 -48.85 -27.85 25.42
C ILE E 104 -48.07 -28.88 24.63
N ALA E 105 -48.25 -30.17 24.94
CA ALA E 105 -47.67 -31.21 24.11
C ALA E 105 -48.47 -31.42 22.83
N GLY E 106 -49.70 -30.91 22.79
CA GLY E 106 -50.53 -31.04 21.61
C GLY E 106 -51.22 -32.37 21.46
N THR E 107 -51.14 -33.25 22.47
CA THR E 107 -51.75 -34.56 22.39
C THR E 107 -53.21 -34.57 22.84
N THR E 108 -53.66 -33.53 23.54
CA THR E 108 -55.03 -33.47 24.04
C THR E 108 -55.70 -32.14 23.74
N SER E 109 -55.21 -31.40 22.74
CA SER E 109 -55.77 -30.09 22.41
C SER E 109 -56.09 -30.06 20.92
N THR E 110 -56.52 -28.90 20.45
CA THR E 110 -56.88 -28.71 19.04
C THR E 110 -56.23 -27.43 18.53
N LEU E 111 -56.21 -27.31 17.20
CA LEU E 111 -55.62 -26.15 16.55
C LEU E 111 -56.27 -24.84 17.02
N GLN E 112 -57.57 -24.88 17.31
CA GLN E 112 -58.23 -23.69 17.83
C GLN E 112 -57.66 -23.26 19.16
N GLU E 113 -57.49 -24.22 20.09
CA GLU E 113 -56.91 -23.88 21.39
C GLU E 113 -55.46 -23.42 21.25
N GLN E 114 -54.70 -24.04 20.33
CA GLN E 114 -53.31 -23.61 20.14
C GLN E 114 -53.24 -22.19 19.61
N ILE E 115 -54.05 -21.87 18.61
CA ILE E 115 -54.05 -20.51 18.07
C ILE E 115 -54.55 -19.52 19.12
N GLY E 116 -55.53 -19.91 19.94
CA GLY E 116 -55.99 -19.03 21.00
C GLY E 116 -54.91 -18.74 22.02
N TRP E 117 -54.16 -19.77 22.41
CA TRP E 117 -53.06 -19.56 23.36
C TRP E 117 -51.90 -18.79 22.74
N MET E 118 -51.76 -18.83 21.41
CA MET E 118 -50.71 -18.06 20.75
C MET E 118 -51.15 -16.67 20.33
N THR E 119 -52.43 -16.33 20.47
CA THR E 119 -52.92 -15.00 20.15
C THR E 119 -53.36 -14.23 21.39
N ASN E 120 -53.27 -14.81 22.57
CA ASN E 120 -53.75 -14.16 23.78
C ASN E 120 -52.87 -12.96 24.12
N ASN E 121 -53.37 -12.13 25.03
CA ASN E 121 -52.65 -10.94 25.49
C ASN E 121 -52.53 -10.98 27.00
N PRO E 122 -51.33 -11.23 27.57
CA PRO E 122 -50.07 -11.47 26.85
C PRO E 122 -49.99 -12.87 26.24
N PRO E 123 -49.25 -13.02 25.15
CA PRO E 123 -49.16 -14.32 24.48
C PRO E 123 -48.44 -15.34 25.35
N ILE E 124 -48.81 -16.61 25.17
CA ILE E 124 -48.19 -17.72 25.85
C ILE E 124 -47.46 -18.57 24.81
N PRO E 125 -46.13 -18.58 24.82
CA PRO E 125 -45.35 -19.28 23.78
C PRO E 125 -45.42 -20.80 23.88
N VAL E 126 -46.62 -21.33 23.60
CA VAL E 126 -46.80 -22.78 23.56
C VAL E 126 -45.91 -23.40 22.50
N GLY E 127 -45.84 -22.77 21.32
CA GLY E 127 -44.96 -23.28 20.27
C GLY E 127 -43.50 -23.22 20.68
N GLU E 128 -43.09 -22.13 21.32
CA GLU E 128 -41.69 -21.98 21.71
C GLU E 128 -41.31 -22.91 22.86
N ILE E 129 -42.28 -23.38 23.65
CA ILE E 129 -41.95 -24.34 24.70
C ILE E 129 -41.93 -25.75 24.13
N TYR E 130 -42.88 -26.08 23.25
CA TYR E 130 -42.87 -27.41 22.66
C TYR E 130 -41.65 -27.60 21.75
N LYS E 131 -41.23 -26.54 21.06
CA LYS E 131 -40.01 -26.60 20.28
C LYS E 131 -38.79 -26.77 21.16
N ARG E 132 -38.77 -26.12 22.32
CA ARG E 132 -37.67 -26.32 23.26
C ARG E 132 -37.61 -27.77 23.72
N TRP E 133 -38.75 -28.37 24.01
CA TRP E 133 -38.77 -29.77 24.40
C TRP E 133 -38.27 -30.67 23.26
N ILE E 134 -38.72 -30.40 22.03
CA ILE E 134 -38.27 -31.18 20.89
C ILE E 134 -36.76 -31.02 20.70
N ILE E 135 -36.22 -29.82 20.94
CA ILE E 135 -34.78 -29.63 20.80
C ILE E 135 -34.02 -30.37 21.88
N LEU E 136 -34.53 -30.40 23.11
CA LEU E 136 -33.90 -31.23 24.13
C LEU E 136 -33.89 -32.70 23.72
N GLY E 137 -35.00 -33.19 23.19
CA GLY E 137 -35.05 -34.57 22.73
C GLY E 137 -34.07 -34.84 21.60
N LEU E 138 -34.02 -33.94 20.62
CA LEU E 138 -33.10 -34.11 19.50
C LEU E 138 -31.64 -34.04 19.96
N ASN E 139 -31.38 -33.24 21.00
CA ASN E 139 -30.03 -33.21 21.58
C ASN E 139 -29.69 -34.55 22.21
N LYS E 140 -30.63 -35.13 22.97
CA LYS E 140 -30.38 -36.47 23.50
C LYS E 140 -30.13 -37.47 22.39
N ILE E 141 -30.88 -37.37 21.29
CA ILE E 141 -30.73 -38.31 20.18
C ILE E 141 -29.36 -38.17 19.54
N VAL E 142 -28.94 -36.93 19.25
CA VAL E 142 -27.67 -36.72 18.59
C VAL E 142 -26.51 -37.08 19.52
N ARG E 143 -26.71 -36.95 20.83
CA ARG E 143 -25.71 -37.46 21.77
C ARG E 143 -25.64 -38.99 21.71
N MET E 144 -26.79 -39.65 21.56
CA MET E 144 -26.79 -41.11 21.46
C MET E 144 -26.16 -41.60 20.17
N TYR E 145 -26.25 -40.81 19.10
CA TYR E 145 -25.66 -41.24 17.79
C TYR E 145 -24.16 -40.97 17.75
N SER E 146 -23.59 -40.37 18.80
CA SER E 146 -22.16 -40.06 18.77
C SER E 146 -21.36 -41.35 18.69
N PRO E 147 -20.61 -41.57 17.61
CA PRO E 147 -19.89 -42.85 17.48
C PRO E 147 -18.80 -43.03 18.51
N THR E 148 -17.95 -42.02 18.71
CA THR E 148 -16.86 -42.11 19.67
C THR E 148 -17.00 -41.00 20.69
N SER E 149 -16.30 -41.15 21.81
CA SER E 149 -16.31 -40.14 22.85
C SER E 149 -15.33 -39.02 22.53
N ILE E 150 -15.40 -37.96 23.32
CA ILE E 150 -14.52 -36.81 23.09
C ILE E 150 -13.17 -37.03 23.75
N LEU E 151 -13.15 -37.71 24.91
CA LEU E 151 -11.89 -37.91 25.63
C LEU E 151 -11.00 -38.96 24.95
N ASP E 152 -11.52 -39.66 23.95
CA ASP E 152 -10.78 -40.74 23.30
C ASP E 152 -10.34 -40.40 21.88
N ILE E 153 -10.17 -39.11 21.59
CA ILE E 153 -9.72 -38.69 20.26
C ILE E 153 -8.21 -38.55 20.27
N ARG E 154 -7.55 -39.23 19.32
CA ARG E 154 -6.10 -39.17 19.18
C ARG E 154 -5.76 -38.97 17.72
N GLN E 155 -4.86 -38.02 17.45
CA GLN E 155 -4.47 -37.74 16.08
C GLN E 155 -3.54 -38.83 15.55
N GLY E 156 -3.79 -39.24 14.31
CA GLY E 156 -2.96 -40.23 13.66
C GLY E 156 -1.60 -39.68 13.28
N PRO E 157 -0.62 -40.56 13.11
CA PRO E 157 0.71 -40.09 12.71
C PRO E 157 0.73 -39.38 11.38
N LYS E 158 -0.08 -39.83 10.42
CA LYS E 158 -0.16 -39.18 9.11
C LYS E 158 -1.39 -38.28 8.97
N GLU E 159 -2.42 -38.52 9.76
CA GLU E 159 -3.64 -37.73 9.69
C GLU E 159 -3.35 -36.27 10.05
N PRO E 160 -3.62 -35.31 9.18
CA PRO E 160 -3.18 -33.93 9.42
C PRO E 160 -3.96 -33.25 10.53
N PHE E 161 -3.40 -32.12 10.97
CA PHE E 161 -4.01 -31.34 12.05
C PHE E 161 -5.37 -30.80 11.65
N ARG E 162 -5.57 -30.47 10.38
CA ARG E 162 -6.87 -29.99 9.94
C ARG E 162 -7.94 -31.05 10.13
N ASP E 163 -7.68 -32.26 9.66
CA ASP E 163 -8.64 -33.35 9.86
C ASP E 163 -8.82 -33.67 11.34
N TYR E 164 -7.73 -33.62 12.11
CA TYR E 164 -7.82 -33.91 13.54
C TYR E 164 -8.73 -32.91 14.24
N VAL E 165 -8.54 -31.61 13.99
CA VAL E 165 -9.34 -30.61 14.65
C VAL E 165 -10.78 -30.62 14.11
N ASP E 166 -10.96 -31.02 12.85
CA ASP E 166 -12.32 -31.19 12.33
C ASP E 166 -13.07 -32.25 13.12
N ARG E 167 -12.46 -33.44 13.27
CA ARG E 167 -13.09 -34.49 14.04
C ARG E 167 -13.30 -34.05 15.50
N PHE E 168 -12.33 -33.33 16.06
CA PHE E 168 -12.41 -32.92 17.45
C PHE E 168 -13.58 -31.95 17.66
N TYR E 169 -13.74 -30.97 16.77
CA TYR E 169 -14.85 -30.03 16.91
C TYR E 169 -16.19 -30.67 16.59
N LYS E 170 -16.22 -31.65 15.68
CA LYS E 170 -17.47 -32.37 15.46
C LYS E 170 -17.90 -33.11 16.72
N THR E 171 -16.96 -33.83 17.34
CA THR E 171 -17.28 -34.53 18.58
C THR E 171 -17.60 -33.57 19.71
N LEU E 172 -16.96 -32.40 19.73
CA LEU E 172 -17.29 -31.39 20.73
C LEU E 172 -18.70 -30.86 20.55
N ARG E 173 -19.10 -30.60 19.31
CA ARG E 173 -20.48 -30.18 19.03
C ARG E 173 -21.47 -31.27 19.45
N ALA E 174 -21.08 -32.53 19.29
CA ALA E 174 -21.97 -33.62 19.70
C ALA E 174 -21.99 -33.81 21.22
N GLU E 175 -20.94 -33.35 21.90
CA GLU E 175 -20.79 -33.60 23.34
C GLU E 175 -21.95 -32.97 24.13
N GLN E 176 -22.18 -33.53 25.31
CA GLN E 176 -23.28 -33.13 26.18
C GLN E 176 -22.88 -32.25 27.35
N ALA E 177 -21.58 -32.00 27.52
CA ALA E 177 -21.12 -31.24 28.68
C ALA E 177 -21.58 -29.80 28.61
N SER E 178 -21.64 -29.15 29.77
CA SER E 178 -22.04 -27.75 29.85
C SER E 178 -21.01 -26.87 29.15
N GLN E 179 -21.44 -25.65 28.82
CA GLN E 179 -20.57 -24.74 28.05
C GLN E 179 -19.35 -24.33 28.86
N GLU E 180 -19.49 -24.18 30.18
CA GLU E 180 -18.34 -23.82 31.00
C GLU E 180 -17.29 -24.92 31.02
N VAL E 181 -17.73 -26.18 31.11
CA VAL E 181 -16.80 -27.30 31.00
C VAL E 181 -16.37 -27.49 29.56
N LYS E 182 -17.21 -27.09 28.61
CA LYS E 182 -16.89 -27.26 27.19
C LYS E 182 -15.70 -26.42 26.79
N ASN E 183 -15.52 -25.26 27.42
CA ASN E 183 -14.39 -24.39 27.08
C ASN E 183 -13.07 -24.98 27.52
N TRP E 184 -12.95 -25.38 28.78
CA TRP E 184 -11.71 -25.98 29.27
C TRP E 184 -11.27 -27.16 28.40
N MET E 185 -12.24 -27.92 27.89
CA MET E 185 -11.93 -29.08 27.06
C MET E 185 -11.23 -28.67 25.77
N THR E 186 -11.79 -27.69 25.06
CA THR E 186 -11.16 -27.24 23.81
C THR E 186 -9.90 -26.44 24.08
N GLU E 187 -9.73 -25.93 25.30
CA GLU E 187 -8.48 -25.22 25.62
C GLU E 187 -7.36 -26.21 25.89
N THR E 188 -7.64 -27.33 26.54
CA THR E 188 -6.60 -28.25 26.98
C THR E 188 -6.43 -29.44 26.05
N LEU E 189 -7.48 -30.24 25.83
CA LEU E 189 -7.31 -31.52 25.17
C LEU E 189 -6.92 -31.36 23.70
N LEU E 190 -7.26 -30.24 23.09
CA LEU E 190 -6.90 -30.01 21.69
C LEU E 190 -5.39 -30.07 21.51
N VAL E 191 -4.64 -29.36 22.36
CA VAL E 191 -3.18 -29.40 22.26
C VAL E 191 -2.61 -30.59 23.02
N GLN E 192 -3.39 -31.18 23.94
CA GLN E 192 -2.87 -32.29 24.72
C GLN E 192 -2.99 -33.63 24.00
N ASN E 193 -3.78 -33.70 22.93
CA ASN E 193 -4.03 -34.96 22.24
C ASN E 193 -3.44 -35.01 20.83
N ALA E 194 -2.76 -33.97 20.39
CA ALA E 194 -2.25 -33.94 19.02
C ALA E 194 -1.00 -34.80 18.91
N ASN E 195 -0.47 -34.87 17.67
CA ASN E 195 0.78 -35.59 17.43
C ASN E 195 1.94 -34.85 18.08
N PRO E 196 3.05 -35.55 18.38
CA PRO E 196 4.14 -34.91 19.13
C PRO E 196 4.76 -33.70 18.43
N ASP E 197 4.89 -33.73 17.11
CA ASP E 197 5.57 -32.64 16.40
C ASP E 197 4.81 -31.32 16.58
N CYS E 198 3.59 -31.24 16.09
CA CYS E 198 2.81 -30.03 16.28
C CYS E 198 2.41 -29.81 17.73
N LYS E 199 2.49 -30.85 18.57
CA LYS E 199 2.29 -30.66 20.00
C LYS E 199 3.40 -29.78 20.57
N THR E 200 4.66 -30.12 20.26
CA THR E 200 5.77 -29.27 20.67
C THR E 200 5.71 -27.91 19.99
N ILE E 201 5.20 -27.87 18.75
CA ILE E 201 5.04 -26.59 18.06
C ILE E 201 4.10 -25.68 18.84
N LEU E 202 2.93 -26.20 19.23
CA LEU E 202 1.97 -25.40 19.99
C LEU E 202 2.45 -25.12 21.40
N LYS E 203 3.28 -26.01 21.96
CA LYS E 203 3.88 -25.72 23.26
C LYS E 203 4.86 -24.56 23.18
N ALA E 204 5.66 -24.50 22.11
CA ALA E 204 6.50 -23.34 21.88
C ALA E 204 5.67 -22.10 21.61
N LEU E 205 4.52 -22.26 20.95
CA LEU E 205 3.58 -21.16 20.79
C LEU E 205 3.09 -20.65 22.14
N GLY E 206 2.91 -21.55 23.11
CA GLY E 206 2.60 -21.17 24.47
C GLY E 206 1.15 -20.81 24.72
N PRO E 207 0.91 -19.92 25.68
CA PRO E 207 -0.46 -19.58 26.05
C PRO E 207 -1.14 -18.73 24.99
N ALA E 208 -2.41 -18.40 25.28
CA ALA E 208 -3.25 -17.60 24.38
C ALA E 208 -3.35 -18.23 22.99
N ALA E 209 -3.27 -19.55 22.92
CA ALA E 209 -3.32 -20.23 21.63
C ALA E 209 -4.72 -20.16 21.03
N THR E 210 -4.80 -19.64 19.81
CA THR E 210 -6.06 -19.57 19.08
C THR E 210 -5.95 -20.46 17.84
N LEU E 211 -7.11 -20.86 17.32
CA LEU E 211 -7.15 -21.86 16.26
C LEU E 211 -6.41 -21.39 15.01
N GLU E 212 -6.52 -20.10 14.69
CA GLU E 212 -5.89 -19.58 13.48
C GLU E 212 -4.37 -19.71 13.55
N GLU E 213 -3.77 -19.21 14.64
CA GLU E 213 -2.32 -19.30 14.76
C GLU E 213 -1.86 -20.74 14.94
N MET E 214 -2.67 -21.57 15.61
CA MET E 214 -2.33 -22.98 15.71
C MET E 214 -2.22 -23.63 14.35
N MET E 215 -3.23 -23.39 13.48
CA MET E 215 -3.22 -24.01 12.16
C MET E 215 -2.14 -23.41 11.27
N THR E 216 -1.82 -22.12 11.45
CA THR E 216 -0.73 -21.55 10.67
C THR E 216 0.63 -22.06 11.14
N ALA E 217 0.74 -22.45 12.40
CA ALA E 217 1.99 -23.00 12.91
C ALA E 217 2.18 -24.45 12.51
N CYS E 218 1.12 -25.26 12.56
CA CYS E 218 1.21 -26.67 12.20
C CYS E 218 1.23 -26.90 10.68
N GLN E 219 1.39 -25.85 9.88
CA GLN E 219 1.45 -26.03 8.44
C GLN E 219 2.65 -26.87 8.03
N GLY E 220 2.51 -27.55 6.90
CA GLY E 220 3.57 -28.40 6.38
C GLY E 220 3.78 -29.67 7.18
N PRO F 1 2.40 14.60 -67.33
CA PRO F 1 2.83 15.80 -66.59
C PRO F 1 2.10 17.05 -67.05
N ILE F 2 2.59 18.22 -66.65
CA ILE F 2 2.03 19.49 -67.08
C ILE F 2 3.07 20.24 -67.89
N VAL F 3 3.06 20.04 -69.22
CA VAL F 3 4.00 20.74 -70.07
C VAL F 3 3.54 22.18 -70.27
N GLN F 4 4.47 23.11 -70.14
CA GLN F 4 4.19 24.53 -70.33
C GLN F 4 4.33 24.86 -71.82
N ASN F 5 3.21 25.24 -72.44
CA ASN F 5 3.24 25.59 -73.86
C ASN F 5 4.08 26.83 -74.08
N ILE F 6 4.71 26.90 -75.25
CA ILE F 6 5.55 28.05 -75.60
C ILE F 6 4.69 29.30 -75.66
N GLN F 7 5.11 30.34 -74.93
CA GLN F 7 4.43 31.64 -74.86
C GLN F 7 2.92 31.51 -74.73
N GLY F 8 2.47 30.48 -74.02
CA GLY F 8 1.05 30.24 -73.86
C GLY F 8 0.70 29.60 -72.54
N GLN F 9 -0.56 29.22 -72.38
CA GLN F 9 -1.00 28.61 -71.13
C GLN F 9 -0.44 27.20 -71.00
N MET F 10 -0.11 26.81 -69.77
CA MET F 10 0.38 25.45 -69.53
C MET F 10 -0.75 24.45 -69.73
N VAL F 11 -0.49 23.45 -70.56
CA VAL F 11 -1.50 22.46 -70.94
C VAL F 11 -1.18 21.14 -70.25
N HIS F 12 -2.22 20.48 -69.75
CA HIS F 12 -2.07 19.16 -69.17
C HIS F 12 -1.85 18.12 -70.25
N GLN F 13 -1.03 17.13 -69.93
CA GLN F 13 -0.69 16.07 -70.88
C GLN F 13 -0.56 14.75 -70.13
N ALA F 14 -1.12 13.70 -70.71
CA ALA F 14 -1.03 12.38 -70.10
C ALA F 14 0.41 11.90 -70.07
N ILE F 15 0.74 11.07 -69.08
CA ILE F 15 2.08 10.54 -68.97
C ILE F 15 2.41 9.70 -70.20
N SER F 16 3.64 9.84 -70.69
CA SER F 16 4.01 9.18 -71.92
C SER F 16 4.18 7.68 -71.71
N PRO F 17 3.69 6.88 -72.66
CA PRO F 17 4.01 5.44 -72.62
C PRO F 17 5.49 5.17 -72.55
N ARG F 18 6.31 6.00 -73.22
CA ARG F 18 7.76 5.85 -73.12
C ARG F 18 8.24 6.07 -71.69
N THR F 19 7.73 7.11 -71.03
CA THR F 19 8.10 7.37 -69.65
C THR F 19 7.72 6.20 -68.75
N LEU F 20 6.50 5.71 -68.87
CA LEU F 20 6.08 4.61 -68.01
C LEU F 20 6.85 3.32 -68.30
N ASN F 21 7.16 3.05 -69.57
CA ASN F 21 7.95 1.87 -69.90
C ASN F 21 9.36 1.98 -69.35
N ALA F 22 9.99 3.15 -69.47
CA ALA F 22 11.31 3.34 -68.89
C ALA F 22 11.28 3.16 -67.37
N TRP F 23 10.23 3.66 -66.72
CA TRP F 23 10.14 3.52 -65.28
C TRP F 23 9.99 2.05 -64.87
N VAL F 24 9.05 1.33 -65.48
CA VAL F 24 8.88 -0.07 -65.10
C VAL F 24 10.13 -0.88 -65.44
N LYS F 25 10.82 -0.53 -66.53
CA LYS F 25 12.03 -1.24 -66.91
C LYS F 25 13.14 -1.02 -65.89
N VAL F 26 13.37 0.22 -65.47
CA VAL F 26 14.43 0.47 -64.51
C VAL F 26 14.09 -0.17 -63.17
N VAL F 27 12.83 -0.17 -62.78
CA VAL F 27 12.45 -0.88 -61.56
C VAL F 27 12.79 -2.36 -61.68
N GLU F 28 12.32 -3.00 -62.76
CA GLU F 28 12.51 -4.44 -62.91
C GLU F 28 14.00 -4.82 -63.02
N GLU F 29 14.72 -4.03 -63.81
CA GLU F 29 16.17 -4.28 -64.11
C GLU F 29 17.11 -4.03 -62.93
N LYS F 30 16.94 -2.93 -62.20
CA LYS F 30 17.90 -2.56 -61.12
C LYS F 30 17.31 -2.75 -59.72
N ALA F 31 16.15 -3.38 -59.59
CA ALA F 31 15.54 -3.59 -58.25
C ALA F 31 15.41 -2.21 -57.57
N PHE F 32 15.99 -2.04 -56.38
CA PHE F 32 15.90 -0.74 -55.68
C PHE F 32 17.29 -0.25 -55.27
N SER F 33 18.10 0.16 -56.26
CA SER F 33 19.43 0.70 -56.03
C SER F 33 19.31 2.20 -55.71
N PRO F 34 20.32 2.76 -55.03
CA PRO F 34 20.19 4.16 -54.57
C PRO F 34 19.93 5.17 -55.69
N GLU F 35 20.18 4.81 -56.95
CA GLU F 35 19.97 5.75 -58.05
C GLU F 35 18.53 5.74 -58.57
N VAL F 36 17.69 4.80 -58.12
CA VAL F 36 16.31 4.78 -58.60
C VAL F 36 15.56 6.01 -58.11
N ILE F 37 15.94 6.57 -56.96
CA ILE F 37 15.29 7.78 -56.48
C ILE F 37 15.65 8.99 -57.35
N PRO F 38 16.92 9.24 -57.70
CA PRO F 38 17.20 10.29 -58.68
C PRO F 38 16.55 10.05 -60.03
N MET F 39 16.55 8.81 -60.52
CA MET F 39 15.93 8.58 -61.83
C MET F 39 14.42 8.77 -61.78
N PHE F 40 13.78 8.45 -60.64
CA PHE F 40 12.35 8.68 -60.50
C PHE F 40 12.06 10.17 -60.44
N SER F 41 12.83 10.91 -59.65
CA SER F 41 12.68 12.36 -59.60
C SER F 41 12.94 13.00 -60.96
N ALA F 42 13.73 12.34 -61.81
CA ALA F 42 13.98 12.86 -63.16
C ALA F 42 12.82 12.56 -64.09
N LEU F 43 12.35 11.32 -64.11
CA LEU F 43 11.26 10.94 -65.00
C LEU F 43 9.97 11.69 -64.65
N SER F 44 9.63 11.74 -63.36
CA SER F 44 8.42 12.40 -62.91
C SER F 44 8.75 13.84 -62.55
N GLU F 45 8.49 14.76 -63.49
CA GLU F 45 8.71 16.19 -63.28
C GLU F 45 7.44 16.93 -63.63
N GLY F 46 6.96 17.74 -62.69
CA GLY F 46 5.72 18.46 -62.90
C GLY F 46 4.50 17.57 -63.03
N ALA F 47 4.54 16.37 -62.48
CA ALA F 47 3.47 15.40 -62.65
C ALA F 47 2.44 15.53 -61.53
N THR F 48 1.18 15.26 -61.87
CA THR F 48 0.10 15.33 -60.90
C THR F 48 0.14 14.11 -59.97
N PRO F 49 -0.52 14.20 -58.82
CA PRO F 49 -0.64 13.00 -57.96
C PRO F 49 -1.26 11.82 -58.66
N GLN F 50 -2.14 12.05 -59.64
CA GLN F 50 -2.66 10.94 -60.44
C GLN F 50 -1.52 10.28 -61.23
N ASP F 51 -0.66 11.08 -61.84
CA ASP F 51 0.48 10.52 -62.57
C ASP F 51 1.41 9.75 -61.63
N LEU F 52 1.65 10.30 -60.43
CA LEU F 52 2.53 9.61 -59.48
C LEU F 52 1.92 8.30 -58.98
N ASN F 53 0.61 8.29 -58.71
CA ASN F 53 -0.05 7.05 -58.32
C ASN F 53 -0.01 6.03 -59.44
N THR F 54 -0.14 6.46 -60.70
CA THR F 54 -0.01 5.53 -61.81
C THR F 54 1.40 4.97 -61.90
N MET F 55 2.41 5.84 -61.78
CA MET F 55 3.80 5.39 -61.85
C MET F 55 4.13 4.42 -60.71
N LEU F 56 3.47 4.59 -59.56
CA LEU F 56 3.68 3.65 -58.47
C LEU F 56 2.92 2.34 -58.67
N ASN F 57 1.72 2.40 -59.22
CA ASN F 57 0.92 1.18 -59.39
C ASN F 57 1.45 0.30 -60.51
N THR F 58 2.07 0.89 -61.54
CA THR F 58 2.58 0.08 -62.63
C THR F 58 3.72 -0.83 -62.17
N VAL F 59 4.30 -0.54 -61.01
CA VAL F 59 5.38 -1.38 -60.49
C VAL F 59 4.84 -2.76 -60.14
N GLY F 60 5.48 -3.79 -60.66
CA GLY F 60 5.09 -5.16 -60.39
C GLY F 60 6.08 -5.89 -59.51
N GLY F 61 5.59 -6.51 -58.43
CA GLY F 61 6.48 -7.14 -57.47
C GLY F 61 6.90 -6.19 -56.37
N HIS F 62 7.71 -6.71 -55.46
CA HIS F 62 8.19 -5.95 -54.31
C HIS F 62 7.02 -5.35 -53.54
N GLN F 63 5.99 -6.18 -53.33
CA GLN F 63 4.75 -5.68 -52.74
C GLN F 63 4.96 -5.25 -51.29
N ALA F 64 5.93 -5.86 -50.60
CA ALA F 64 6.26 -5.38 -49.26
C ALA F 64 6.78 -3.95 -49.30
N ALA F 65 7.68 -3.66 -50.24
CA ALA F 65 8.18 -2.30 -50.38
C ALA F 65 7.05 -1.35 -50.79
N MET F 66 6.15 -1.80 -51.66
CA MET F 66 5.03 -0.94 -52.05
C MET F 66 4.11 -0.65 -50.87
N GLN F 67 3.83 -1.65 -50.03
CA GLN F 67 2.99 -1.43 -48.87
C GLN F 67 3.67 -0.51 -47.86
N MET F 68 4.99 -0.64 -47.71
CA MET F 68 5.72 0.27 -46.83
C MET F 68 5.67 1.70 -47.35
N LEU F 69 5.79 1.87 -48.68
CA LEU F 69 5.68 3.20 -49.26
C LEU F 69 4.29 3.78 -49.04
N LYS F 70 3.25 2.96 -49.20
CA LYS F 70 1.89 3.44 -48.96
C LYS F 70 1.68 3.79 -47.49
N GLU F 71 2.27 3.02 -46.57
CA GLU F 71 2.18 3.35 -45.16
C GLU F 71 2.89 4.65 -44.84
N THR F 72 4.04 4.89 -45.48
CA THR F 72 4.74 6.16 -45.28
C THR F 72 3.92 7.33 -45.81
N ILE F 73 3.30 7.16 -46.98
CA ILE F 73 2.43 8.20 -47.50
C ILE F 73 1.26 8.46 -46.55
N ASN F 74 0.70 7.39 -45.97
CA ASN F 74 -0.40 7.56 -45.03
C ASN F 74 0.05 8.31 -43.78
N GLU F 75 1.24 7.99 -43.26
CA GLU F 75 1.75 8.69 -42.09
C GLU F 75 1.97 10.17 -42.40
N GLU F 76 2.55 10.47 -43.56
CA GLU F 76 2.77 11.86 -43.94
C GLU F 76 1.45 12.61 -44.08
N ALA F 77 0.44 11.96 -44.66
CA ALA F 77 -0.87 12.60 -44.81
C ALA F 77 -1.52 12.82 -43.45
N ALA F 78 -1.36 11.88 -42.52
CA ALA F 78 -1.91 12.05 -41.18
C ALA F 78 -1.24 13.22 -40.47
N GLU F 79 0.09 13.31 -40.57
CA GLU F 79 0.80 14.43 -39.96
C GLU F 79 0.38 15.76 -40.57
N TRP F 80 0.23 15.80 -41.89
CA TRP F 80 -0.20 17.02 -42.56
C TRP F 80 -1.60 17.44 -42.08
N ASP F 81 -2.53 16.49 -42.03
CA ASP F 81 -3.88 16.82 -41.59
C ASP F 81 -3.92 17.21 -40.11
N ARG F 82 -3.00 16.67 -39.31
CA ARG F 82 -2.97 17.02 -37.89
C ARG F 82 -2.42 18.42 -37.68
N VAL F 83 -1.37 18.79 -38.41
CA VAL F 83 -0.75 20.11 -38.24
C VAL F 83 -1.32 21.15 -39.18
N HIS F 84 -2.35 20.82 -39.95
CA HIS F 84 -3.03 21.79 -40.82
C HIS F 84 -4.53 21.62 -40.69
N PRO F 85 -5.23 22.59 -40.10
CA PRO F 85 -6.69 22.50 -40.02
C PRO F 85 -7.33 22.61 -41.40
N VAL F 86 -8.49 21.95 -41.54
CA VAL F 86 -9.22 21.93 -42.80
C VAL F 86 -10.48 22.76 -42.63
N HIS F 87 -10.66 23.75 -43.49
CA HIS F 87 -11.86 24.58 -43.46
C HIS F 87 -13.00 23.90 -44.23
N ALA F 88 -14.21 24.34 -43.93
CA ALA F 88 -15.41 23.77 -44.56
C ALA F 88 -16.43 24.88 -44.74
N GLY F 89 -17.61 24.50 -45.23
CA GLY F 89 -18.69 25.44 -45.45
C GLY F 89 -18.71 25.96 -46.88
N PRO F 90 -19.49 27.00 -47.13
CA PRO F 90 -19.53 27.60 -48.47
C PRO F 90 -18.19 28.24 -48.81
N ILE F 91 -17.74 28.03 -50.04
CA ILE F 91 -16.46 28.52 -50.52
C ILE F 91 -16.70 29.53 -51.62
N ALA F 92 -15.94 30.63 -51.59
CA ALA F 92 -16.11 31.67 -52.59
C ALA F 92 -15.72 31.14 -53.97
N PRO F 93 -16.40 31.58 -55.03
CA PRO F 93 -16.07 31.10 -56.36
C PRO F 93 -14.69 31.59 -56.81
N GLY F 94 -14.08 30.83 -57.70
CA GLY F 94 -12.75 31.16 -58.19
C GLY F 94 -11.62 30.87 -57.22
N GLN F 95 -11.92 30.25 -56.08
CA GLN F 95 -10.91 29.91 -55.08
C GLN F 95 -11.17 28.49 -54.62
N MET F 96 -10.21 27.60 -54.85
CA MET F 96 -10.35 26.21 -54.44
C MET F 96 -10.30 26.09 -52.92
N ARG F 97 -10.90 25.03 -52.41
CA ARG F 97 -10.98 24.81 -50.98
C ARG F 97 -9.63 24.35 -50.43
N GLU F 98 -9.59 24.14 -49.12
CA GLU F 98 -8.37 23.70 -48.46
C GLU F 98 -8.06 22.27 -48.83
N PRO F 99 -6.89 21.99 -49.40
CA PRO F 99 -6.54 20.61 -49.79
C PRO F 99 -6.26 19.75 -48.56
N ARG F 100 -7.02 18.68 -48.40
CA ARG F 100 -6.81 17.76 -47.29
C ARG F 100 -5.63 16.84 -47.58
N GLY F 101 -5.20 16.12 -46.54
CA GLY F 101 -4.12 15.15 -46.71
C GLY F 101 -4.50 14.01 -47.63
N SER F 102 -5.71 13.49 -47.50
CA SER F 102 -6.17 12.44 -48.41
C SER F 102 -6.30 12.94 -49.84
N ASP F 103 -6.49 14.25 -50.02
CA ASP F 103 -6.58 14.80 -51.37
C ASP F 103 -5.19 15.03 -51.96
N ILE F 104 -4.26 15.55 -51.14
CA ILE F 104 -2.90 15.71 -51.61
C ILE F 104 -2.24 14.35 -51.86
N ALA F 105 -2.77 13.31 -51.21
CA ALA F 105 -2.32 11.96 -51.52
C ALA F 105 -2.92 11.46 -52.82
N GLY F 106 -3.96 12.12 -53.31
CA GLY F 106 -4.60 11.72 -54.55
C GLY F 106 -5.55 10.55 -54.45
N THR F 107 -5.84 10.08 -53.23
CA THR F 107 -6.72 8.94 -53.05
C THR F 107 -8.19 9.32 -52.97
N THR F 108 -8.51 10.61 -52.75
CA THR F 108 -9.89 11.06 -52.62
C THR F 108 -10.16 12.29 -53.47
N SER F 109 -9.36 12.55 -54.49
CA SER F 109 -9.53 13.72 -55.34
C SER F 109 -9.58 13.28 -56.80
N THR F 110 -9.64 14.26 -57.69
CA THR F 110 -9.70 14.01 -59.13
C THR F 110 -8.69 14.91 -59.84
N LEU F 111 -8.43 14.55 -61.10
CA LEU F 111 -7.47 15.30 -61.92
C LEU F 111 -7.88 16.77 -62.03
N GLN F 112 -9.18 17.06 -62.06
CA GLN F 112 -9.62 18.44 -62.12
C GLN F 112 -9.20 19.21 -60.87
N GLU F 113 -9.42 18.63 -59.69
CA GLU F 113 -9.00 19.29 -58.46
C GLU F 113 -7.48 19.43 -58.38
N GLN F 114 -6.74 18.42 -58.86
CA GLN F 114 -5.28 18.51 -58.83
C GLN F 114 -4.79 19.64 -59.74
N ILE F 115 -5.32 19.71 -60.96
CA ILE F 115 -4.91 20.78 -61.87
C ILE F 115 -5.34 22.14 -61.32
N GLY F 116 -6.50 22.22 -60.68
CA GLY F 116 -6.92 23.47 -60.08
C GLY F 116 -5.99 23.93 -58.97
N TRP F 117 -5.57 22.99 -58.12
CA TRP F 117 -4.63 23.33 -57.06
C TRP F 117 -3.24 23.63 -57.59
N MET F 118 -2.89 23.12 -58.77
CA MET F 118 -1.59 23.41 -59.36
C MET F 118 -1.62 24.63 -60.28
N THR F 119 -2.79 25.19 -60.56
CA THR F 119 -2.89 26.40 -61.37
C THR F 119 -3.35 27.61 -60.58
N ASN F 120 -3.60 27.47 -59.28
CA ASN F 120 -4.10 28.57 -58.47
C ASN F 120 -3.03 29.66 -58.33
N ASN F 121 -3.48 30.82 -57.86
CA ASN F 121 -2.59 31.96 -57.63
C ASN F 121 -2.73 32.44 -56.19
N PRO F 122 -1.73 32.21 -55.32
CA PRO F 122 -0.47 31.53 -55.61
C PRO F 122 -0.62 30.01 -55.72
N PRO F 123 0.25 29.37 -56.52
CA PRO F 123 0.14 27.92 -56.69
C PRO F 123 0.44 27.17 -55.41
N ILE F 124 -0.17 26.00 -55.28
CA ILE F 124 0.04 25.09 -54.16
C ILE F 124 0.71 23.84 -54.69
N PRO F 125 2.00 23.61 -54.36
CA PRO F 125 2.75 22.48 -54.93
C PRO F 125 2.31 21.12 -54.38
N VAL F 126 1.08 20.72 -54.76
CA VAL F 126 0.58 19.40 -54.40
C VAL F 126 1.46 18.31 -54.99
N GLY F 127 1.88 18.47 -56.24
CA GLY F 127 2.78 17.49 -56.84
C GLY F 127 4.12 17.45 -56.14
N GLU F 128 4.66 18.61 -55.79
CA GLU F 128 5.96 18.66 -55.14
C GLU F 128 5.93 18.15 -53.72
N ILE F 129 4.76 18.15 -53.07
CA ILE F 129 4.66 17.57 -51.72
C ILE F 129 4.45 16.06 -51.81
N TYR F 130 3.62 15.61 -52.75
CA TYR F 130 3.41 14.17 -52.88
C TYR F 130 4.68 13.48 -53.38
N LYS F 131 5.45 14.16 -54.24
CA LYS F 131 6.74 13.62 -54.66
C LYS F 131 7.71 13.57 -53.50
N ARG F 132 7.69 14.58 -52.63
CA ARG F 132 8.54 14.54 -51.43
C ARG F 132 8.20 13.35 -50.55
N TRP F 133 6.90 13.08 -50.37
CA TRP F 133 6.48 11.92 -49.59
C TRP F 133 6.95 10.63 -50.24
N ILE F 134 6.79 10.52 -51.57
CA ILE F 134 7.24 9.32 -52.27
C ILE F 134 8.75 9.15 -52.15
N ILE F 135 9.51 10.25 -52.15
CA ILE F 135 10.96 10.16 -52.01
C ILE F 135 11.33 9.72 -50.61
N LEU F 136 10.63 10.20 -49.59
CA LEU F 136 10.85 9.69 -48.24
C LEU F 136 10.60 8.19 -48.16
N GLY F 137 9.51 7.74 -48.76
CA GLY F 137 9.22 6.31 -48.78
C GLY F 137 10.28 5.50 -49.50
N LEU F 138 10.70 5.98 -50.67
CA LEU F 138 11.73 5.28 -51.43
C LEU F 138 13.07 5.29 -50.69
N ASN F 139 13.34 6.32 -49.91
CA ASN F 139 14.53 6.33 -49.07
C ASN F 139 14.45 5.27 -48.00
N LYS F 140 13.29 5.14 -47.34
CA LYS F 140 13.11 4.06 -46.38
C LYS F 140 13.31 2.70 -47.04
N ILE F 141 12.79 2.54 -48.26
CA ILE F 141 12.90 1.27 -48.96
C ILE F 141 14.36 0.94 -49.28
N VAL F 142 15.09 1.92 -49.82
CA VAL F 142 16.48 1.67 -50.20
C VAL F 142 17.35 1.47 -48.96
N ARG F 143 16.97 2.08 -47.83
CA ARG F 143 17.64 1.76 -46.57
C ARG F 143 17.37 0.34 -46.14
N MET F 144 16.14 -0.15 -46.35
CA MET F 144 15.80 -1.52 -46.00
C MET F 144 16.53 -2.53 -46.89
N TYR F 145 16.80 -2.16 -48.14
CA TYR F 145 17.47 -3.11 -49.07
C TYR F 145 18.99 -3.12 -48.84
N SER F 146 19.50 -2.29 -47.92
CA SER F 146 20.94 -2.24 -47.70
C SER F 146 21.42 -3.60 -47.19
N PRO F 147 22.27 -4.31 -47.95
CA PRO F 147 22.68 -5.65 -47.51
C PRO F 147 23.51 -5.63 -46.25
N THR F 148 24.52 -4.77 -46.17
CA THR F 148 25.39 -4.71 -44.99
C THR F 148 25.35 -3.30 -44.43
N SER F 149 25.79 -3.17 -43.18
CA SER F 149 25.84 -1.86 -42.53
C SER F 149 27.10 -1.11 -42.95
N ILE F 150 27.15 0.16 -42.56
CA ILE F 150 28.30 1.00 -42.91
C ILE F 150 29.43 0.81 -41.92
N LEU F 151 29.09 0.57 -40.64
CA LEU F 151 30.13 0.43 -39.62
C LEU F 151 30.85 -0.90 -39.71
N ASP F 152 30.36 -1.83 -40.54
CA ASP F 152 30.92 -3.18 -40.63
C ASP F 152 31.66 -3.42 -41.95
N ILE F 153 32.18 -2.37 -42.57
CA ILE F 153 32.92 -2.52 -43.82
C ILE F 153 34.41 -2.63 -43.49
N ARG F 154 35.04 -3.70 -44.00
CA ARG F 154 36.46 -3.92 -43.81
C ARG F 154 37.09 -4.31 -45.13
N GLN F 155 38.21 -3.67 -45.46
CA GLN F 155 38.89 -3.95 -46.72
C GLN F 155 39.60 -5.30 -46.65
N GLY F 156 39.47 -6.07 -47.73
CA GLY F 156 40.14 -7.35 -47.83
C GLY F 156 41.63 -7.19 -48.04
N PRO F 157 42.40 -8.22 -47.69
CA PRO F 157 43.86 -8.15 -47.88
C PRO F 157 44.27 -7.96 -49.33
N LYS F 158 43.55 -8.57 -50.27
CA LYS F 158 43.84 -8.42 -51.68
C LYS F 158 42.90 -7.43 -52.38
N GLU F 159 41.72 -7.21 -51.82
CA GLU F 159 40.74 -6.30 -52.42
C GLU F 159 41.30 -4.89 -52.46
N PRO F 160 41.41 -4.27 -53.63
CA PRO F 160 42.12 -2.98 -53.72
C PRO F 160 41.36 -1.83 -53.09
N PHE F 161 42.07 -0.73 -52.90
CA PHE F 161 41.49 0.46 -52.29
C PHE F 161 40.38 1.05 -53.14
N ARG F 162 40.48 0.95 -54.47
CA ARG F 162 39.43 1.46 -55.33
C ARG F 162 38.11 0.72 -55.07
N ASP F 163 38.15 -0.61 -55.07
CA ASP F 163 36.95 -1.38 -54.79
C ASP F 163 36.46 -1.14 -53.37
N TYR F 164 37.38 -1.01 -52.41
CA TYR F 164 36.99 -0.76 -51.03
C TYR F 164 36.23 0.55 -50.90
N VAL F 165 36.77 1.63 -51.48
CA VAL F 165 36.11 2.93 -51.37
C VAL F 165 34.84 2.96 -52.21
N ASP F 166 34.77 2.19 -53.29
CA ASP F 166 33.52 2.07 -54.04
C ASP F 166 32.42 1.48 -53.17
N ARG F 167 32.71 0.34 -52.52
CA ARG F 167 31.72 -0.25 -51.62
C ARG F 167 31.39 0.70 -50.48
N PHE F 168 32.39 1.40 -49.94
CA PHE F 168 32.17 2.28 -48.81
C PHE F 168 31.24 3.44 -49.18
N TYR F 169 31.46 4.06 -50.35
CA TYR F 169 30.60 5.15 -50.76
C TYR F 169 29.22 4.67 -51.19
N LYS F 170 29.12 3.46 -51.73
CA LYS F 170 27.78 2.92 -52.01
C LYS F 170 26.99 2.74 -50.71
N THR F 171 27.62 2.13 -49.70
CA THR F 171 26.94 1.97 -48.42
C THR F 171 26.66 3.32 -47.75
N LEU F 172 27.55 4.30 -47.94
CA LEU F 172 27.31 5.64 -47.40
C LEU F 172 26.10 6.29 -48.07
N ARG F 173 25.99 6.17 -49.39
CA ARG F 173 24.82 6.67 -50.09
C ARG F 173 23.55 5.99 -49.61
N ALA F 174 23.64 4.70 -49.28
CA ALA F 174 22.48 3.98 -48.78
C ALA F 174 22.16 4.35 -47.33
N GLU F 175 23.16 4.83 -46.58
CA GLU F 175 23.00 5.08 -45.16
C GLU F 175 21.91 6.12 -44.89
N GLN F 176 21.35 6.05 -43.68
CA GLN F 176 20.24 6.91 -43.26
C GLN F 176 20.65 8.06 -42.36
N ALA F 177 21.91 8.14 -41.96
CA ALA F 177 22.33 9.17 -41.01
C ALA F 177 22.25 10.55 -41.63
N SER F 178 22.15 11.56 -40.77
CA SER F 178 22.07 12.95 -41.23
C SER F 178 23.38 13.35 -41.90
N GLN F 179 23.32 14.43 -42.68
CA GLN F 179 24.48 14.86 -43.45
C GLN F 179 25.61 15.32 -42.56
N GLU F 180 25.29 15.94 -41.42
CA GLU F 180 26.34 16.37 -40.50
C GLU F 180 27.08 15.18 -39.90
N VAL F 181 26.35 14.13 -39.53
CA VAL F 181 27.00 12.91 -39.07
C VAL F 181 27.61 12.15 -40.25
N LYS F 182 27.06 12.33 -41.44
CA LYS F 182 27.56 11.62 -42.61
C LYS F 182 28.99 12.07 -42.96
N ASN F 183 29.31 13.33 -42.69
CA ASN F 183 30.65 13.83 -43.01
C ASN F 183 31.71 13.22 -42.11
N TRP F 184 31.51 13.26 -40.79
CA TRP F 184 32.48 12.68 -39.87
C TRP F 184 32.77 11.23 -40.21
N MET F 185 31.75 10.50 -40.68
CA MET F 185 31.93 9.09 -41.01
C MET F 185 32.91 8.91 -42.15
N THR F 186 32.72 9.65 -43.24
CA THR F 186 33.63 9.52 -44.38
C THR F 186 34.98 10.16 -44.09
N GLU F 187 35.05 11.03 -43.08
CA GLU F 187 36.36 11.58 -42.70
C GLU F 187 37.17 10.58 -41.89
N THR F 188 36.52 9.82 -41.01
CA THR F 188 37.23 8.95 -40.07
C THR F 188 37.27 7.50 -40.53
N LEU F 189 36.11 6.86 -40.73
CA LEU F 189 36.09 5.41 -40.91
C LEU F 189 36.75 4.99 -42.22
N LEU F 190 36.78 5.88 -43.22
CA LEU F 190 37.42 5.55 -44.49
C LEU F 190 38.89 5.17 -44.28
N VAL F 191 39.62 5.99 -43.53
CA VAL F 191 41.01 5.69 -43.27
C VAL F 191 41.16 4.77 -42.07
N GLN F 192 40.13 4.67 -41.23
CA GLN F 192 40.24 3.83 -40.04
C GLN F 192 39.92 2.36 -40.33
N ASN F 193 39.33 2.05 -41.47
CA ASN F 193 38.91 0.68 -41.78
C ASN F 193 39.69 0.05 -42.92
N ALA F 194 40.67 0.75 -43.51
CA ALA F 194 41.40 0.22 -44.64
C ALA F 194 42.42 -0.82 -44.20
N ASN F 195 43.11 -1.41 -45.18
CA ASN F 195 44.19 -2.35 -44.90
C ASN F 195 45.36 -1.63 -44.24
N PRO F 196 46.20 -2.36 -43.50
CA PRO F 196 47.28 -1.70 -42.74
C PRO F 196 48.27 -0.93 -43.61
N ASP F 197 48.62 -1.44 -44.79
CA ASP F 197 49.63 -0.77 -45.61
C ASP F 197 49.19 0.62 -46.02
N CYS F 198 48.11 0.72 -46.80
CA CYS F 198 47.62 2.04 -47.18
C CYS F 198 47.05 2.80 -46.00
N LYS F 199 46.73 2.13 -44.89
CA LYS F 199 46.35 2.84 -43.68
C LYS F 199 47.52 3.67 -43.15
N THR F 200 48.69 3.04 -43.04
CA THR F 200 49.89 3.78 -42.66
C THR F 200 50.26 4.81 -43.73
N ILE F 201 49.99 4.50 -45.00
CA ILE F 201 50.26 5.47 -46.06
C ILE F 201 49.44 6.74 -45.85
N LEU F 202 48.13 6.58 -45.61
CA LEU F 202 47.27 7.74 -45.38
C LEU F 202 47.57 8.41 -44.04
N LYS F 203 48.06 7.65 -43.07
CA LYS F 203 48.49 8.26 -41.81
C LYS F 203 49.70 9.15 -42.01
N ALA F 204 50.67 8.70 -42.82
CA ALA F 204 51.79 9.56 -43.20
C ALA F 204 51.31 10.75 -44.02
N LEU F 205 50.29 10.55 -44.85
CA LEU F 205 49.68 11.67 -45.55
C LEU F 205 49.10 12.69 -44.57
N GLY F 206 48.54 12.24 -43.46
CA GLY F 206 48.12 13.10 -42.39
C GLY F 206 46.77 13.75 -42.62
N PRO F 207 46.58 14.95 -42.06
CA PRO F 207 45.29 15.62 -42.14
C PRO F 207 45.01 16.15 -43.53
N ALA F 208 43.83 16.75 -43.68
CA ALA F 208 43.35 17.32 -44.94
C ALA F 208 43.35 16.28 -46.06
N ALA F 209 43.12 15.02 -45.70
CA ALA F 209 43.14 13.95 -46.69
C ALA F 209 41.92 14.05 -47.60
N THR F 210 42.17 14.11 -48.90
CA THR F 210 41.10 14.11 -49.90
C THR F 210 41.20 12.84 -50.74
N LEU F 211 40.08 12.49 -51.38
CA LEU F 211 39.98 11.20 -52.05
C LEU F 211 41.01 11.09 -53.17
N GLU F 212 41.27 12.18 -53.89
CA GLU F 212 42.20 12.13 -55.02
C GLU F 212 43.61 11.79 -54.55
N GLU F 213 44.12 12.52 -53.56
CA GLU F 213 45.48 12.25 -53.08
C GLU F 213 45.54 10.91 -52.35
N MET F 214 44.46 10.51 -51.68
CA MET F 214 44.43 9.18 -51.07
C MET F 214 44.61 8.09 -52.11
N MET F 215 43.86 8.17 -53.21
CA MET F 215 43.94 7.15 -54.24
C MET F 215 45.26 7.21 -55.00
N THR F 216 45.85 8.40 -55.15
CA THR F 216 47.15 8.49 -55.78
C THR F 216 48.25 7.96 -54.87
N ALA F 217 48.05 8.02 -53.56
CA ALA F 217 49.04 7.49 -52.63
C ALA F 217 48.95 5.97 -52.52
N CYS F 218 47.74 5.42 -52.47
CA CYS F 218 47.56 3.97 -52.35
C CYS F 218 47.78 3.23 -53.67
N GLN F 219 48.31 3.89 -54.69
CA GLN F 219 48.56 3.22 -55.96
C GLN F 219 49.58 2.10 -55.79
N GLY F 220 49.49 1.09 -56.66
CA GLY F 220 50.39 -0.03 -56.63
C GLY F 220 50.16 -0.97 -55.44
N VAL G 1 -34.16 20.20 -4.22
CA VAL G 1 -32.86 19.75 -4.69
C VAL G 1 -31.90 19.90 -3.51
N ASN G 2 -31.43 21.08 -3.05
CA ASN G 2 -30.54 21.13 -1.87
C ASN G 2 -31.33 20.88 -0.61
N PRO G 3 -30.91 19.94 0.26
CA PRO G 3 -31.59 19.54 1.50
C PRO G 3 -31.66 20.69 2.48
N THR G 4 -32.62 20.65 3.39
CA THR G 4 -32.72 21.65 4.42
C THR G 4 -32.91 20.96 5.74
N VAL G 5 -32.12 21.27 6.76
CA VAL G 5 -32.25 20.57 8.02
C VAL G 5 -32.50 21.61 9.07
N PHE G 6 -33.00 21.21 10.23
CA PHE G 6 -33.24 22.19 11.27
C PHE G 6 -32.61 21.74 12.58
N PHE G 7 -32.51 22.62 13.56
CA PHE G 7 -32.02 22.26 14.89
C PHE G 7 -32.97 22.98 15.83
N ASP G 8 -33.55 22.36 16.84
CA ASP G 8 -34.34 23.07 17.81
C ASP G 8 -33.34 23.21 18.92
N ILE G 9 -32.95 24.43 19.23
CA ILE G 9 -31.93 24.69 20.21
C ILE G 9 -32.50 24.76 21.63
N ALA G 10 -31.77 24.39 22.68
CA ALA G 10 -32.25 24.48 24.06
C ALA G 10 -31.15 25.03 24.95
N VAL G 11 -31.40 25.85 25.98
CA VAL G 11 -30.37 26.37 26.88
C VAL G 11 -30.78 25.73 28.18
N ASP G 12 -29.98 24.82 28.74
CA ASP G 12 -30.29 24.01 29.91
C ASP G 12 -31.71 23.50 29.91
N GLY G 13 -32.16 22.94 28.81
CA GLY G 13 -33.51 22.41 28.73
C GLY G 13 -34.65 23.38 28.44
N GLU G 14 -34.51 24.70 28.60
CA GLU G 14 -35.55 25.65 28.18
C GLU G 14 -35.44 25.78 26.67
N PRO G 15 -36.48 25.53 25.89
CA PRO G 15 -36.49 25.77 24.45
C PRO G 15 -36.27 27.21 24.04
N LEU G 16 -35.37 27.35 23.07
CA LEU G 16 -34.95 28.66 22.64
C LEU G 16 -35.34 29.02 21.23
N GLY G 17 -35.46 28.16 20.25
CA GLY G 17 -35.83 28.61 18.91
C GLY G 17 -35.32 27.60 17.90
N ARG G 18 -35.64 27.73 16.61
CA ARG G 18 -35.23 26.76 15.61
C ARG G 18 -34.37 27.48 14.62
N VAL G 19 -33.21 26.86 14.30
CA VAL G 19 -32.31 27.35 13.26
C VAL G 19 -32.49 26.36 12.10
N SER G 20 -32.63 26.74 10.83
CA SER G 20 -32.75 25.77 9.77
C SER G 20 -31.68 26.15 8.77
N PHE G 21 -31.11 25.18 8.05
CA PHE G 21 -29.92 25.33 7.24
C PHE G 21 -30.17 24.83 5.84
N GLU G 22 -29.65 25.48 4.81
CA GLU G 22 -29.77 25.00 3.47
C GLU G 22 -28.41 24.37 3.25
N LEU G 23 -28.27 23.12 2.82
CA LEU G 23 -26.97 22.53 2.67
C LEU G 23 -26.66 22.60 1.20
N PHE G 24 -25.49 23.10 0.80
CA PHE G 24 -25.17 23.24 -0.60
C PHE G 24 -24.68 21.93 -1.17
N ALA G 25 -25.59 20.99 -1.34
CA ALA G 25 -25.24 19.68 -1.86
C ALA G 25 -24.90 19.72 -3.33
N ASP G 26 -25.23 20.78 -4.05
CA ASP G 26 -24.87 20.86 -5.43
C ASP G 26 -23.43 21.27 -5.65
N LYS G 27 -22.67 21.74 -4.63
CA LYS G 27 -21.26 22.05 -4.76
C LYS G 27 -20.44 21.24 -3.81
N VAL G 28 -20.91 20.95 -2.59
CA VAL G 28 -20.11 20.19 -1.61
C VAL G 28 -20.87 18.93 -1.20
N PRO G 29 -21.21 17.99 -2.10
CA PRO G 29 -22.20 16.95 -1.86
C PRO G 29 -21.94 15.93 -0.77
N LYS G 30 -20.68 15.59 -0.60
CA LYS G 30 -20.31 14.57 0.34
C LYS G 30 -20.34 15.26 1.69
N THR G 31 -19.86 16.49 1.84
CA THR G 31 -19.95 17.25 3.10
C THR G 31 -21.38 17.49 3.50
N ALA G 32 -22.23 17.92 2.58
CA ALA G 32 -23.64 18.16 2.85
C ALA G 32 -24.32 16.86 3.23
N GLU G 33 -24.12 15.70 2.56
CA GLU G 33 -24.74 14.43 2.97
C GLU G 33 -24.38 14.00 4.38
N ASN G 34 -23.15 14.19 4.81
CA ASN G 34 -22.71 13.87 6.17
C ASN G 34 -23.44 14.74 7.20
N PHE G 35 -23.64 16.05 6.99
CA PHE G 35 -24.37 16.82 7.97
C PHE G 35 -25.81 16.41 7.88
N ARG G 36 -26.36 16.12 6.68
CA ARG G 36 -27.78 15.77 6.58
C ARG G 36 -28.07 14.47 7.34
N ALA G 37 -27.29 13.43 7.04
CA ALA G 37 -27.47 12.15 7.68
C ALA G 37 -27.21 12.18 9.18
N LEU G 38 -26.34 13.06 9.70
CA LEU G 38 -26.09 13.11 11.13
C LEU G 38 -27.23 13.84 11.78
N SER G 39 -27.87 14.78 11.08
CA SER G 39 -29.02 15.46 11.62
C SER G 39 -30.19 14.52 11.73
N THR G 40 -30.46 13.65 10.72
CA THR G 40 -31.62 12.73 10.78
C THR G 40 -31.36 11.61 11.77
N GLY G 41 -30.11 11.20 11.92
CA GLY G 41 -29.78 10.15 12.85
C GLY G 41 -30.07 8.82 12.18
N GLU G 42 -30.31 8.84 10.87
CA GLU G 42 -30.67 7.64 10.14
C GLU G 42 -29.54 6.62 10.17
N LYS G 43 -28.26 6.97 10.29
CA LYS G 43 -27.22 5.96 10.33
C LYS G 43 -27.00 5.48 11.76
N GLY G 44 -27.89 5.73 12.71
CA GLY G 44 -27.73 5.27 14.08
C GLY G 44 -27.13 6.28 15.05
N PHE G 45 -26.32 7.24 14.61
CA PHE G 45 -25.70 8.16 15.55
C PHE G 45 -25.84 9.56 14.99
N GLY G 46 -25.71 10.58 15.86
CA GLY G 46 -25.84 11.95 15.38
C GLY G 46 -25.87 13.06 16.43
N TYR G 47 -26.32 14.21 15.91
CA TYR G 47 -26.35 15.50 16.59
C TYR G 47 -27.37 15.66 17.64
N LYS G 48 -28.54 15.01 17.58
CA LYS G 48 -29.60 15.18 18.56
C LYS G 48 -29.10 14.94 19.98
N GLY G 49 -29.05 15.99 20.79
CA GLY G 49 -28.66 15.89 22.19
C GLY G 49 -27.19 16.16 22.35
N SER G 50 -26.54 16.72 21.33
CA SER G 50 -25.19 17.13 21.51
C SER G 50 -25.27 18.64 21.81
N CYS G 51 -24.18 19.29 22.23
CA CYS G 51 -24.26 20.67 22.58
C CYS G 51 -23.25 21.51 21.84
N PHE G 52 -23.32 22.83 21.92
CA PHE G 52 -22.32 23.67 21.31
C PHE G 52 -21.29 23.80 22.39
N HIS G 53 -20.12 23.20 22.20
CA HIS G 53 -19.16 23.24 23.27
C HIS G 53 -18.28 24.46 23.22
N ARG G 54 -18.28 25.30 22.19
CA ARG G 54 -17.34 26.41 22.14
C ARG G 54 -18.01 27.55 21.44
N ILE G 55 -18.39 28.67 22.09
CA ILE G 55 -19.16 29.75 21.46
C ILE G 55 -18.36 31.01 21.68
N ILE G 56 -17.88 31.66 20.62
CA ILE G 56 -17.08 32.85 20.81
C ILE G 56 -17.85 33.97 20.20
N PRO G 57 -18.43 34.85 20.99
CA PRO G 57 -19.11 36.06 20.53
C PRO G 57 -18.41 36.89 19.46
N GLY G 58 -19.01 36.94 18.28
CA GLY G 58 -18.53 37.76 17.20
C GLY G 58 -17.65 36.95 16.28
N PHE G 59 -17.59 35.63 16.48
CA PHE G 59 -16.76 34.81 15.63
C PHE G 59 -17.66 33.69 15.18
N MET G 60 -17.95 32.72 16.05
CA MET G 60 -18.74 31.55 15.69
C MET G 60 -19.15 30.71 16.87
N CYS G 61 -20.14 29.84 16.65
CA CYS G 61 -20.68 28.86 17.55
C CYS G 61 -20.22 27.52 17.01
N GLN G 62 -19.55 26.63 17.77
CA GLN G 62 -19.09 25.34 17.30
C GLN G 62 -19.74 24.24 18.12
N GLY G 63 -20.06 23.15 17.43
CA GLY G 63 -20.73 22.05 18.05
C GLY G 63 -20.49 20.80 17.23
N GLY G 64 -21.23 19.76 17.54
CA GLY G 64 -21.14 18.56 16.77
C GLY G 64 -20.29 17.46 17.36
N ASP G 65 -19.70 17.62 18.55
CA ASP G 65 -18.92 16.51 19.11
C ASP G 65 -19.86 15.59 19.84
N PHE G 66 -20.47 14.64 19.15
CA PHE G 66 -21.39 13.81 19.86
C PHE G 66 -20.66 12.67 20.52
N THR G 67 -19.36 12.36 20.34
CA THR G 67 -18.82 11.24 21.07
C THR G 67 -18.14 11.63 22.38
N ARG G 68 -17.36 12.71 22.39
CA ARG G 68 -16.66 13.16 23.58
C ARG G 68 -17.19 14.46 24.17
N HIS G 69 -18.06 15.16 23.46
CA HIS G 69 -18.74 16.35 23.94
C HIS G 69 -17.82 17.50 24.29
N ASN G 70 -16.58 17.57 23.78
CA ASN G 70 -15.70 18.68 24.12
C ASN G 70 -14.74 19.02 23.01
N GLY G 71 -15.05 18.77 21.76
CA GLY G 71 -14.13 19.14 20.70
C GLY G 71 -13.05 18.11 20.44
N THR G 72 -12.92 17.03 21.20
CA THR G 72 -11.85 16.09 20.87
C THR G 72 -12.33 14.91 20.05
N GLY G 73 -13.65 14.82 19.82
CA GLY G 73 -14.25 13.68 19.16
C GLY G 73 -15.18 14.03 18.02
N GLY G 74 -16.17 13.16 17.85
CA GLY G 74 -17.12 13.21 16.76
C GLY G 74 -16.68 12.22 15.67
N LYS G 75 -17.57 11.80 14.77
CA LYS G 75 -17.17 10.91 13.68
C LYS G 75 -18.07 11.17 12.49
N SER G 76 -17.64 10.83 11.27
CA SER G 76 -18.46 11.11 10.12
C SER G 76 -19.29 9.90 9.73
N ILE G 77 -20.14 9.97 8.71
CA ILE G 77 -20.86 8.78 8.28
C ILE G 77 -19.99 7.94 7.33
N TYR G 78 -18.72 8.32 7.10
CA TYR G 78 -17.85 7.60 6.19
C TYR G 78 -16.72 6.95 6.98
N GLY G 79 -16.71 7.11 8.29
CA GLY G 79 -15.63 6.63 9.14
C GLY G 79 -15.37 7.80 10.08
N GLU G 80 -14.27 7.83 10.82
CA GLU G 80 -14.06 8.95 11.74
C GLU G 80 -13.70 10.25 11.06
N LYS G 81 -13.02 10.24 9.91
CA LYS G 81 -12.59 11.47 9.26
C LYS G 81 -12.59 11.36 7.75
N PHE G 82 -12.71 12.43 6.96
CA PHE G 82 -12.65 12.35 5.51
C PHE G 82 -12.02 13.58 4.91
N GLU G 83 -11.84 13.59 3.60
CA GLU G 83 -11.10 14.65 2.93
C GLU G 83 -11.82 15.99 2.89
N ASP G 84 -11.07 17.03 2.56
CA ASP G 84 -11.64 18.33 2.38
C ASP G 84 -12.11 18.21 0.96
N GLU G 85 -13.43 18.28 0.85
CA GLU G 85 -14.07 18.06 -0.41
C GLU G 85 -13.64 19.05 -1.45
N ASN G 86 -13.70 20.33 -1.11
CA ASN G 86 -13.28 21.37 -2.00
C ASN G 86 -13.43 22.66 -1.25
N PHE G 87 -13.01 23.77 -1.84
CA PHE G 87 -13.10 25.07 -1.23
C PHE G 87 -13.75 26.06 -2.18
N ILE G 88 -14.84 25.68 -2.84
CA ILE G 88 -15.51 26.58 -3.77
C ILE G 88 -16.09 27.79 -3.03
N LEU G 89 -16.86 27.52 -1.95
CA LEU G 89 -17.57 28.55 -1.20
C LEU G 89 -16.70 29.19 -0.13
N LYS G 90 -16.89 30.48 0.15
CA LYS G 90 -16.01 31.16 1.08
C LYS G 90 -16.84 31.63 2.26
N HIS G 91 -16.15 32.08 3.32
CA HIS G 91 -16.77 32.52 4.55
C HIS G 91 -17.12 33.96 4.30
N THR G 92 -18.32 34.24 3.80
CA THR G 92 -18.68 35.60 3.43
C THR G 92 -19.46 36.41 4.45
N GLY G 93 -19.96 35.77 5.49
CA GLY G 93 -20.73 36.54 6.43
C GLY G 93 -21.36 35.63 7.46
N PRO G 94 -22.18 36.21 8.32
CA PRO G 94 -22.90 35.51 9.37
C PRO G 94 -23.74 34.43 8.79
N GLY G 95 -23.99 33.35 9.47
CA GLY G 95 -24.92 32.38 8.95
C GLY G 95 -24.23 31.33 8.11
N ILE G 96 -22.99 31.53 7.67
CA ILE G 96 -22.28 30.48 6.91
C ILE G 96 -21.94 29.32 7.84
N LEU G 97 -22.10 28.11 7.35
CA LEU G 97 -21.96 26.89 8.10
C LEU G 97 -20.78 26.27 7.45
N SER G 98 -19.77 26.02 8.27
CA SER G 98 -18.49 25.56 7.79
C SER G 98 -18.01 24.41 8.64
N MET G 99 -17.12 23.57 8.13
CA MET G 99 -16.63 22.38 8.82
C MET G 99 -15.41 22.68 9.72
N ALA G 100 -15.44 22.17 10.95
CA ALA G 100 -14.31 22.38 11.83
C ALA G 100 -13.40 21.24 11.47
N ASN G 101 -12.14 21.32 11.88
CA ASN G 101 -11.21 20.27 11.55
C ASN G 101 -9.98 20.41 12.42
N ALA G 102 -9.05 19.49 12.30
CA ALA G 102 -7.84 19.52 13.09
C ALA G 102 -6.66 19.54 12.12
N GLY G 103 -6.81 20.42 11.13
CA GLY G 103 -5.87 20.55 10.04
C GLY G 103 -6.52 19.99 8.78
N PRO G 104 -5.87 19.84 7.63
CA PRO G 104 -6.50 19.39 6.39
C PRO G 104 -6.89 17.92 6.38
N ASN G 105 -7.95 17.58 5.65
CA ASN G 105 -8.47 16.23 5.50
C ASN G 105 -8.74 15.50 6.81
N THR G 106 -9.26 16.25 7.77
CA THR G 106 -9.61 15.71 9.07
C THR G 106 -11.06 16.05 9.42
N ASN G 107 -11.97 16.14 8.46
CA ASN G 107 -13.37 16.48 8.73
C ASN G 107 -14.09 15.32 9.41
N GLY G 108 -14.93 15.55 10.43
CA GLY G 108 -15.63 14.47 11.09
C GLY G 108 -17.07 14.92 11.18
N SER G 109 -17.46 15.40 12.36
CA SER G 109 -18.81 15.90 12.47
C SER G 109 -18.89 17.29 13.02
N GLN G 110 -17.82 17.88 13.51
CA GLN G 110 -17.86 19.20 14.09
C GLN G 110 -17.97 20.19 12.97
N PHE G 111 -18.79 21.20 13.26
CA PHE G 111 -19.14 22.28 12.34
C PHE G 111 -19.12 23.55 13.16
N PHE G 112 -19.16 24.72 12.53
CA PHE G 112 -19.31 25.96 13.28
C PHE G 112 -20.19 26.86 12.45
N ILE G 113 -20.97 27.72 13.10
CA ILE G 113 -21.87 28.65 12.41
C ILE G 113 -21.18 29.96 12.65
N CYS G 114 -20.83 30.70 11.60
CA CYS G 114 -20.18 31.97 11.72
C CYS G 114 -21.17 33.02 12.17
N THR G 115 -20.79 34.01 12.98
CA THR G 115 -21.67 35.12 13.32
C THR G 115 -20.97 36.39 12.86
N ALA G 116 -19.99 36.26 11.95
CA ALA G 116 -19.32 37.41 11.41
C ALA G 116 -18.66 36.92 10.14
N LYS G 117 -18.07 37.82 9.38
CA LYS G 117 -17.35 37.49 8.18
C LYS G 117 -16.00 37.03 8.68
N THR G 118 -15.61 35.82 8.32
CA THR G 118 -14.33 35.32 8.74
C THR G 118 -13.46 34.88 7.58
N GLU G 119 -13.14 35.78 6.67
CA GLU G 119 -12.28 35.51 5.52
C GLU G 119 -10.97 34.82 5.86
N TRP G 120 -10.37 34.97 7.04
CA TRP G 120 -9.14 34.23 7.34
C TRP G 120 -9.27 32.72 7.33
N LEU G 121 -10.51 32.22 7.32
CA LEU G 121 -10.73 30.79 7.42
C LEU G 121 -10.80 30.16 6.05
N ASP G 122 -10.99 30.99 5.04
CA ASP G 122 -11.04 30.57 3.67
C ASP G 122 -9.82 29.76 3.25
N GLY G 123 -10.16 28.69 2.55
CA GLY G 123 -9.14 27.79 2.08
C GLY G 123 -8.72 26.82 3.16
N LYS G 124 -9.20 26.97 4.40
CA LYS G 124 -8.81 26.06 5.46
C LYS G 124 -9.97 25.28 6.04
N HIS G 125 -11.25 25.63 5.81
CA HIS G 125 -12.38 24.88 6.40
C HIS G 125 -13.38 24.81 5.29
N VAL G 126 -13.99 23.66 5.01
CA VAL G 126 -14.88 23.56 3.88
C VAL G 126 -16.18 24.25 4.26
N VAL G 127 -16.76 25.17 3.48
CA VAL G 127 -18.07 25.77 3.76
C VAL G 127 -19.06 24.87 3.03
N PHE G 128 -20.20 24.50 3.61
CA PHE G 128 -21.13 23.63 2.92
C PHE G 128 -22.58 23.96 3.17
N GLY G 129 -22.95 25.10 3.78
CA GLY G 129 -24.34 25.41 4.04
C GLY G 129 -24.47 26.82 4.60
N LYS G 130 -25.68 27.34 4.81
CA LYS G 130 -25.88 28.65 5.43
C LYS G 130 -27.21 28.58 6.16
N VAL G 131 -27.38 29.38 7.20
CA VAL G 131 -28.61 29.54 7.96
C VAL G 131 -29.62 30.04 6.95
N LYS G 132 -30.83 29.51 7.05
CA LYS G 132 -31.94 29.86 6.19
C LYS G 132 -32.88 30.69 7.08
N GLU G 133 -33.42 30.11 8.17
CA GLU G 133 -34.34 30.72 9.10
C GLU G 133 -33.61 30.73 10.45
N GLY G 134 -33.72 31.68 11.39
CA GLY G 134 -33.19 31.49 12.74
C GLY G 134 -31.89 32.17 13.13
N MET G 135 -31.44 33.19 12.43
CA MET G 135 -30.11 33.75 12.68
C MET G 135 -30.12 34.50 13.99
N ASN G 136 -31.22 35.13 14.39
CA ASN G 136 -31.29 35.77 15.67
C ASN G 136 -31.27 34.73 16.77
N ILE G 137 -31.59 33.45 16.52
CA ILE G 137 -31.46 32.40 17.54
C ILE G 137 -29.96 32.10 17.66
N VAL G 138 -29.21 32.16 16.56
CA VAL G 138 -27.76 31.95 16.63
C VAL G 138 -27.14 33.13 17.35
N GLU G 139 -27.54 34.35 17.06
CA GLU G 139 -27.07 35.55 17.72
C GLU G 139 -27.37 35.50 19.20
N ALA G 140 -28.60 35.27 19.64
CA ALA G 140 -28.87 35.12 21.07
C ALA G 140 -28.00 34.08 21.77
N MET G 141 -27.65 32.97 21.10
CA MET G 141 -26.75 31.96 21.65
C MET G 141 -25.42 32.56 22.04
N GLU G 142 -24.94 33.59 21.35
CA GLU G 142 -23.63 34.13 21.65
C GLU G 142 -23.50 34.57 23.09
N ARG G 143 -24.59 35.05 23.63
CA ARG G 143 -24.52 35.52 25.00
C ARG G 143 -24.18 34.50 26.07
N PHE G 144 -24.29 33.23 25.73
CA PHE G 144 -23.98 32.20 26.67
C PHE G 144 -22.53 31.72 26.43
N GLY G 145 -21.67 32.37 25.64
CA GLY G 145 -20.30 31.93 25.40
C GLY G 145 -19.27 32.91 25.96
N SER G 146 -17.99 32.84 25.60
CA SER G 146 -16.99 33.75 26.15
C SER G 146 -15.82 33.95 25.21
N ARG G 147 -14.88 34.88 25.42
CA ARG G 147 -13.70 35.08 24.57
C ARG G 147 -12.96 33.79 24.22
N ASN G 148 -12.78 32.91 25.21
CA ASN G 148 -12.08 31.66 25.01
C ASN G 148 -12.99 30.52 24.59
N GLY G 149 -14.30 30.72 24.52
CA GLY G 149 -15.15 29.69 24.00
C GLY G 149 -15.99 29.01 25.01
N LYS G 150 -15.55 28.96 26.24
CA LYS G 150 -16.26 28.28 27.29
C LYS G 150 -17.68 28.81 27.35
N THR G 151 -18.73 27.99 27.44
CA THR G 151 -20.07 28.54 27.51
C THR G 151 -20.55 28.52 28.95
N SER G 152 -21.48 29.37 29.32
CA SER G 152 -21.93 29.44 30.69
C SER G 152 -23.06 28.52 31.04
N LYS G 153 -23.81 28.02 30.06
CA LYS G 153 -24.98 27.20 30.30
C LYS G 153 -24.83 26.10 29.27
N LYS G 154 -25.55 25.00 29.39
CA LYS G 154 -25.42 23.92 28.44
C LYS G 154 -26.26 24.32 27.25
N ILE G 155 -25.79 24.40 25.98
CA ILE G 155 -26.64 24.79 24.85
C ILE G 155 -26.79 23.54 24.00
N THR G 156 -27.94 22.93 23.86
CA THR G 156 -28.10 21.66 23.15
C THR G 156 -28.92 21.74 21.91
N ILE G 157 -28.65 20.76 21.08
CA ILE G 157 -29.44 20.51 19.89
C ILE G 157 -30.54 19.62 20.47
N ALA G 158 -31.67 20.17 20.89
CA ALA G 158 -32.74 19.37 21.49
C ALA G 158 -33.33 18.35 20.51
N ASP G 159 -33.54 18.76 19.27
CA ASP G 159 -34.03 17.87 18.23
C ASP G 159 -33.46 18.41 16.94
N CYS G 160 -33.36 17.60 15.91
CA CYS G 160 -32.90 18.02 14.59
C CYS G 160 -33.40 16.99 13.62
N GLY G 161 -33.52 17.39 12.36
CA GLY G 161 -33.99 16.51 11.33
C GLY G 161 -33.98 17.19 9.98
N GLN G 162 -34.59 16.57 9.00
CA GLN G 162 -34.64 17.13 7.68
C GLN G 162 -36.04 17.66 7.48
N LEU G 163 -36.16 18.79 6.80
CA LEU G 163 -37.43 19.45 6.53
C LEU G 163 -37.81 19.21 5.07
N GLU G 164 -36.83 19.41 4.22
CA GLU G 164 -36.94 19.24 2.80
C GLU G 164 -35.54 18.78 2.33
N PRO H 147 -3.27 -19.16 -59.28
CA PRO H 147 -3.09 -20.62 -59.17
C PRO H 147 -3.63 -21.19 -57.86
N THR H 148 -3.33 -20.53 -56.73
CA THR H 148 -3.79 -21.02 -55.43
C THR H 148 -4.49 -19.89 -54.69
N SER H 149 -5.23 -20.27 -53.66
CA SER H 149 -5.92 -19.28 -52.84
C SER H 149 -4.95 -18.65 -51.83
N ILE H 150 -5.38 -17.53 -51.26
CA ILE H 150 -4.54 -16.84 -50.27
C ILE H 150 -4.47 -17.62 -48.97
N LEU H 151 -5.48 -18.46 -48.70
CA LEU H 151 -5.46 -19.26 -47.49
C LEU H 151 -4.48 -20.41 -47.55
N ASP H 152 -4.06 -20.81 -48.75
CA ASP H 152 -3.15 -21.92 -48.95
C ASP H 152 -1.68 -21.52 -48.90
N ILE H 153 -1.38 -20.23 -48.85
CA ILE H 153 0.00 -19.77 -48.84
C ILE H 153 0.65 -20.12 -47.51
N ARG H 154 1.68 -20.96 -47.56
CA ARG H 154 2.41 -21.37 -46.38
C ARG H 154 3.89 -21.44 -46.69
N GLN H 155 4.72 -21.06 -45.73
CA GLN H 155 6.16 -21.02 -45.92
C GLN H 155 6.76 -22.41 -45.73
N GLY H 156 7.78 -22.71 -46.52
CA GLY H 156 8.52 -23.94 -46.39
C GLY H 156 9.42 -23.92 -45.16
N PRO H 157 9.96 -25.08 -44.80
CA PRO H 157 10.82 -25.14 -43.60
C PRO H 157 12.06 -24.28 -43.71
N LYS H 158 12.74 -24.29 -44.86
CA LYS H 158 13.95 -23.49 -45.06
C LYS H 158 13.73 -22.42 -46.11
N GLU H 159 12.52 -22.30 -46.63
CA GLU H 159 12.23 -21.22 -47.58
C GLU H 159 12.37 -19.88 -46.87
N PRO H 160 13.24 -18.98 -47.36
CA PRO H 160 13.48 -17.73 -46.63
C PRO H 160 12.23 -16.89 -46.51
N PHE H 161 12.23 -15.99 -45.54
CA PHE H 161 11.08 -15.12 -45.34
C PHE H 161 10.84 -14.23 -46.55
N ARG H 162 11.90 -13.92 -47.31
CA ARG H 162 11.76 -13.03 -48.47
C ARG H 162 10.81 -13.63 -49.49
N ASP H 163 11.12 -14.84 -49.97
CA ASP H 163 10.27 -15.48 -50.97
C ASP H 163 8.87 -15.71 -50.43
N TYR H 164 8.75 -16.07 -49.15
CA TYR H 164 7.42 -16.32 -48.58
C TYR H 164 6.57 -15.06 -48.61
N VAL H 165 7.10 -13.93 -48.12
CA VAL H 165 6.30 -12.73 -48.08
C VAL H 165 6.04 -12.21 -49.49
N ASP H 166 7.00 -12.38 -50.40
CA ASP H 166 6.79 -11.96 -51.78
C ASP H 166 5.64 -12.72 -52.41
N ARG H 167 5.67 -14.06 -52.32
CA ARG H 167 4.62 -14.87 -52.89
C ARG H 167 3.28 -14.60 -52.23
N PHE H 168 3.29 -14.40 -50.91
CA PHE H 168 2.04 -14.14 -50.19
C PHE H 168 1.41 -12.83 -50.64
N TYR H 169 2.20 -11.76 -50.71
CA TYR H 169 1.65 -10.48 -51.16
C TYR H 169 1.26 -10.51 -52.63
N LYS H 170 1.97 -11.28 -53.45
CA LYS H 170 1.59 -11.39 -54.85
C LYS H 170 0.23 -12.07 -54.99
N THR H 171 0.04 -13.19 -54.29
CA THR H 171 -1.26 -13.86 -54.32
C THR H 171 -2.35 -13.00 -53.70
N LEU H 172 -2.02 -12.21 -52.67
CA LEU H 172 -3.02 -11.34 -52.06
C LEU H 172 -3.44 -10.22 -53.00
N ARG H 173 -2.48 -9.68 -53.78
CA ARG H 173 -2.84 -8.65 -54.75
C ARG H 173 -3.64 -9.23 -55.90
N ALA H 174 -3.27 -10.43 -56.36
CA ALA H 174 -4.05 -11.09 -57.40
C ALA H 174 -5.45 -11.44 -56.91
N GLU H 175 -5.60 -11.77 -55.63
CA GLU H 175 -6.89 -12.06 -55.07
C GLU H 175 -7.78 -10.81 -55.08
N GLN H 176 -9.08 -11.03 -55.05
CA GLN H 176 -10.07 -9.95 -55.09
C GLN H 176 -10.83 -9.91 -53.78
N ALA H 177 -10.75 -8.78 -53.09
CA ALA H 177 -11.47 -8.55 -51.85
C ALA H 177 -11.36 -7.07 -51.51
N SER H 178 -12.23 -6.61 -50.61
CA SER H 178 -12.17 -5.22 -50.17
C SER H 178 -10.93 -4.99 -49.33
N GLN H 179 -10.41 -3.76 -49.41
CA GLN H 179 -9.20 -3.43 -48.65
C GLN H 179 -9.41 -3.58 -47.16
N GLU H 180 -10.63 -3.35 -46.67
CA GLU H 180 -10.90 -3.48 -45.25
C GLU H 180 -10.75 -4.92 -44.79
N VAL H 181 -11.14 -5.89 -45.63
CA VAL H 181 -10.95 -7.29 -45.28
C VAL H 181 -9.47 -7.65 -45.31
N LYS H 182 -8.72 -7.08 -46.27
CA LYS H 182 -7.28 -7.35 -46.36
C LYS H 182 -6.54 -6.89 -45.11
N ASN H 183 -7.01 -5.81 -44.47
CA ASN H 183 -6.35 -5.30 -43.26
C ASN H 183 -6.36 -6.34 -42.15
N TRP H 184 -7.46 -7.09 -42.02
CA TRP H 184 -7.49 -8.19 -41.06
C TRP H 184 -6.78 -9.42 -41.60
N MET H 185 -6.88 -9.66 -42.91
CA MET H 185 -6.29 -10.85 -43.50
C MET H 185 -4.78 -10.87 -43.31
N THR H 186 -4.12 -9.73 -43.50
CA THR H 186 -2.67 -9.70 -43.34
C THR H 186 -2.27 -9.98 -41.89
N GLU H 187 -2.86 -9.26 -40.93
CA GLU H 187 -2.51 -9.44 -39.53
C GLU H 187 -2.91 -10.81 -39.00
N THR H 188 -3.79 -11.53 -39.70
CA THR H 188 -4.16 -12.86 -39.27
C THR H 188 -3.37 -13.97 -39.97
N LEU H 189 -2.88 -13.74 -41.18
CA LEU H 189 -2.27 -14.80 -41.97
C LEU H 189 -0.77 -14.68 -42.14
N LEU H 190 -0.20 -13.47 -42.13
CA LEU H 190 1.22 -13.31 -42.45
C LEU H 190 2.09 -13.98 -41.40
N VAL H 191 1.83 -13.72 -40.12
CA VAL H 191 2.69 -14.24 -39.06
C VAL H 191 2.41 -15.71 -38.80
N GLN H 192 1.16 -16.14 -38.98
CA GLN H 192 0.77 -17.49 -38.61
C GLN H 192 1.41 -18.53 -39.54
N ASN H 193 1.45 -18.25 -40.84
CA ASN H 193 1.93 -19.22 -41.81
C ASN H 193 3.45 -19.24 -41.95
N ALA H 194 4.17 -18.48 -41.14
CA ALA H 194 5.62 -18.42 -41.25
C ALA H 194 6.26 -19.64 -40.60
N ASN H 195 7.58 -19.72 -40.73
CA ASN H 195 8.34 -20.78 -40.09
C ASN H 195 8.30 -20.62 -38.57
N PRO H 196 8.30 -21.73 -37.82
CA PRO H 196 8.15 -21.64 -36.36
C PRO H 196 9.17 -20.70 -35.71
N ASP H 197 10.45 -20.81 -36.08
CA ASP H 197 11.45 -19.91 -35.51
C ASP H 197 11.16 -18.47 -35.89
N CYS H 198 10.94 -18.19 -37.18
CA CYS H 198 10.57 -16.85 -37.58
C CYS H 198 9.19 -16.47 -37.05
N LYS H 199 8.32 -17.45 -36.83
CA LYS H 199 7.03 -17.13 -36.20
C LYS H 199 7.23 -16.54 -34.81
N THR H 200 8.04 -17.21 -33.98
CA THR H 200 8.33 -16.66 -32.66
C THR H 200 9.09 -15.34 -32.75
N ILE H 201 9.97 -15.21 -33.75
CA ILE H 201 10.72 -13.96 -33.92
C ILE H 201 9.79 -12.80 -34.22
N LEU H 202 8.79 -13.01 -35.08
CA LEU H 202 7.84 -11.94 -35.38
C LEU H 202 6.88 -11.70 -34.23
N LYS H 203 6.50 -12.76 -33.50
CA LYS H 203 5.62 -12.58 -32.36
C LYS H 203 6.32 -11.85 -31.23
N ALA H 204 7.65 -11.94 -31.16
CA ALA H 204 8.39 -11.18 -30.17
C ALA H 204 8.33 -9.68 -30.45
N LEU H 205 8.15 -9.30 -31.71
CA LEU H 205 8.06 -7.88 -32.05
C LEU H 205 6.71 -7.29 -31.65
N GLY H 206 5.64 -8.07 -31.72
CA GLY H 206 4.32 -7.59 -31.39
C GLY H 206 3.32 -7.83 -32.51
N PRO H 207 2.03 -7.79 -32.17
CA PRO H 207 1.01 -8.06 -33.20
C PRO H 207 0.91 -6.96 -34.23
N ALA H 208 0.99 -5.69 -33.82
CA ALA H 208 0.82 -4.56 -34.72
C ALA H 208 2.15 -4.07 -35.30
N ALA H 209 3.15 -4.96 -35.39
CA ALA H 209 4.43 -4.56 -35.96
C ALA H 209 4.30 -4.32 -37.45
N THR H 210 5.04 -3.32 -37.95
CA THR H 210 4.99 -2.98 -39.35
C THR H 210 5.74 -4.03 -40.18
N LEU H 211 5.63 -3.90 -41.50
CA LEU H 211 6.24 -4.88 -42.39
C LEU H 211 7.76 -4.78 -42.36
N GLU H 212 8.30 -3.56 -42.30
CA GLU H 212 9.75 -3.41 -42.33
C GLU H 212 10.42 -3.97 -41.08
N GLU H 213 9.82 -3.77 -39.91
CA GLU H 213 10.39 -4.33 -38.69
C GLU H 213 10.29 -5.85 -38.70
N MET H 214 9.13 -6.39 -39.09
CA MET H 214 8.98 -7.83 -39.23
C MET H 214 10.01 -8.40 -40.19
N MET H 215 10.32 -7.68 -41.27
CA MET H 215 11.33 -8.15 -42.22
C MET H 215 12.72 -8.13 -41.60
N THR H 216 13.13 -6.97 -41.08
CA THR H 216 14.48 -6.86 -40.53
C THR H 216 14.68 -7.75 -39.32
N ALA H 217 13.59 -8.28 -38.74
CA ALA H 217 13.72 -9.25 -37.67
C ALA H 217 14.43 -10.51 -38.15
N CYS H 218 13.83 -11.20 -39.13
CA CYS H 218 14.40 -12.43 -39.67
C CYS H 218 15.34 -12.18 -40.85
N GLN H 219 15.91 -10.99 -40.96
CA GLN H 219 16.80 -10.70 -42.09
C GLN H 219 18.09 -11.50 -41.98
N GLY H 220 18.28 -12.42 -42.93
CA GLY H 220 19.46 -13.26 -42.94
C GLY H 220 19.38 -14.43 -41.98
N PRO I 1 -42.39 -9.47 -21.06
CA PRO I 1 -43.65 -9.23 -21.79
C PRO I 1 -44.35 -7.95 -21.36
N ILE I 2 -45.62 -7.80 -21.73
CA ILE I 2 -46.41 -6.64 -21.33
C ILE I 2 -47.58 -7.11 -20.48
N VAL I 3 -47.39 -7.13 -19.17
CA VAL I 3 -48.45 -7.57 -18.27
C VAL I 3 -49.46 -6.45 -18.10
N GLN I 4 -50.74 -6.80 -18.17
CA GLN I 4 -51.83 -5.84 -17.99
C GLN I 4 -52.19 -5.78 -16.51
N ASN I 5 -51.89 -4.66 -15.87
CA ASN I 5 -52.20 -4.50 -14.47
C ASN I 5 -53.71 -4.55 -14.24
N ILE I 6 -54.12 -5.14 -13.12
CA ILE I 6 -55.54 -5.26 -12.81
C ILE I 6 -56.09 -3.87 -12.50
N GLN I 7 -57.00 -3.40 -13.35
CA GLN I 7 -57.54 -2.04 -13.25
C GLN I 7 -56.40 -1.04 -13.24
N GLY I 8 -55.71 -0.95 -14.36
CA GLY I 8 -54.57 -0.06 -14.48
C GLY I 8 -53.97 -0.14 -15.86
N GLN I 9 -52.86 0.59 -16.03
CA GLN I 9 -52.16 0.61 -17.31
C GLN I 9 -51.41 -0.70 -17.52
N MET I 10 -51.24 -1.06 -18.79
CA MET I 10 -50.47 -2.26 -19.15
C MET I 10 -48.99 -1.97 -18.96
N VAL I 11 -48.50 -2.23 -17.75
CA VAL I 11 -47.12 -1.91 -17.39
C VAL I 11 -46.18 -2.90 -18.06
N HIS I 12 -45.06 -2.38 -18.56
CA HIS I 12 -44.03 -3.24 -19.14
C HIS I 12 -43.27 -3.97 -18.04
N GLN I 13 -42.85 -5.20 -18.36
CA GLN I 13 -42.15 -6.03 -17.40
C GLN I 13 -41.10 -6.84 -18.14
N ALA I 14 -39.87 -6.82 -17.63
CA ALA I 14 -38.79 -7.58 -18.25
C ALA I 14 -39.08 -9.07 -18.17
N ILE I 15 -38.58 -9.82 -19.16
CA ILE I 15 -38.81 -11.26 -19.20
C ILE I 15 -38.17 -11.90 -17.97
N SER I 16 -38.96 -12.71 -17.26
CA SER I 16 -38.46 -13.37 -16.08
C SER I 16 -37.40 -14.40 -16.46
N PRO I 17 -36.42 -14.64 -15.59
CA PRO I 17 -35.40 -15.66 -15.90
C PRO I 17 -35.99 -17.05 -16.08
N ARG I 18 -37.15 -17.32 -15.50
CA ARG I 18 -37.76 -18.65 -15.64
C ARG I 18 -38.13 -18.93 -17.08
N THR I 19 -38.67 -17.92 -17.78
CA THR I 19 -39.05 -18.10 -19.18
C THR I 19 -37.85 -18.48 -20.03
N LEU I 20 -36.75 -17.71 -19.91
CA LEU I 20 -35.56 -18.01 -20.68
C LEU I 20 -34.93 -19.34 -20.29
N ASN I 21 -34.98 -19.69 -19.00
CA ASN I 21 -34.43 -20.99 -18.59
C ASN I 21 -35.23 -22.13 -19.19
N ALA I 22 -36.56 -22.05 -19.14
CA ALA I 22 -37.38 -23.08 -19.78
C ALA I 22 -37.15 -23.14 -21.28
N TRP I 23 -36.97 -21.97 -21.92
CA TRP I 23 -36.76 -21.95 -23.37
C TRP I 23 -35.44 -22.62 -23.74
N VAL I 24 -34.36 -22.26 -23.04
CA VAL I 24 -33.08 -22.88 -23.36
C VAL I 24 -33.10 -24.37 -23.01
N LYS I 25 -33.81 -24.75 -21.95
CA LYS I 25 -33.90 -26.16 -21.60
C LYS I 25 -34.62 -26.96 -22.69
N VAL I 26 -35.74 -26.44 -23.19
CA VAL I 26 -36.49 -27.20 -24.20
C VAL I 26 -35.72 -27.22 -25.52
N VAL I 27 -35.05 -26.12 -25.88
CA VAL I 27 -34.33 -26.11 -27.15
C VAL I 27 -33.07 -26.96 -27.04
N GLU I 28 -32.59 -27.21 -25.82
CA GLU I 28 -31.42 -28.07 -25.66
C GLU I 28 -31.81 -29.54 -25.62
N GLU I 29 -32.77 -29.87 -24.77
CA GLU I 29 -33.24 -31.27 -24.56
C GLU I 29 -34.04 -31.84 -25.74
N LYS I 30 -34.96 -31.07 -26.32
CA LYS I 30 -35.88 -31.59 -27.38
C LYS I 30 -35.45 -31.22 -28.81
N ALA I 31 -34.26 -30.60 -28.99
CA ALA I 31 -33.80 -30.23 -30.34
C ALA I 31 -34.88 -29.37 -31.03
N PHE I 32 -35.34 -29.76 -32.23
CA PHE I 32 -36.36 -28.97 -32.94
C PHE I 32 -37.55 -29.84 -33.38
N SER I 33 -38.39 -30.24 -32.41
CA SER I 33 -39.62 -31.04 -32.68
C SER I 33 -40.73 -30.10 -33.19
N PRO I 34 -41.80 -30.61 -33.80
CA PRO I 34 -42.89 -29.78 -34.30
C PRO I 34 -43.56 -28.99 -33.16
N GLU I 35 -43.71 -29.63 -32.00
CA GLU I 35 -44.36 -29.02 -30.79
C GLU I 35 -43.58 -27.84 -30.22
N VAL I 36 -42.27 -27.73 -30.47
CA VAL I 36 -41.49 -26.61 -29.87
C VAL I 36 -42.13 -25.31 -30.34
N ILE I 37 -42.51 -25.21 -31.62
CA ILE I 37 -43.19 -23.99 -32.08
C ILE I 37 -44.39 -23.64 -31.20
N PRO I 38 -45.27 -24.59 -30.85
CA PRO I 38 -46.36 -24.22 -29.91
C PRO I 38 -45.83 -23.78 -28.54
N MET I 39 -44.80 -24.45 -28.02
CA MET I 39 -44.27 -24.06 -26.73
C MET I 39 -43.59 -22.70 -26.80
N PHE I 40 -42.94 -22.39 -27.92
CA PHE I 40 -42.35 -21.06 -28.10
C PHE I 40 -43.43 -20.00 -28.16
N SER I 41 -44.51 -20.26 -28.91
CA SER I 41 -45.62 -19.30 -28.95
C SER I 41 -46.31 -19.19 -27.61
N ALA I 42 -46.22 -20.21 -26.76
CA ALA I 42 -46.83 -20.17 -25.44
C ALA I 42 -45.99 -19.35 -24.46
N LEU I 43 -44.69 -19.61 -24.40
CA LEU I 43 -43.82 -18.90 -23.45
C LEU I 43 -43.79 -17.41 -23.74
N SER I 44 -43.69 -17.04 -25.01
CA SER I 44 -43.61 -15.63 -25.42
C SER I 44 -45.00 -15.17 -25.85
N GLU I 45 -45.70 -14.52 -24.92
CA GLU I 45 -47.01 -13.96 -25.18
C GLU I 45 -47.01 -12.47 -24.85
N GLY I 46 -47.40 -11.65 -25.82
CA GLY I 46 -47.38 -10.21 -25.64
C GLY I 46 -46.00 -9.66 -25.36
N ALA I 47 -44.97 -10.23 -25.98
CA ALA I 47 -43.59 -9.85 -25.72
C ALA I 47 -43.11 -8.87 -26.79
N THR I 48 -42.29 -7.90 -26.37
CA THR I 48 -41.71 -6.95 -27.29
C THR I 48 -40.70 -7.64 -28.21
N PRO I 49 -40.42 -7.04 -29.37
CA PRO I 49 -39.36 -7.63 -30.23
C PRO I 49 -38.03 -7.76 -29.53
N GLN I 50 -37.74 -6.91 -28.55
CA GLN I 50 -36.54 -7.09 -27.75
C GLN I 50 -36.58 -8.40 -26.99
N ASP I 51 -37.74 -8.75 -26.43
CA ASP I 51 -37.87 -10.03 -25.73
C ASP I 51 -37.65 -11.19 -26.67
N LEU I 52 -38.18 -11.12 -27.90
CA LEU I 52 -38.02 -12.21 -28.84
C LEU I 52 -36.58 -12.31 -29.33
N ASN I 53 -35.90 -11.19 -29.53
CA ASN I 53 -34.49 -11.24 -29.87
C ASN I 53 -33.66 -11.82 -28.73
N THR I 54 -34.01 -11.52 -27.48
CA THR I 54 -33.31 -12.12 -26.36
C THR I 54 -33.57 -13.63 -26.29
N MET I 55 -34.80 -14.05 -26.56
CA MET I 55 -35.13 -15.47 -26.55
C MET I 55 -34.45 -16.22 -27.68
N LEU I 56 -34.22 -15.57 -28.82
CA LEU I 56 -33.54 -16.23 -29.93
C LEU I 56 -32.03 -16.24 -29.75
N ASN I 57 -31.44 -15.17 -29.19
CA ASN I 57 -29.99 -15.13 -29.04
C ASN I 57 -29.50 -16.09 -27.97
N THR I 58 -30.35 -16.38 -26.98
CA THR I 58 -29.94 -17.27 -25.90
C THR I 58 -29.77 -18.71 -26.37
N VAL I 59 -30.30 -19.03 -27.55
CA VAL I 59 -30.16 -20.39 -28.08
C VAL I 59 -28.70 -20.69 -28.33
N GLY I 60 -28.23 -21.80 -27.78
CA GLY I 60 -26.84 -22.21 -27.95
C GLY I 60 -26.70 -23.40 -28.87
N GLY I 61 -25.89 -23.25 -29.92
CA GLY I 61 -25.67 -24.33 -30.92
C GLY I 61 -26.67 -24.25 -32.06
N HIS I 62 -26.60 -25.20 -33.01
CA HIS I 62 -27.53 -25.23 -34.18
C HIS I 62 -27.51 -23.85 -34.85
N GLN I 63 -26.31 -23.31 -35.09
CA GLN I 63 -26.16 -21.96 -35.61
C GLN I 63 -26.63 -21.85 -37.07
N ALA I 64 -26.64 -22.98 -37.79
CA ALA I 64 -27.18 -22.95 -39.14
C ALA I 64 -28.68 -22.64 -39.12
N ALA I 65 -29.40 -23.23 -38.17
CA ALA I 65 -30.83 -22.95 -38.04
C ALA I 65 -31.06 -21.50 -37.65
N MET I 66 -30.22 -20.95 -36.77
CA MET I 66 -30.35 -19.54 -36.41
C MET I 66 -30.05 -18.63 -37.58
N GLN I 67 -29.07 -18.98 -38.41
CA GLN I 67 -28.79 -18.15 -39.59
C GLN I 67 -29.93 -18.23 -40.60
N MET I 68 -30.53 -19.41 -40.77
CA MET I 68 -31.69 -19.53 -41.65
C MET I 68 -32.87 -18.71 -41.11
N LEU I 69 -33.07 -18.72 -39.80
CA LEU I 69 -34.13 -17.93 -39.21
C LEU I 69 -33.90 -16.44 -39.40
N LYS I 70 -32.65 -15.99 -39.23
CA LYS I 70 -32.35 -14.59 -39.47
C LYS I 70 -32.52 -14.21 -40.93
N GLU I 71 -32.17 -15.12 -41.84
CA GLU I 71 -32.38 -14.87 -43.27
C GLU I 71 -33.87 -14.77 -43.60
N THR I 72 -34.69 -15.63 -42.98
CA THR I 72 -36.13 -15.55 -43.19
C THR I 72 -36.69 -14.24 -42.64
N ILE I 73 -36.23 -13.82 -41.46
CA ILE I 73 -36.67 -12.54 -40.92
C ILE I 73 -36.26 -11.40 -41.84
N ASN I 74 -35.07 -11.47 -42.42
CA ASN I 74 -34.62 -10.43 -43.34
C ASN I 74 -35.47 -10.40 -44.61
N GLU I 75 -35.82 -11.58 -45.14
CA GLU I 75 -36.68 -11.63 -46.32
C GLU I 75 -38.06 -11.05 -46.03
N GLU I 76 -38.63 -11.40 -44.87
CA GLU I 76 -39.94 -10.87 -44.51
C GLU I 76 -39.88 -9.36 -44.32
N ALA I 77 -38.79 -8.86 -43.73
CA ALA I 77 -38.65 -7.41 -43.54
C ALA I 77 -38.50 -6.70 -44.89
N ALA I 78 -37.76 -7.31 -45.82
CA ALA I 78 -37.63 -6.72 -47.15
C ALA I 78 -38.97 -6.68 -47.86
N GLU I 79 -39.75 -7.75 -47.77
CA GLU I 79 -41.08 -7.77 -48.38
C GLU I 79 -41.98 -6.70 -47.76
N TRP I 80 -41.96 -6.60 -46.43
CA TRP I 80 -42.78 -5.59 -45.75
C TRP I 80 -42.38 -4.18 -46.17
N ASP I 81 -41.08 -3.91 -46.27
CA ASP I 81 -40.63 -2.59 -46.68
C ASP I 81 -40.92 -2.31 -48.15
N ARG I 82 -40.98 -3.35 -48.98
CA ARG I 82 -41.28 -3.15 -50.39
C ARG I 82 -42.77 -2.86 -50.60
N VAL I 83 -43.64 -3.61 -49.94
CA VAL I 83 -45.08 -3.44 -50.15
C VAL I 83 -45.69 -2.40 -49.21
N HIS I 84 -44.87 -1.65 -48.46
CA HIS I 84 -45.36 -0.58 -47.59
C HIS I 84 -44.43 0.61 -47.67
N PRO I 85 -44.89 1.73 -48.23
CA PRO I 85 -44.04 2.93 -48.27
C PRO I 85 -43.82 3.49 -46.87
N VAL I 86 -42.64 4.08 -46.67
CA VAL I 86 -42.25 4.65 -45.38
C VAL I 86 -42.26 6.16 -45.51
N HIS I 87 -43.06 6.82 -44.67
CA HIS I 87 -43.12 8.27 -44.66
C HIS I 87 -41.96 8.85 -43.86
N ALA I 88 -41.66 10.12 -44.12
CA ALA I 88 -40.55 10.81 -43.47
C ALA I 88 -40.95 12.26 -43.24
N GLY I 89 -39.98 13.07 -42.83
CA GLY I 89 -40.20 14.48 -42.58
C GLY I 89 -40.68 14.74 -41.17
N PRO I 90 -41.13 15.95 -40.90
CA PRO I 90 -41.65 16.27 -39.56
C PRO I 90 -42.93 15.48 -39.27
N ILE I 91 -42.99 14.94 -38.06
CA ILE I 91 -44.09 14.10 -37.62
C ILE I 91 -44.83 14.81 -36.49
N ALA I 92 -46.15 14.77 -36.56
CA ALA I 92 -46.98 15.44 -35.56
C ALA I 92 -46.75 14.81 -34.19
N PRO I 93 -46.75 15.59 -33.11
CA PRO I 93 -46.53 15.00 -31.78
C PRO I 93 -47.68 14.11 -31.36
N GLY I 94 -47.39 13.18 -30.46
CA GLY I 94 -48.38 12.23 -29.99
C GLY I 94 -48.70 11.12 -30.97
N GLN I 95 -48.03 11.07 -32.12
CA GLN I 95 -48.26 10.04 -33.13
C GLN I 95 -46.91 9.53 -33.59
N MET I 96 -46.65 8.25 -33.36
CA MET I 96 -45.38 7.65 -33.77
C MET I 96 -45.29 7.56 -35.29
N ARG I 97 -44.05 7.46 -35.78
CA ARG I 97 -43.82 7.43 -37.21
C ARG I 97 -44.14 6.05 -37.78
N GLU I 98 -43.94 5.91 -39.09
CA GLU I 98 -44.23 4.66 -39.77
C GLU I 98 -43.19 3.61 -39.40
N PRO I 99 -43.61 2.44 -38.90
CA PRO I 99 -42.64 1.39 -38.53
C PRO I 99 -42.03 0.75 -39.78
N ARG I 100 -40.70 0.75 -39.83
CA ARG I 100 -39.99 0.17 -40.95
C ARG I 100 -39.80 -1.33 -40.74
N GLY I 101 -39.55 -2.04 -41.84
CA GLY I 101 -39.31 -3.47 -41.73
C GLY I 101 -38.11 -3.81 -40.87
N SER I 102 -36.97 -3.16 -41.13
CA SER I 102 -35.82 -3.32 -40.25
C SER I 102 -36.12 -2.81 -38.85
N ASP I 103 -37.10 -1.92 -38.72
CA ASP I 103 -37.51 -1.44 -37.41
C ASP I 103 -38.55 -2.37 -36.78
N ILE I 104 -39.47 -2.91 -37.59
CA ILE I 104 -40.44 -3.87 -37.07
C ILE I 104 -39.72 -5.15 -36.63
N ALA I 105 -38.52 -5.39 -37.17
CA ALA I 105 -37.71 -6.50 -36.70
C ALA I 105 -37.03 -6.20 -35.37
N GLY I 106 -36.99 -4.94 -34.96
CA GLY I 106 -36.37 -4.58 -33.71
C GLY I 106 -34.85 -4.46 -33.75
N THR I 107 -34.25 -4.57 -34.92
CA THR I 107 -32.79 -4.48 -35.04
C THR I 107 -32.30 -3.05 -35.13
N THR I 108 -33.18 -2.08 -35.41
CA THR I 108 -32.78 -0.69 -35.58
C THR I 108 -33.69 0.21 -34.75
N SER I 109 -33.91 -0.17 -33.49
CA SER I 109 -34.75 0.62 -32.59
C SER I 109 -34.46 0.19 -31.16
N THR I 110 -35.04 0.93 -30.22
CA THR I 110 -34.94 0.62 -28.81
C THR I 110 -36.31 0.13 -28.30
N LEU I 111 -36.37 -0.16 -26.99
CA LEU I 111 -37.61 -0.64 -26.40
C LEU I 111 -38.70 0.41 -26.39
N GLN I 112 -38.33 1.70 -26.37
CA GLN I 112 -39.32 2.76 -26.27
C GLN I 112 -40.22 2.82 -27.50
N GLU I 113 -39.64 2.70 -28.69
CA GLU I 113 -40.44 2.73 -29.91
C GLU I 113 -41.38 1.54 -29.98
N GLN I 114 -40.92 0.35 -29.57
CA GLN I 114 -41.79 -0.82 -29.56
C GLN I 114 -42.94 -0.65 -28.58
N ILE I 115 -42.64 -0.17 -27.37
CA ILE I 115 -43.69 0.04 -26.39
C ILE I 115 -44.68 1.09 -26.87
N GLY I 116 -44.20 2.14 -27.54
CA GLY I 116 -45.09 3.13 -28.08
C GLY I 116 -45.98 2.59 -29.19
N TRP I 117 -45.42 1.75 -30.06
CA TRP I 117 -46.22 1.15 -31.12
C TRP I 117 -47.22 0.13 -30.60
N MET I 118 -46.92 -0.51 -29.47
CA MET I 118 -47.86 -1.45 -28.87
C MET I 118 -48.79 -0.80 -27.87
N THR I 119 -48.78 0.54 -27.77
CA THR I 119 -49.71 1.27 -26.93
C THR I 119 -50.46 2.37 -27.66
N ASN I 120 -50.23 2.53 -28.96
CA ASN I 120 -50.89 3.58 -29.72
C ASN I 120 -52.38 3.28 -29.88
N ASN I 121 -53.12 4.29 -30.31
CA ASN I 121 -54.55 4.16 -30.57
C ASN I 121 -54.84 4.61 -31.99
N PRO I 122 -55.21 3.70 -32.91
CA PRO I 122 -55.35 2.26 -32.69
C PRO I 122 -54.01 1.53 -32.55
N PRO I 123 -54.00 0.41 -31.83
CA PRO I 123 -52.75 -0.31 -31.61
C PRO I 123 -52.18 -0.87 -32.90
N ILE I 124 -50.85 -0.82 -33.02
CA ILE I 124 -50.13 -1.42 -34.13
C ILE I 124 -49.24 -2.52 -33.56
N PRO I 125 -49.66 -3.78 -33.62
CA PRO I 125 -48.93 -4.86 -32.93
C PRO I 125 -47.68 -5.25 -33.68
N VAL I 126 -46.52 -4.89 -33.14
CA VAL I 126 -45.25 -5.34 -33.70
C VAL I 126 -44.92 -6.75 -33.24
N GLY I 127 -45.34 -7.11 -32.02
CA GLY I 127 -45.05 -8.43 -31.50
C GLY I 127 -45.70 -9.54 -32.30
N GLU I 128 -46.97 -9.35 -32.68
CA GLU I 128 -47.70 -10.38 -33.41
C GLU I 128 -47.22 -10.53 -34.85
N ILE I 129 -46.43 -9.60 -35.36
CA ILE I 129 -45.83 -9.76 -36.69
C ILE I 129 -44.44 -10.34 -36.61
N TYR I 130 -43.64 -9.89 -35.64
CA TYR I 130 -42.31 -10.45 -35.48
C TYR I 130 -42.38 -11.90 -35.02
N LYS I 131 -43.36 -12.24 -34.18
CA LYS I 131 -43.59 -13.63 -33.80
C LYS I 131 -44.05 -14.46 -34.99
N ARG I 132 -44.87 -13.88 -35.86
CA ARG I 132 -45.29 -14.58 -37.08
C ARG I 132 -44.08 -14.91 -37.95
N TRP I 133 -43.18 -13.95 -38.09
CA TRP I 133 -41.97 -14.20 -38.88
C TRP I 133 -41.10 -15.27 -38.24
N ILE I 134 -40.93 -15.21 -36.91
CA ILE I 134 -40.14 -16.23 -36.22
C ILE I 134 -40.81 -17.60 -36.36
N ILE I 135 -42.14 -17.65 -36.38
CA ILE I 135 -42.83 -18.93 -36.55
C ILE I 135 -42.64 -19.47 -37.96
N LEU I 136 -42.67 -18.59 -38.97
CA LEU I 136 -42.35 -19.04 -40.33
C LEU I 136 -40.94 -19.61 -40.39
N GLY I 137 -39.98 -18.93 -39.77
CA GLY I 137 -38.61 -19.44 -39.76
C GLY I 137 -38.49 -20.77 -39.05
N LEU I 138 -39.12 -20.90 -37.89
CA LEU I 138 -39.08 -22.17 -37.15
C LEU I 138 -39.79 -23.28 -37.92
N ASN I 139 -40.82 -22.94 -38.69
CA ASN I 139 -41.46 -23.93 -39.54
C ASN I 139 -40.51 -24.41 -40.63
N LYS I 140 -39.80 -23.49 -41.27
CA LYS I 140 -38.79 -23.89 -42.24
C LYS I 140 -37.74 -24.79 -41.59
N ILE I 141 -37.31 -24.45 -40.37
CA ILE I 141 -36.30 -25.22 -39.68
C ILE I 141 -36.79 -26.64 -39.40
N VAL I 142 -38.00 -26.77 -38.85
CA VAL I 142 -38.52 -28.08 -38.50
C VAL I 142 -38.82 -28.90 -39.74
N ARG I 143 -39.17 -28.24 -40.85
CA ARG I 143 -39.30 -28.96 -42.11
C ARG I 143 -37.96 -29.50 -42.58
N MET I 144 -36.92 -28.66 -42.47
CA MET I 144 -35.54 -29.05 -42.88
C MET I 144 -35.05 -30.20 -41.98
N TYR I 145 -35.34 -30.12 -40.68
CA TYR I 145 -34.91 -31.13 -39.67
C TYR I 145 -35.57 -32.50 -39.88
N SER I 146 -36.74 -32.56 -40.52
CA SER I 146 -37.43 -33.88 -40.67
C SER I 146 -36.48 -34.86 -41.37
N PRO J 1 -2.39 -13.19 66.75
CA PRO J 1 -3.75 -12.97 66.25
C PRO J 1 -4.51 -11.95 67.07
N ILE J 2 -5.83 -11.90 66.90
CA ILE J 2 -6.68 -11.01 67.66
C ILE J 2 -7.66 -11.84 68.49
N VAL J 3 -7.29 -12.15 69.72
CA VAL J 3 -8.15 -12.95 70.59
C VAL J 3 -9.25 -12.06 71.17
N GLN J 4 -10.48 -12.57 71.14
CA GLN J 4 -11.62 -11.85 71.70
C GLN J 4 -11.77 -12.21 73.17
N ASN J 5 -11.50 -11.25 74.04
CA ASN J 5 -11.62 -11.49 75.47
C ASN J 5 -13.06 -11.82 75.83
N ILE J 6 -13.23 -12.72 76.80
CA ILE J 6 -14.57 -13.11 77.22
C ILE J 6 -15.22 -11.95 77.96
N GLN J 7 -16.30 -11.42 77.36
CA GLN J 7 -16.98 -10.22 77.87
C GLN J 7 -15.96 -9.09 78.01
N GLY J 8 -15.46 -8.62 76.88
CA GLY J 8 -14.46 -7.57 76.88
C GLY J 8 -14.06 -7.22 75.46
N GLN J 9 -13.08 -6.32 75.37
CA GLN J 9 -12.58 -5.89 74.07
C GLN J 9 -11.72 -6.99 73.44
N MET J 10 -11.69 -6.99 72.11
CA MET J 10 -10.87 -7.94 71.36
C MET J 10 -9.41 -7.49 71.47
N VAL J 11 -8.72 -7.96 72.49
CA VAL J 11 -7.35 -7.54 72.77
C VAL J 11 -6.41 -8.18 71.75
N HIS J 12 -5.44 -7.41 71.29
CA HIS J 12 -4.43 -7.93 70.39
C HIS J 12 -3.44 -8.80 71.17
N GLN J 13 -2.93 -9.83 70.50
CA GLN J 13 -2.00 -10.77 71.12
C GLN J 13 -0.99 -11.20 70.09
N ALA J 14 0.30 -11.11 70.44
CA ALA J 14 1.35 -11.54 69.53
C ALA J 14 1.25 -13.03 69.24
N ILE J 15 1.68 -13.43 68.04
CA ILE J 15 1.62 -14.83 67.65
C ILE J 15 2.49 -15.66 68.59
N SER J 16 1.92 -16.72 69.15
CA SER J 16 2.66 -17.58 70.05
C SER J 16 3.76 -18.31 69.29
N PRO J 17 4.88 -18.61 69.96
CA PRO J 17 5.95 -19.36 69.28
C PRO J 17 5.51 -20.72 68.80
N ARG J 18 4.48 -21.31 69.43
CA ARG J 18 4.01 -22.62 69.01
C ARG J 18 3.46 -22.61 67.60
N THR J 19 2.73 -21.54 67.26
CA THR J 19 2.16 -21.44 65.91
C THR J 19 3.26 -21.40 64.86
N LEU J 20 4.28 -20.55 65.05
CA LEU J 20 5.36 -20.45 64.11
C LEU J 20 6.18 -21.74 64.06
N ASN J 21 6.37 -22.41 65.21
CA ASN J 21 7.12 -23.65 65.21
C ASN J 21 6.37 -24.72 64.41
N ALA J 22 5.06 -24.85 64.63
CA ALA J 22 4.29 -25.81 63.85
C ALA J 22 4.30 -25.47 62.37
N TRP J 23 4.25 -24.17 62.04
CA TRP J 23 4.24 -23.77 60.63
C TRP J 23 5.56 -24.11 59.95
N VAL J 24 6.68 -23.78 60.59
CA VAL J 24 7.97 -24.11 59.99
C VAL J 24 8.16 -25.62 59.93
N LYS J 25 7.67 -26.36 60.93
CA LYS J 25 7.79 -27.81 60.90
C LYS J 25 7.01 -28.42 59.74
N VAL J 26 5.78 -27.97 59.51
CA VAL J 26 4.98 -28.54 58.43
C VAL J 26 5.55 -28.14 57.07
N VAL J 27 6.02 -26.89 56.95
CA VAL J 27 6.55 -26.46 55.65
C VAL J 27 7.89 -27.12 55.38
N GLU J 28 8.58 -27.59 56.44
CA GLU J 28 9.85 -28.28 56.23
C GLU J 28 9.65 -29.76 55.92
N GLU J 29 8.85 -30.42 56.77
CA GLU J 29 8.58 -31.88 56.65
C GLU J 29 7.69 -32.26 55.46
N LYS J 30 6.61 -31.51 55.22
CA LYS J 30 5.62 -31.89 54.16
C LYS J 30 5.79 -31.12 52.85
N ALA J 31 6.85 -30.31 52.70
CA ALA J 31 7.07 -29.56 51.44
C ALA J 31 5.82 -28.73 51.13
N PHE J 32 5.24 -28.88 49.94
CA PHE J 32 4.03 -28.09 49.58
C PHE J 32 2.90 -28.99 49.06
N SER J 33 2.26 -29.74 49.97
CA SER J 33 1.10 -30.61 49.65
C SER J 33 -0.16 -29.76 49.53
N PRO J 34 -1.26 -30.27 48.93
CA PRO J 34 -2.50 -29.50 48.79
C PRO J 34 -3.08 -29.12 50.16
N GLU J 35 -2.98 -30.04 51.13
CA GLU J 35 -3.52 -29.85 52.51
C GLU J 35 -2.79 -28.75 53.29
N VAL J 36 -1.55 -28.39 52.93
CA VAL J 36 -0.82 -27.34 53.71
C VAL J 36 -1.67 -26.06 53.67
N ILE J 37 -2.24 -25.72 52.51
CA ILE J 37 -3.12 -24.55 52.47
C ILE J 37 -4.21 -24.60 53.54
N PRO J 38 -4.93 -25.72 53.73
CA PRO J 38 -5.89 -25.76 54.85
C PRO J 38 -5.23 -25.60 56.21
N MET J 39 -4.06 -26.20 56.42
CA MET J 39 -3.39 -26.07 57.70
C MET J 39 -2.89 -24.65 57.91
N PHE J 40 -2.45 -23.98 56.84
CA PHE J 40 -2.05 -22.58 56.96
C PHE J 40 -3.24 -21.71 57.30
N SER J 41 -4.37 -21.92 56.64
CA SER J 41 -5.58 -21.18 56.97
C SER J 41 -6.08 -21.50 58.37
N ALA J 42 -5.74 -22.66 58.90
CA ALA J 42 -6.16 -23.03 60.25
C ALA J 42 -5.28 -22.36 61.30
N LEU J 43 -3.96 -22.44 61.14
CA LEU J 43 -3.07 -21.86 62.14
C LEU J 43 -3.25 -20.36 62.25
N SER J 44 -3.37 -19.68 61.12
CA SER J 44 -3.52 -18.22 61.09
C SER J 44 -4.99 -17.88 60.96
N GLU J 45 -5.62 -17.58 62.10
CA GLU J 45 -7.02 -17.17 62.13
C GLU J 45 -7.14 -15.83 62.84
N GLY J 46 -7.75 -14.87 62.17
CA GLY J 46 -7.86 -13.52 62.72
C GLY J 46 -6.54 -12.85 62.96
N ALA J 47 -5.55 -13.09 62.12
CA ALA J 47 -4.20 -12.60 62.31
C ALA J 47 -3.99 -11.32 61.49
N THR J 48 -3.23 -10.38 62.05
CA THR J 48 -2.92 -9.15 61.36
C THR J 48 -1.99 -9.44 60.18
N PRO J 49 -1.93 -8.55 59.19
CA PRO J 49 -0.96 -8.75 58.09
C PRO J 49 0.48 -8.84 58.58
N GLN J 50 0.80 -8.23 59.71
CA GLN J 50 2.12 -8.41 60.29
C GLN J 50 2.34 -9.87 60.69
N ASP J 51 1.33 -10.50 61.26
CA ASP J 51 1.44 -11.91 61.61
C ASP J 51 1.66 -12.78 60.37
N LEU J 52 0.95 -12.48 59.29
CA LEU J 52 1.09 -13.27 58.07
C LEU J 52 2.44 -13.05 57.41
N ASN J 53 2.95 -11.81 57.44
CA ASN J 53 4.30 -11.57 56.95
C ASN J 53 5.35 -12.29 57.79
N THR J 54 5.15 -12.36 59.10
CA THR J 54 6.07 -13.10 59.95
C THR J 54 6.00 -14.60 59.65
N MET J 55 4.79 -15.12 59.43
CA MET J 55 4.64 -16.53 59.10
C MET J 55 5.22 -16.87 57.74
N LEU J 56 5.21 -15.94 56.79
CA LEU J 56 5.80 -16.19 55.48
C LEU J 56 7.31 -16.04 55.47
N ASN J 57 7.84 -15.07 56.22
CA ASN J 57 9.28 -14.84 56.22
C ASN J 57 10.03 -15.95 56.94
N THR J 58 9.37 -16.60 57.91
CA THR J 58 10.04 -17.65 58.67
C THR J 58 10.29 -18.89 57.81
N VAL J 59 9.65 -18.98 56.66
CA VAL J 59 9.85 -20.14 55.78
C VAL J 59 11.29 -20.15 55.29
N GLY J 60 11.97 -21.28 55.49
CA GLY J 60 13.34 -21.43 55.05
C GLY J 60 13.49 -22.33 53.85
N GLY J 61 14.11 -21.81 52.79
CA GLY J 61 14.30 -22.56 51.52
C GLY J 61 13.14 -22.36 50.56
N HIS J 62 13.18 -23.02 49.40
CA HIS J 62 12.10 -22.91 48.39
C HIS J 62 11.87 -21.42 48.09
N GLN J 63 12.95 -20.66 47.85
CA GLN J 63 12.86 -19.22 47.70
C GLN J 63 12.19 -18.83 46.39
N ALA J 64 12.19 -19.73 45.39
CA ALA J 64 11.46 -19.45 44.17
C ALA J 64 9.95 -19.39 44.44
N ALA J 65 9.45 -20.30 45.27
CA ALA J 65 8.04 -20.26 45.64
C ALA J 65 7.70 -18.99 46.42
N MET J 66 8.59 -18.56 47.30
CA MET J 66 8.36 -17.33 48.05
C MET J 66 8.37 -16.11 47.12
N GLN J 67 9.25 -16.10 46.12
CA GLN J 67 9.26 -14.99 45.18
C GLN J 67 8.00 -14.98 44.32
N MET J 68 7.53 -16.16 43.91
CA MET J 68 6.27 -16.23 43.18
C MET J 68 5.10 -15.75 44.03
N LEU J 69 5.10 -16.11 45.31
CA LEU J 69 4.04 -15.65 46.20
C LEU J 69 4.08 -14.14 46.38
N LYS J 70 5.28 -13.56 46.52
CA LYS J 70 5.38 -12.12 46.63
C LYS J 70 4.96 -11.43 45.34
N GLU J 71 5.26 -12.02 44.18
CA GLU J 71 4.81 -11.46 42.91
C GLU J 71 3.30 -11.52 42.79
N THR J 72 2.68 -12.60 43.25
CA THR J 72 1.22 -12.69 43.24
C THR J 72 0.60 -11.66 44.16
N ILE J 73 1.18 -11.48 45.35
CA ILE J 73 0.69 -10.44 46.27
C ILE J 73 0.82 -9.07 45.62
N ASN J 74 1.92 -8.81 44.92
CA ASN J 74 2.10 -7.53 44.25
C ASN J 74 1.08 -7.32 43.15
N GLU J 75 0.80 -8.36 42.37
CA GLU J 75 -0.21 -8.25 41.32
C GLU J 75 -1.59 -7.97 41.91
N GLU J 76 -1.94 -8.68 42.98
CA GLU J 76 -3.24 -8.44 43.62
C GLU J 76 -3.33 -7.03 44.19
N ALA J 77 -2.23 -6.55 44.77
CA ALA J 77 -2.22 -5.18 45.30
C ALA J 77 -2.35 -4.15 44.19
N ALA J 78 -1.69 -4.38 43.05
CA ALA J 78 -1.82 -3.49 41.91
C ALA J 78 -3.25 -3.47 41.39
N GLU J 79 -3.88 -4.64 41.29
CA GLU J 79 -5.28 -4.69 40.85
C GLU J 79 -6.19 -3.95 41.82
N TRP J 80 -5.99 -4.18 43.13
CA TRP J 80 -6.81 -3.50 44.13
C TRP J 80 -6.64 -1.99 44.05
N ASP J 81 -5.41 -1.51 43.87
CA ASP J 81 -5.18 -0.08 43.78
C ASP J 81 -5.72 0.51 42.49
N ARG J 82 -5.78 -0.30 41.42
CA ARG J 82 -6.31 0.18 40.16
C ARG J 82 -7.82 0.30 40.20
N VAL J 83 -8.50 -0.71 40.73
CA VAL J 83 -9.97 -0.71 40.74
C VAL J 83 -10.55 -0.02 41.97
N HIS J 84 -9.73 0.62 42.79
CA HIS J 84 -10.20 1.36 43.97
C HIS J 84 -9.43 2.66 44.09
N PRO J 85 -10.09 3.81 43.91
CA PRO J 85 -9.40 5.09 44.09
C PRO J 85 -9.04 5.32 45.55
N VAL J 86 -7.91 6.00 45.77
CA VAL J 86 -7.41 6.30 47.10
C VAL J 86 -7.61 7.77 47.39
N HIS J 87 -8.35 8.08 48.44
CA HIS J 87 -8.57 9.46 48.84
C HIS J 87 -7.38 10.00 49.64
N ALA J 88 -7.26 11.33 49.67
CA ALA J 88 -6.17 11.99 50.36
C ALA J 88 -6.69 13.27 51.00
N GLY J 89 -5.76 14.08 51.50
CA GLY J 89 -6.12 15.33 52.13
C GLY J 89 -6.40 15.16 53.60
N PRO J 90 -6.95 16.20 54.23
CA PRO J 90 -7.29 16.10 55.65
C PRO J 90 -8.41 15.09 55.87
N ILE J 91 -8.23 14.26 56.90
CA ILE J 91 -9.16 13.18 57.23
C ILE J 91 -9.81 13.48 58.57
N ALA J 92 -11.11 13.27 58.65
CA ALA J 92 -11.84 13.54 59.88
C ALA J 92 -11.34 12.64 61.00
N PRO J 93 -11.28 13.12 62.25
CA PRO J 93 -10.80 12.28 63.34
C PRO J 93 -11.78 11.14 63.63
N GLY J 94 -11.25 10.07 64.21
CA GLY J 94 -12.04 8.90 64.52
C GLY J 94 -12.38 8.03 63.35
N GLN J 95 -11.88 8.37 62.15
CA GLN J 95 -12.14 7.58 60.93
C GLN J 95 -10.82 7.41 60.21
N MET J 96 -10.38 6.16 60.06
CA MET J 96 -9.13 5.88 59.38
C MET J 96 -9.25 6.17 57.89
N ARG J 97 -8.10 6.38 57.25
CA ARG J 97 -8.08 6.74 55.84
C ARG J 97 -8.32 5.51 54.96
N GLU J 98 -8.29 5.73 53.66
CA GLU J 98 -8.54 4.65 52.70
C GLU J 98 -7.34 3.70 52.67
N PRO J 99 -7.55 2.39 52.90
CA PRO J 99 -6.42 1.45 52.86
C PRO J 99 -5.93 1.23 51.44
N ARG J 100 -4.62 1.44 51.23
CA ARG J 100 -4.03 1.26 49.92
C ARG J 100 -3.63 -0.20 49.72
N GLY J 101 -3.47 -0.58 48.45
CA GLY J 101 -3.06 -1.94 48.14
C GLY J 101 -1.71 -2.29 48.75
N SER J 102 -0.71 -1.44 48.54
CA SER J 102 0.58 -1.65 49.21
C SER J 102 0.42 -1.54 50.72
N ASP J 103 -0.62 -0.86 51.19
CA ASP J 103 -0.90 -0.79 52.62
C ASP J 103 -1.72 -1.98 53.10
N ILE J 104 -2.68 -2.44 52.28
CA ILE J 104 -3.44 -3.63 52.65
C ILE J 104 -2.53 -4.84 52.65
N ALA J 105 -1.40 -4.77 51.93
CA ALA J 105 -0.41 -5.84 51.99
C ALA J 105 0.42 -5.78 53.28
N GLY J 106 0.38 -4.66 53.99
CA GLY J 106 1.14 -4.52 55.22
C GLY J 106 2.60 -4.19 55.04
N THR J 107 3.03 -3.91 53.81
CA THR J 107 4.44 -3.58 53.57
C THR J 107 4.75 -2.11 53.80
N THR J 108 3.73 -1.25 53.88
CA THR J 108 3.93 0.19 54.04
C THR J 108 3.07 0.72 55.17
N SER J 109 3.08 0.01 56.30
CA SER J 109 2.30 0.42 57.46
C SER J 109 2.84 -0.30 58.69
N THR J 110 2.31 0.09 59.85
CA THR J 110 2.65 -0.54 61.12
C THR J 110 1.45 -1.33 61.63
N LEU J 111 1.62 -1.93 62.81
CA LEU J 111 0.53 -2.72 63.40
C LEU J 111 -0.65 -1.87 63.80
N GLN J 112 -0.43 -0.59 64.11
CA GLN J 112 -1.52 0.25 64.61
C GLN J 112 -2.58 0.47 63.54
N GLU J 113 -2.17 0.74 62.29
CA GLU J 113 -3.14 0.95 61.23
C GLU J 113 -3.95 -0.32 60.95
N GLN J 114 -3.30 -1.49 60.99
CA GLN J 114 -4.01 -2.73 60.78
C GLN J 114 -5.02 -2.99 61.90
N ILE J 115 -4.61 -2.79 63.15
CA ILE J 115 -5.52 -2.98 64.27
C ILE J 115 -6.69 -1.99 64.19
N GLY J 116 -6.42 -0.75 63.77
CA GLY J 116 -7.50 0.20 63.61
C GLY J 116 -8.47 -0.18 62.51
N TRP J 117 -7.96 -0.69 61.40
CA TRP J 117 -8.82 -1.12 60.30
C TRP J 117 -9.61 -2.36 60.65
N MET J 118 -9.09 -3.22 61.53
CA MET J 118 -9.80 -4.41 61.97
C MET J 118 -10.66 -4.16 63.21
N THR J 119 -10.78 -2.91 63.64
CA THR J 119 -11.65 -2.54 64.75
C THR J 119 -12.62 -1.43 64.42
N ASN J 120 -12.61 -0.92 63.19
CA ASN J 120 -13.49 0.18 62.80
C ASN J 120 -14.93 -0.30 62.74
N ASN J 121 -15.84 0.67 62.67
CA ASN J 121 -17.28 0.40 62.56
C ASN J 121 -17.83 1.13 61.35
N PRO J 122 -18.21 0.43 60.27
CA PRO J 122 -18.16 -1.03 60.11
C PRO J 122 -16.73 -1.56 59.91
N PRO J 123 -16.49 -2.81 60.31
CA PRO J 123 -15.14 -3.36 60.19
C PRO J 123 -14.71 -3.51 58.73
N ILE J 124 -13.44 -3.23 58.49
CA ILE J 124 -12.81 -3.43 57.19
C ILE J 124 -11.73 -4.49 57.35
N PRO J 125 -12.01 -5.75 57.00
CA PRO J 125 -11.07 -6.83 57.31
C PRO J 125 -9.90 -6.86 56.33
N VAL J 126 -8.71 -6.47 56.83
CA VAL J 126 -7.51 -6.57 56.03
C VAL J 126 -6.95 -7.99 56.07
N GLY J 127 -7.16 -8.69 57.18
CA GLY J 127 -6.63 -10.05 57.30
C GLY J 127 -7.27 -11.00 56.32
N GLU J 128 -8.58 -10.91 56.15
CA GLU J 128 -9.29 -11.82 55.26
C GLU J 128 -9.02 -11.56 53.78
N ILE J 129 -8.42 -10.42 53.44
CA ILE J 129 -8.01 -10.15 52.07
C ILE J 129 -6.56 -10.54 51.85
N TYR J 130 -5.69 -10.22 52.80
CA TYR J 130 -4.29 -10.60 52.65
C TYR J 130 -4.15 -12.12 52.72
N LYS J 131 -4.94 -12.79 53.55
CA LYS J 131 -4.94 -14.25 53.57
C LYS J 131 -5.49 -14.81 52.26
N ARG J 132 -6.49 -14.17 51.67
CA ARG J 132 -6.99 -14.60 50.38
C ARG J 132 -5.90 -14.53 49.32
N TRP J 133 -5.13 -13.45 49.33
CA TRP J 133 -4.04 -13.31 48.38
C TRP J 133 -2.95 -14.37 48.61
N ILE J 134 -2.61 -14.60 49.89
CA ILE J 134 -1.62 -15.64 50.19
C ILE J 134 -2.13 -17.01 49.77
N ILE J 135 -3.44 -17.25 49.88
CA ILE J 135 -4.00 -18.54 49.46
C ILE J 135 -3.96 -18.68 47.95
N LEU J 136 -4.24 -17.61 47.22
CA LEU J 136 -4.07 -17.65 45.77
C LEU J 136 -2.62 -17.97 45.39
N GLY J 137 -1.67 -17.33 46.06
CA GLY J 137 -0.27 -17.62 45.78
C GLY J 137 0.11 -19.06 46.10
N LEU J 138 -0.33 -19.57 47.25
CA LEU J 138 -0.04 -20.94 47.62
C LEU J 138 -0.72 -21.93 46.68
N ASN J 139 -1.88 -21.57 46.14
CA ASN J 139 -2.53 -22.41 45.14
C ASN J 139 -1.69 -22.45 43.86
N LYS J 140 -1.19 -21.31 43.41
CA LYS J 140 -0.29 -21.32 42.25
C LYS J 140 0.94 -22.18 42.53
N ILE J 141 1.48 -22.08 43.74
CA ILE J 141 2.68 -22.85 44.08
C ILE J 141 2.39 -24.35 44.04
N VAL J 142 1.30 -24.77 44.67
CA VAL J 142 1.00 -26.20 44.72
C VAL J 142 0.61 -26.72 43.36
N ARG J 143 0.03 -25.87 42.49
CA ARG J 143 -0.19 -26.28 41.12
C ARG J 143 1.10 -26.48 40.37
N MET J 144 2.05 -25.55 40.58
CA MET J 144 3.40 -25.62 39.94
C MET J 144 4.14 -26.87 40.44
N TYR J 145 4.02 -27.16 41.74
CA TYR J 145 4.71 -28.31 42.39
C TYR J 145 4.20 -29.67 41.90
N SER J 146 2.95 -29.74 41.41
CA SER J 146 2.41 -31.08 41.00
C SER J 146 3.34 -31.70 39.96
N PRO J 147 3.78 -32.97 40.14
CA PRO J 147 4.72 -33.62 39.23
C PRO J 147 4.07 -34.09 37.93
N THR J 148 2.86 -34.63 38.00
CA THR J 148 2.17 -35.15 36.82
C THR J 148 0.85 -34.43 36.64
N SER J 149 0.38 -34.39 35.40
CA SER J 149 -0.89 -33.75 35.08
C SER J 149 -2.05 -34.69 35.36
N ILE J 150 -3.26 -34.13 35.27
CA ILE J 150 -4.46 -34.93 35.54
C ILE J 150 -4.87 -35.74 34.32
N LEU J 151 -4.60 -35.22 33.12
CA LEU J 151 -5.01 -35.91 31.90
C LEU J 151 -4.14 -37.12 31.59
N ASP J 152 -2.99 -37.25 32.25
CA ASP J 152 -2.01 -38.29 31.92
C ASP J 152 -1.92 -39.35 33.00
N ILE J 153 -2.99 -39.60 33.73
CA ILE J 153 -3.00 -40.64 34.76
C ILE J 153 -3.56 -41.93 34.16
N ARG J 154 -2.78 -43.01 34.29
CA ARG J 154 -3.20 -44.31 33.78
C ARG J 154 -2.92 -45.37 34.84
N GLN J 155 -3.90 -46.23 35.08
CA GLN J 155 -3.76 -47.27 36.09
C GLN J 155 -2.86 -48.39 35.58
N GLY J 156 -1.98 -48.88 36.46
CA GLY J 156 -1.11 -49.97 36.13
C GLY J 156 -1.85 -51.30 36.08
N PRO J 157 -1.29 -52.27 35.36
CA PRO J 157 -1.96 -53.57 35.25
C PRO J 157 -2.11 -54.28 36.59
N LYS J 158 -1.09 -54.22 37.45
CA LYS J 158 -1.15 -54.84 38.76
C LYS J 158 -1.58 -53.88 39.86
N GLU J 159 -1.37 -52.58 39.66
CA GLU J 159 -1.73 -51.59 40.66
C GLU J 159 -3.23 -51.59 40.88
N PRO J 160 -3.72 -51.79 42.11
CA PRO J 160 -5.16 -51.92 42.32
C PRO J 160 -5.90 -50.62 42.08
N PHE J 161 -7.23 -50.68 42.23
CA PHE J 161 -8.08 -49.53 41.98
C PHE J 161 -7.94 -48.48 43.08
N ARG J 162 -7.69 -48.91 44.32
CA ARG J 162 -7.59 -47.97 45.43
C ARG J 162 -6.43 -47.00 45.24
N ASP J 163 -5.25 -47.54 44.91
CA ASP J 163 -4.10 -46.67 44.68
C ASP J 163 -4.32 -45.75 43.49
N TYR J 164 -4.98 -46.25 42.44
CA TYR J 164 -5.25 -45.44 41.26
C TYR J 164 -6.17 -44.28 41.60
N VAL J 165 -7.25 -44.55 42.34
CA VAL J 165 -8.17 -43.46 42.69
C VAL J 165 -7.53 -42.52 43.69
N ASP J 166 -6.62 -43.01 44.54
CA ASP J 166 -5.88 -42.12 45.44
C ASP J 166 -5.05 -41.14 44.64
N ARG J 167 -4.24 -41.64 43.71
CA ARG J 167 -3.42 -40.76 42.89
C ARG J 167 -4.29 -39.80 42.06
N PHE J 168 -5.39 -40.30 41.53
CA PHE J 168 -6.27 -39.49 40.71
C PHE J 168 -6.86 -38.34 41.51
N TYR J 169 -7.37 -38.62 42.71
CA TYR J 169 -7.98 -37.57 43.51
C TYR J 169 -6.95 -36.62 44.09
N LYS J 170 -5.73 -37.11 44.36
CA LYS J 170 -4.66 -36.19 44.76
C LYS J 170 -4.33 -35.20 43.65
N THR J 171 -4.13 -35.71 42.44
CA THR J 171 -3.86 -34.82 41.31
C THR J 171 -5.03 -33.89 41.03
N LEU J 172 -6.26 -34.38 41.24
CA LEU J 172 -7.43 -33.52 41.09
C LEU J 172 -7.45 -32.40 42.11
N ARG J 173 -7.10 -32.71 43.36
CA ARG J 173 -6.94 -31.66 44.36
C ARG J 173 -5.85 -30.67 43.97
N ALA J 174 -4.84 -31.14 43.24
CA ALA J 174 -3.78 -30.23 42.79
C ALA J 174 -4.16 -29.51 41.51
N GLU J 175 -5.30 -29.84 40.91
CA GLU J 175 -5.67 -29.29 39.61
C GLU J 175 -6.12 -27.83 39.75
N GLN J 176 -6.02 -27.08 38.63
CA GLN J 176 -6.32 -25.67 38.59
C GLN J 176 -7.63 -25.33 37.90
N ALA J 177 -8.29 -26.31 37.29
CA ALA J 177 -9.49 -26.03 36.52
C ALA J 177 -10.65 -25.61 37.43
N SER J 178 -11.68 -25.05 36.81
CA SER J 178 -12.86 -24.63 37.55
C SER J 178 -13.60 -25.83 38.14
N GLN J 179 -14.57 -25.54 39.01
CA GLN J 179 -15.26 -26.61 39.72
C GLN J 179 -16.14 -27.45 38.79
N GLU J 180 -16.75 -26.82 37.78
CA GLU J 180 -17.57 -27.59 36.85
C GLU J 180 -16.70 -28.50 35.98
N VAL J 181 -15.55 -28.00 35.54
CA VAL J 181 -14.61 -28.85 34.81
C VAL J 181 -14.10 -29.96 35.72
N LYS J 182 -13.88 -29.65 37.00
CA LYS J 182 -13.45 -30.67 37.96
C LYS J 182 -14.49 -31.77 38.09
N ASN J 183 -15.77 -31.40 38.18
CA ASN J 183 -16.83 -32.39 38.24
C ASN J 183 -16.88 -33.21 36.96
N TRP J 184 -16.72 -32.55 35.81
CA TRP J 184 -16.72 -33.27 34.54
C TRP J 184 -15.62 -34.33 34.50
N MET J 185 -14.39 -33.95 34.88
CA MET J 185 -13.29 -34.90 34.78
C MET J 185 -13.43 -36.02 35.81
N THR J 186 -13.78 -35.67 37.05
CA THR J 186 -13.98 -36.71 38.07
C THR J 186 -15.18 -37.59 37.76
N GLU J 187 -16.05 -37.17 36.84
CA GLU J 187 -17.14 -38.02 36.41
C GLU J 187 -16.72 -38.94 35.26
N THR J 188 -15.93 -38.42 34.32
CA THR J 188 -15.61 -39.16 33.11
C THR J 188 -14.27 -39.89 33.16
N LEU J 189 -13.18 -39.16 33.38
CA LEU J 189 -11.85 -39.76 33.20
C LEU J 189 -11.52 -40.78 34.27
N LEU J 190 -12.28 -40.82 35.36
CA LEU J 190 -12.05 -41.81 36.40
C LEU J 190 -12.30 -43.21 35.84
N VAL J 191 -13.49 -43.42 35.26
CA VAL J 191 -13.80 -44.71 34.67
C VAL J 191 -13.20 -44.82 33.27
N GLN J 192 -12.87 -43.69 32.64
CA GLN J 192 -12.33 -43.74 31.29
C GLN J 192 -10.85 -44.08 31.25
N ASN J 193 -10.19 -44.17 32.40
CA ASN J 193 -8.75 -44.43 32.45
C ASN J 193 -8.39 -45.65 33.29
N ALA J 194 -9.36 -46.37 33.83
CA ALA J 194 -9.08 -47.51 34.70
C ALA J 194 -8.56 -48.68 33.87
N ASN J 195 -8.22 -49.78 34.56
CA ASN J 195 -7.77 -50.99 33.87
C ASN J 195 -8.95 -51.66 33.17
N PRO J 196 -8.70 -52.32 32.03
CA PRO J 196 -9.83 -52.81 31.21
C PRO J 196 -10.80 -53.71 31.95
N ASP J 197 -10.34 -54.56 32.86
CA ASP J 197 -11.24 -55.45 33.58
C ASP J 197 -12.24 -54.66 34.42
N CYS J 198 -11.73 -53.87 35.38
CA CYS J 198 -12.62 -53.04 36.18
C CYS J 198 -13.23 -51.90 35.36
N LYS J 199 -12.64 -51.55 34.21
CA LYS J 199 -13.30 -50.62 33.30
C LYS J 199 -14.61 -51.21 32.81
N THR J 200 -14.59 -52.46 32.34
CA THR J 200 -15.82 -53.13 31.94
C THR J 200 -16.74 -53.35 33.13
N ILE J 201 -16.19 -53.59 34.31
CA ILE J 201 -17.01 -53.73 35.50
C ILE J 201 -17.80 -52.45 35.76
N LEU J 202 -17.13 -51.30 35.74
CA LEU J 202 -17.79 -50.03 35.97
C LEU J 202 -18.71 -49.64 34.81
N LYS J 203 -18.41 -50.10 33.60
CA LYS J 203 -19.35 -49.90 32.49
C LYS J 203 -20.62 -50.71 32.70
N ALA J 204 -20.49 -51.94 33.21
CA ALA J 204 -21.67 -52.70 33.59
C ALA J 204 -22.41 -52.03 34.75
N LEU J 205 -21.68 -51.33 35.62
CA LEU J 205 -22.34 -50.55 36.67
C LEU J 205 -23.23 -49.46 36.08
N GLY J 206 -22.87 -48.93 34.92
CA GLY J 206 -23.71 -47.99 34.20
C GLY J 206 -23.63 -46.58 34.73
N PRO J 207 -24.69 -45.80 34.52
CA PRO J 207 -24.69 -44.41 34.96
C PRO J 207 -24.84 -44.30 36.47
N ALA J 208 -24.84 -43.06 36.95
CA ALA J 208 -24.95 -42.73 38.37
C ALA J 208 -23.83 -43.40 39.17
N ALA J 209 -22.66 -43.52 38.58
CA ALA J 209 -21.54 -44.17 39.25
C ALA J 209 -21.11 -43.36 40.47
N THR J 210 -21.11 -44.01 41.63
CA THR J 210 -20.74 -43.38 42.89
C THR J 210 -19.53 -44.12 43.45
N LEU J 211 -18.63 -43.37 44.11
CA LEU J 211 -17.29 -43.86 44.42
C LEU J 211 -17.33 -45.14 45.25
N GLU J 212 -18.20 -45.20 46.27
CA GLU J 212 -18.25 -46.41 47.08
C GLU J 212 -18.75 -47.60 46.28
N GLU J 213 -19.72 -47.37 45.39
CA GLU J 213 -20.19 -48.46 44.52
C GLU J 213 -19.06 -48.92 43.60
N MET J 214 -18.30 -47.98 43.05
CA MET J 214 -17.16 -48.34 42.20
C MET J 214 -16.16 -49.21 42.95
N MET J 215 -15.77 -48.77 44.15
CA MET J 215 -14.77 -49.51 44.91
C MET J 215 -15.30 -50.85 45.42
N THR J 216 -16.61 -50.97 45.63
CA THR J 216 -17.16 -52.26 46.01
C THR J 216 -17.28 -53.19 44.81
N ALA J 217 -17.39 -52.63 43.60
CA ALA J 217 -17.46 -53.46 42.40
C ALA J 217 -16.10 -54.01 42.01
N CYS J 218 -15.06 -53.17 42.07
CA CYS J 218 -13.72 -53.55 41.66
C CYS J 218 -12.97 -54.39 42.70
N GLN J 219 -13.66 -54.84 43.76
CA GLN J 219 -13.01 -55.64 44.78
C GLN J 219 -12.51 -56.96 44.21
N GLY J 220 -11.45 -57.50 44.82
CA GLY J 220 -10.87 -58.75 44.39
C GLY J 220 -10.07 -58.63 43.10
N PRO K 1 -32.02 -4.47 -8.41
CA PRO K 1 -32.35 -3.52 -9.47
C PRO K 1 -33.67 -2.80 -9.22
N ILE K 2 -33.76 -1.55 -9.67
CA ILE K 2 -35.00 -0.79 -9.55
C ILE K 2 -36.01 -1.31 -10.55
N VAL K 3 -37.29 -1.20 -10.20
CA VAL K 3 -38.37 -1.72 -11.04
C VAL K 3 -39.57 -0.79 -10.89
N GLN K 4 -40.34 -0.66 -11.96
CA GLN K 4 -41.56 0.14 -11.92
C GLN K 4 -42.53 -0.44 -10.90
N ASN K 5 -42.83 0.34 -9.86
CA ASN K 5 -43.69 -0.09 -8.78
C ASN K 5 -45.00 0.67 -8.84
N ILE K 6 -46.09 -0.02 -8.54
CA ILE K 6 -47.43 0.58 -8.56
C ILE K 6 -47.50 1.64 -7.46
N GLN K 7 -47.76 2.88 -7.86
CA GLN K 7 -48.02 3.21 -9.26
C GLN K 7 -47.08 4.29 -9.79
N GLY K 8 -46.26 3.92 -10.77
CA GLY K 8 -45.43 4.87 -11.48
C GLY K 8 -44.25 5.43 -10.72
N GLN K 9 -43.93 4.89 -9.55
CA GLN K 9 -42.82 5.37 -8.74
C GLN K 9 -41.81 4.24 -8.57
N MET K 10 -40.64 4.40 -9.19
CA MET K 10 -39.60 3.38 -9.10
C MET K 10 -38.97 3.40 -7.71
N VAL K 11 -38.92 2.23 -7.08
CA VAL K 11 -38.27 2.06 -5.78
C VAL K 11 -37.23 0.97 -5.90
N HIS K 12 -36.24 1.02 -5.01
CA HIS K 12 -35.15 0.06 -5.09
C HIS K 12 -35.57 -1.29 -4.51
N GLN K 13 -35.37 -2.34 -5.31
CA GLN K 13 -35.62 -3.71 -4.89
C GLN K 13 -34.30 -4.46 -5.00
N ALA K 14 -33.82 -5.00 -3.88
CA ALA K 14 -32.55 -5.69 -3.87
C ALA K 14 -32.56 -6.90 -4.80
N ILE K 15 -31.38 -7.30 -5.25
CA ILE K 15 -31.28 -8.44 -6.17
C ILE K 15 -31.73 -9.70 -5.45
N SER K 16 -32.53 -10.52 -6.15
CA SER K 16 -33.09 -11.71 -5.56
C SER K 16 -32.05 -12.82 -5.51
N PRO K 17 -32.05 -13.63 -4.45
CA PRO K 17 -31.09 -14.75 -4.38
C PRO K 17 -31.23 -15.75 -5.52
N ARG K 18 -32.45 -15.94 -6.03
CA ARG K 18 -32.63 -16.89 -7.12
C ARG K 18 -31.92 -16.43 -8.38
N THR K 19 -31.88 -15.12 -8.65
CA THR K 19 -31.15 -14.62 -9.79
C THR K 19 -29.66 -14.88 -9.65
N LEU K 20 -29.11 -14.67 -8.45
CA LEU K 20 -27.70 -14.93 -8.22
C LEU K 20 -27.38 -16.42 -8.36
N ASN K 21 -28.28 -17.28 -7.87
CA ASN K 21 -28.07 -18.72 -8.03
C ASN K 21 -28.12 -19.13 -9.49
N ALA K 22 -29.04 -18.55 -10.27
CA ALA K 22 -29.10 -18.84 -11.70
C ALA K 22 -27.83 -18.39 -12.40
N TRP K 23 -27.30 -17.22 -12.02
CA TRP K 23 -26.07 -16.75 -12.64
C TRP K 23 -24.89 -17.65 -12.28
N VAL K 24 -24.77 -18.03 -11.01
CA VAL K 24 -23.68 -18.92 -10.60
C VAL K 24 -23.79 -20.24 -11.34
N LYS K 25 -25.01 -20.76 -11.49
CA LYS K 25 -25.18 -22.05 -12.16
C LYS K 25 -24.85 -21.96 -13.64
N VAL K 26 -25.24 -20.86 -14.30
CA VAL K 26 -24.96 -20.75 -15.73
C VAL K 26 -23.47 -20.55 -15.96
N VAL K 27 -22.78 -19.88 -15.04
CA VAL K 27 -21.34 -19.74 -15.18
C VAL K 27 -20.63 -21.05 -14.84
N GLU K 28 -21.20 -21.87 -13.96
CA GLU K 28 -20.60 -23.15 -13.62
C GLU K 28 -20.79 -24.19 -14.72
N GLU K 29 -22.04 -24.32 -15.18
CA GLU K 29 -22.42 -25.31 -16.22
C GLU K 29 -21.92 -24.94 -17.63
N LYS K 30 -22.07 -23.67 -18.03
CA LYS K 30 -21.73 -23.26 -19.42
C LYS K 30 -20.36 -22.59 -19.55
N ALA K 31 -19.60 -22.45 -18.45
CA ALA K 31 -18.27 -21.81 -18.51
C ALA K 31 -18.40 -20.44 -19.17
N PHE K 32 -17.64 -20.18 -20.24
CA PHE K 32 -17.71 -18.86 -20.94
C PHE K 32 -18.01 -19.07 -22.43
N SER K 33 -19.27 -19.36 -22.72
CA SER K 33 -19.80 -19.57 -24.10
C SER K 33 -20.24 -18.22 -24.68
N PRO K 34 -20.43 -18.09 -26.01
CA PRO K 34 -20.88 -16.82 -26.62
C PRO K 34 -22.26 -16.41 -26.10
N GLU K 35 -23.14 -17.39 -25.86
CA GLU K 35 -24.54 -17.19 -25.39
C GLU K 35 -24.60 -16.57 -23.98
N VAL K 36 -23.57 -16.70 -23.15
CA VAL K 36 -23.65 -16.15 -21.77
C VAL K 36 -23.93 -14.65 -21.84
N ILE K 37 -23.26 -13.94 -22.76
CA ILE K 37 -23.54 -12.50 -22.89
C ILE K 37 -25.03 -12.21 -22.92
N PRO K 38 -25.86 -12.87 -23.74
CA PRO K 38 -27.30 -12.59 -23.70
C PRO K 38 -27.94 -13.00 -22.39
N MET K 39 -27.53 -14.12 -21.81
CA MET K 39 -28.05 -14.53 -20.52
C MET K 39 -27.71 -13.53 -19.43
N PHE K 40 -26.50 -12.97 -19.46
CA PHE K 40 -26.11 -11.95 -18.49
C PHE K 40 -26.91 -10.68 -18.70
N SER K 41 -27.05 -10.24 -19.96
CA SER K 41 -27.81 -9.03 -20.24
C SER K 41 -29.28 -9.18 -19.87
N ALA K 42 -29.80 -10.41 -19.88
CA ALA K 42 -31.21 -10.60 -19.55
C ALA K 42 -31.42 -10.85 -18.07
N LEU K 43 -30.43 -11.38 -17.37
CA LEU K 43 -30.53 -11.61 -15.93
C LEU K 43 -30.40 -10.33 -15.12
N SER K 44 -29.79 -9.28 -15.69
CA SER K 44 -29.52 -8.04 -14.97
C SER K 44 -30.16 -6.83 -15.64
N GLU K 45 -31.43 -6.94 -16.03
CA GLU K 45 -32.09 -5.83 -16.70
C GLU K 45 -32.32 -4.68 -15.72
N GLY K 46 -31.83 -3.50 -16.08
CA GLY K 46 -31.99 -2.33 -15.25
C GLY K 46 -31.34 -2.45 -13.88
N ALA K 47 -30.19 -3.10 -13.80
CA ALA K 47 -29.54 -3.33 -12.52
C ALA K 47 -28.65 -2.15 -12.13
N THR K 48 -28.70 -1.78 -10.85
CA THR K 48 -27.77 -0.77 -10.35
C THR K 48 -26.35 -1.29 -10.46
N PRO K 49 -25.34 -0.41 -10.52
CA PRO K 49 -23.96 -0.90 -10.59
C PRO K 49 -23.58 -1.82 -9.44
N GLN K 50 -24.19 -1.64 -8.26
CA GLN K 50 -23.92 -2.55 -7.15
C GLN K 50 -24.36 -3.97 -7.47
N ASP K 51 -25.49 -4.13 -8.17
CA ASP K 51 -25.96 -5.46 -8.53
C ASP K 51 -25.02 -6.14 -9.52
N LEU K 52 -24.52 -5.38 -10.49
CA LEU K 52 -23.57 -5.94 -11.44
C LEU K 52 -22.25 -6.29 -10.76
N ASN K 53 -21.81 -5.47 -9.81
CA ASN K 53 -20.62 -5.82 -9.04
C ASN K 53 -20.85 -7.10 -8.23
N THR K 54 -22.04 -7.25 -7.66
CA THR K 54 -22.35 -8.49 -6.93
C THR K 54 -22.32 -9.70 -7.87
N MET K 55 -22.92 -9.55 -9.04
CA MET K 55 -22.95 -10.65 -10.01
C MET K 55 -21.58 -10.99 -10.58
N LEU K 56 -20.67 -10.02 -10.64
CA LEU K 56 -19.30 -10.30 -11.05
C LEU K 56 -18.42 -10.82 -9.93
N ASN K 57 -18.79 -10.56 -8.67
CA ASN K 57 -18.03 -11.10 -7.55
C ASN K 57 -18.46 -12.53 -7.22
N THR K 58 -19.75 -12.84 -7.44
CA THR K 58 -20.26 -14.16 -7.09
C THR K 58 -19.73 -15.26 -8.00
N VAL K 59 -18.98 -14.91 -9.05
CA VAL K 59 -18.42 -15.92 -9.94
C VAL K 59 -17.39 -16.75 -9.18
N GLY K 60 -17.34 -18.04 -9.50
CA GLY K 60 -16.38 -18.95 -8.90
C GLY K 60 -15.40 -19.45 -9.94
N GLY K 61 -14.12 -19.17 -9.73
CA GLY K 61 -13.10 -19.53 -10.69
C GLY K 61 -13.00 -18.52 -11.80
N HIS K 62 -12.17 -18.86 -12.79
CA HIS K 62 -11.91 -17.99 -13.95
C HIS K 62 -11.44 -16.62 -13.49
N GLN K 63 -10.54 -16.58 -12.51
CA GLN K 63 -10.12 -15.29 -11.94
C GLN K 63 -9.34 -14.47 -12.96
N ALA K 64 -8.62 -15.12 -13.86
CA ALA K 64 -7.93 -14.38 -14.91
C ALA K 64 -8.91 -13.61 -15.77
N ALA K 65 -10.00 -14.25 -16.19
CA ALA K 65 -10.99 -13.57 -17.01
C ALA K 65 -11.63 -12.41 -16.26
N MET K 66 -11.91 -12.60 -14.97
CA MET K 66 -12.47 -11.51 -14.18
C MET K 66 -11.48 -10.36 -14.07
N GLN K 67 -10.19 -10.67 -14.05
CA GLN K 67 -9.19 -9.61 -13.99
C GLN K 67 -9.15 -8.80 -15.29
N MET K 68 -9.23 -9.49 -16.43
CA MET K 68 -9.33 -8.78 -17.70
C MET K 68 -10.59 -7.92 -17.75
N LEU K 69 -11.69 -8.45 -17.23
CA LEU K 69 -12.93 -7.68 -17.19
C LEU K 69 -12.77 -6.42 -16.35
N LYS K 70 -12.16 -6.56 -15.17
CA LYS K 70 -11.95 -5.39 -14.31
C LYS K 70 -11.02 -4.37 -14.96
N GLU K 71 -9.96 -4.85 -15.62
CA GLU K 71 -9.04 -3.93 -16.26
C GLU K 71 -9.68 -3.21 -17.44
N THR K 72 -10.52 -3.89 -18.21
CA THR K 72 -11.21 -3.23 -19.31
C THR K 72 -12.27 -2.26 -18.79
N ILE K 73 -12.89 -2.57 -17.66
CA ILE K 73 -13.80 -1.60 -17.03
C ILE K 73 -13.03 -0.35 -16.62
N ASN K 74 -11.84 -0.53 -16.05
CA ASN K 74 -11.01 0.61 -15.68
C ASN K 74 -10.62 1.42 -16.91
N GLU K 75 -10.25 0.75 -18.00
CA GLU K 75 -9.88 1.44 -19.23
C GLU K 75 -11.06 2.24 -19.80
N GLU K 76 -12.25 1.64 -19.79
CA GLU K 76 -13.43 2.34 -20.26
C GLU K 76 -13.75 3.54 -19.37
N ALA K 77 -13.58 3.40 -18.06
CA ALA K 77 -13.80 4.53 -17.17
C ALA K 77 -12.81 5.65 -17.43
N ALA K 78 -11.54 5.26 -17.66
CA ALA K 78 -10.45 6.23 -17.94
C ALA K 78 -10.79 7.00 -19.22
N GLU K 79 -11.13 6.26 -20.29
CA GLU K 79 -11.50 6.87 -21.60
C GLU K 79 -12.76 7.72 -21.41
N TRP K 80 -13.72 7.24 -20.62
CA TRP K 80 -14.99 7.98 -20.38
C TRP K 80 -14.66 9.33 -19.71
N ASP K 81 -13.77 9.33 -18.72
CA ASP K 81 -13.37 10.59 -18.03
C ASP K 81 -12.71 11.52 -19.06
N ARG K 82 -11.85 10.94 -19.91
CA ARG K 82 -11.12 11.69 -20.97
C ARG K 82 -12.13 12.26 -21.97
N VAL K 83 -13.18 11.49 -22.29
CA VAL K 83 -14.22 11.92 -23.27
C VAL K 83 -15.32 12.75 -22.58
N HIS K 84 -15.34 12.73 -21.26
CA HIS K 84 -16.43 13.55 -20.71
C HIS K 84 -15.86 14.42 -19.62
N PRO K 85 -14.65 15.32 -19.72
CA PRO K 85 -14.08 16.22 -18.72
C PRO K 85 -14.97 17.47 -18.56
N VAL K 86 -14.87 18.14 -17.41
CA VAL K 86 -15.70 19.37 -17.17
C VAL K 86 -15.04 20.58 -17.81
N HIS K 87 -15.53 21.02 -18.98
CA HIS K 87 -15.00 22.19 -19.66
C HIS K 87 -15.75 23.37 -19.08
N ALA K 88 -15.09 24.51 -18.92
CA ALA K 88 -15.75 25.67 -18.34
C ALA K 88 -16.94 26.11 -19.18
N GLY K 89 -18.05 26.33 -18.50
CA GLY K 89 -19.29 26.77 -19.14
C GLY K 89 -20.20 27.42 -18.12
N PRO K 90 -21.22 28.22 -18.63
CA PRO K 90 -22.09 28.82 -17.60
C PRO K 90 -22.82 27.71 -16.85
N ILE K 91 -22.95 27.86 -15.53
CA ILE K 91 -23.63 26.85 -14.72
C ILE K 91 -25.10 26.72 -15.09
N ALA K 92 -25.58 25.48 -15.13
CA ALA K 92 -26.97 25.20 -15.47
C ALA K 92 -27.93 25.66 -14.37
N PRO K 93 -29.17 26.10 -14.81
CA PRO K 93 -30.07 26.52 -13.72
C PRO K 93 -30.38 25.35 -12.80
N GLY K 94 -30.56 24.17 -13.38
CA GLY K 94 -30.86 22.97 -12.63
C GLY K 94 -29.65 22.07 -12.53
N GLN K 95 -29.36 21.61 -11.32
CA GLN K 95 -28.21 20.75 -11.09
C GLN K 95 -28.61 19.30 -10.88
N MET K 96 -27.93 18.40 -11.59
CA MET K 96 -28.20 16.97 -11.51
C MET K 96 -26.91 16.21 -11.25
N ARG K 97 -27.01 15.11 -10.51
CA ARG K 97 -25.63 14.65 -10.31
C ARG K 97 -25.01 14.20 -11.68
N GLU K 98 -23.79 13.78 -11.49
CA GLU K 98 -22.90 13.45 -12.60
C GLU K 98 -22.12 12.18 -12.26
N PRO K 99 -22.05 11.23 -13.27
CA PRO K 99 -21.31 10.02 -12.89
C PRO K 99 -19.89 9.96 -13.45
N ARG K 100 -18.93 9.79 -12.54
CA ARG K 100 -17.52 9.69 -12.86
C ARG K 100 -17.20 8.27 -13.32
N GLY K 101 -15.99 8.06 -13.83
CA GLY K 101 -15.62 6.73 -14.29
C GLY K 101 -15.74 5.82 -13.07
N SER K 102 -15.31 6.33 -11.92
CA SER K 102 -15.42 5.58 -10.68
C SER K 102 -16.84 5.62 -10.10
N ASP K 103 -17.62 6.63 -10.45
CA ASP K 103 -19.02 6.66 -10.03
C ASP K 103 -19.88 5.73 -10.89
N ILE K 104 -19.47 5.51 -12.14
CA ILE K 104 -20.20 4.58 -13.01
C ILE K 104 -19.86 3.15 -12.65
N ALA K 105 -18.57 2.88 -12.38
CA ALA K 105 -18.12 1.53 -12.05
C ALA K 105 -18.58 1.07 -10.67
N GLY K 106 -19.35 1.89 -9.94
CA GLY K 106 -19.85 1.48 -8.64
C GLY K 106 -18.79 1.27 -7.59
N THR K 107 -17.59 1.84 -7.77
CA THR K 107 -16.52 1.67 -6.80
C THR K 107 -16.69 2.63 -5.63
N THR K 108 -16.77 3.93 -5.92
CA THR K 108 -16.87 4.96 -4.89
C THR K 108 -18.23 5.63 -4.84
N SER K 109 -19.24 5.06 -5.49
CA SER K 109 -20.58 5.64 -5.54
C SER K 109 -21.49 4.84 -4.63
N THR K 110 -22.09 5.48 -3.65
CA THR K 110 -23.02 4.82 -2.75
C THR K 110 -24.30 4.48 -3.51
N LEU K 111 -25.04 3.50 -2.99
CA LEU K 111 -26.27 3.04 -3.64
C LEU K 111 -27.26 4.17 -3.82
N GLN K 112 -27.33 5.08 -2.83
CA GLN K 112 -28.27 6.19 -2.93
C GLN K 112 -27.94 7.11 -4.09
N GLU K 113 -26.64 7.35 -4.34
CA GLU K 113 -26.26 8.19 -5.46
C GLU K 113 -26.66 7.57 -6.79
N GLN K 114 -26.50 6.25 -6.92
CA GLN K 114 -26.90 5.57 -8.15
C GLN K 114 -28.41 5.58 -8.32
N ILE K 115 -29.16 5.34 -7.25
CA ILE K 115 -30.62 5.44 -7.32
C ILE K 115 -31.04 6.82 -7.76
N GLY K 116 -30.38 7.86 -7.23
CA GLY K 116 -30.64 9.21 -7.66
C GLY K 116 -30.38 9.41 -9.14
N TRP K 117 -29.18 9.06 -9.59
CA TRP K 117 -28.82 9.22 -10.99
C TRP K 117 -29.76 8.45 -11.92
N MET K 118 -30.37 7.37 -11.44
CA MET K 118 -31.25 6.59 -12.31
C MET K 118 -32.67 7.14 -12.33
N THR K 119 -33.24 7.42 -11.15
CA THR K 119 -34.63 7.84 -11.06
C THR K 119 -34.84 9.32 -11.30
N ASN K 120 -33.76 10.12 -11.34
CA ASN K 120 -33.91 11.55 -11.57
C ASN K 120 -34.38 11.81 -13.00
N ASN K 121 -34.98 12.98 -13.20
CA ASN K 121 -35.42 13.41 -14.52
C ASN K 121 -34.63 14.64 -14.94
N PRO K 122 -33.82 14.58 -16.01
CA PRO K 122 -33.62 13.41 -16.87
C PRO K 122 -32.71 12.34 -16.26
N PRO K 123 -32.94 11.08 -16.62
CA PRO K 123 -32.14 10.00 -16.05
C PRO K 123 -30.72 9.99 -16.61
N ILE K 124 -29.79 9.53 -15.78
CA ILE K 124 -28.40 9.33 -16.18
C ILE K 124 -28.20 7.84 -16.44
N PRO K 125 -27.87 7.43 -17.66
CA PRO K 125 -27.78 5.99 -17.98
C PRO K 125 -26.50 5.35 -17.45
N VAL K 126 -26.37 5.32 -16.13
CA VAL K 126 -25.20 4.68 -15.53
C VAL K 126 -25.29 3.17 -15.67
N GLY K 127 -26.47 2.59 -15.49
CA GLY K 127 -26.61 1.15 -15.59
C GLY K 127 -26.30 0.63 -16.97
N GLU K 128 -26.85 1.28 -18.00
CA GLU K 128 -26.59 0.85 -19.37
C GLU K 128 -25.13 1.05 -19.76
N ILE K 129 -24.49 2.10 -19.26
CA ILE K 129 -23.08 2.32 -19.58
C ILE K 129 -22.21 1.24 -18.95
N TYR K 130 -22.46 0.94 -17.67
CA TYR K 130 -21.70 -0.14 -17.03
C TYR K 130 -22.00 -1.48 -17.67
N LYS K 131 -23.22 -1.69 -18.14
CA LYS K 131 -23.55 -2.92 -18.85
C LYS K 131 -22.82 -3.01 -20.19
N ARG K 132 -22.70 -1.89 -20.91
CA ARG K 132 -21.92 -1.88 -22.14
C ARG K 132 -20.46 -2.22 -21.86
N TRP K 133 -19.90 -1.66 -20.78
CA TRP K 133 -18.52 -1.96 -20.44
C TRP K 133 -18.35 -3.45 -20.12
N ILE K 134 -19.24 -4.01 -19.30
CA ILE K 134 -19.14 -5.42 -18.93
C ILE K 134 -19.34 -6.30 -20.14
N ILE K 135 -20.19 -5.88 -21.08
CA ILE K 135 -20.42 -6.66 -22.29
C ILE K 135 -19.20 -6.64 -23.19
N LEU K 136 -18.52 -5.49 -23.29
CA LEU K 136 -17.25 -5.45 -24.02
C LEU K 136 -16.23 -6.39 -23.38
N GLY K 137 -16.14 -6.36 -22.05
CA GLY K 137 -15.23 -7.26 -21.36
C GLY K 137 -15.56 -8.72 -21.59
N LEU K 138 -16.84 -9.06 -21.57
CA LEU K 138 -17.25 -10.44 -21.81
C LEU K 138 -16.99 -10.86 -23.24
N ASN K 139 -17.13 -9.93 -24.19
CA ASN K 139 -16.76 -10.24 -25.57
C ASN K 139 -15.27 -10.53 -25.67
N LYS K 140 -14.44 -9.72 -25.02
CA LYS K 140 -13.01 -10.00 -24.96
C LYS K 140 -12.74 -11.39 -24.39
N ILE K 141 -13.42 -11.72 -23.30
CA ILE K 141 -13.18 -13.00 -22.63
C ILE K 141 -13.59 -14.17 -23.52
N VAL K 142 -14.76 -14.07 -24.16
CA VAL K 142 -15.22 -15.20 -24.97
C VAL K 142 -14.43 -15.30 -26.26
N ARG K 143 -13.87 -14.20 -26.75
CA ARG K 143 -12.99 -14.31 -27.91
C ARG K 143 -11.62 -14.84 -27.52
N MET K 144 -11.24 -14.68 -26.25
CA MET K 144 -9.99 -15.29 -25.78
C MET K 144 -10.16 -16.78 -25.56
N TYR K 145 -11.30 -17.21 -25.00
CA TYR K 145 -11.53 -18.61 -24.69
C TYR K 145 -11.67 -19.48 -25.93
N SER K 146 -11.56 -18.92 -27.13
CA SER K 146 -11.67 -19.72 -28.34
C SER K 146 -10.52 -20.74 -28.38
N PRO K 147 -10.82 -22.03 -28.49
CA PRO K 147 -9.72 -23.01 -28.47
C PRO K 147 -8.86 -22.97 -29.73
N THR K 148 -9.47 -22.90 -30.90
CA THR K 148 -8.74 -22.88 -32.16
C THR K 148 -9.19 -21.70 -33.00
N SER K 149 -8.33 -21.29 -33.93
CA SER K 149 -8.67 -20.19 -34.83
C SER K 149 -9.71 -20.65 -35.85
N ILE K 150 -10.46 -19.69 -36.38
CA ILE K 150 -11.47 -20.00 -37.38
C ILE K 150 -10.81 -20.48 -38.68
N LEU K 151 -9.58 -20.05 -38.93
CA LEU K 151 -8.88 -20.48 -40.14
C LEU K 151 -8.49 -21.95 -40.09
N ASP K 152 -8.39 -22.54 -38.89
CA ASP K 152 -7.99 -23.93 -38.76
C ASP K 152 -9.16 -24.91 -38.83
N ILE K 153 -10.40 -24.42 -38.93
CA ILE K 153 -11.55 -25.30 -38.97
C ILE K 153 -11.55 -26.06 -40.30
N ARG K 154 -11.39 -27.38 -40.22
CA ARG K 154 -11.40 -28.24 -41.39
C ARG K 154 -12.16 -29.51 -41.07
N GLN K 155 -12.87 -30.03 -42.07
CA GLN K 155 -13.70 -31.20 -41.90
C GLN K 155 -12.86 -32.48 -41.99
N GLY K 156 -13.26 -33.49 -41.21
CA GLY K 156 -12.62 -34.78 -41.27
C GLY K 156 -13.00 -35.54 -42.51
N PRO K 157 -12.31 -36.64 -42.80
CA PRO K 157 -12.62 -37.43 -43.99
C PRO K 157 -14.04 -37.98 -44.00
N LYS K 158 -14.53 -38.47 -42.85
CA LYS K 158 -15.88 -39.00 -42.75
C LYS K 158 -16.74 -38.18 -41.79
N GLU K 159 -16.20 -37.07 -41.28
CA GLU K 159 -16.99 -36.19 -40.44
C GLU K 159 -18.16 -35.62 -41.24
N PRO K 160 -19.40 -35.85 -40.80
CA PRO K 160 -20.55 -35.36 -41.58
C PRO K 160 -20.55 -33.84 -41.69
N PHE K 161 -21.19 -33.35 -42.74
CA PHE K 161 -21.28 -31.90 -42.94
C PHE K 161 -22.04 -31.24 -41.79
N ARG K 162 -22.93 -31.98 -41.13
CA ARG K 162 -23.70 -31.43 -40.02
C ARG K 162 -22.79 -30.91 -38.92
N ASP K 163 -22.01 -31.80 -38.32
CA ASP K 163 -21.12 -31.40 -37.24
C ASP K 163 -20.06 -30.41 -37.73
N TYR K 164 -19.63 -30.54 -38.99
CA TYR K 164 -18.64 -29.62 -39.52
C TYR K 164 -19.17 -28.19 -39.53
N VAL K 165 -20.35 -27.98 -40.12
CA VAL K 165 -20.87 -26.62 -40.19
C VAL K 165 -21.26 -26.13 -38.80
N ASP K 166 -21.72 -27.03 -37.91
CA ASP K 166 -22.03 -26.62 -36.55
C ASP K 166 -20.80 -26.07 -35.86
N ARG K 167 -19.70 -26.83 -35.86
CA ARG K 167 -18.48 -26.38 -35.22
C ARG K 167 -17.92 -25.13 -35.88
N PHE K 168 -18.00 -25.07 -37.22
CA PHE K 168 -17.50 -23.91 -37.94
C PHE K 168 -18.24 -22.64 -37.56
N TYR K 169 -19.57 -22.70 -37.55
CA TYR K 169 -20.35 -21.51 -37.18
C TYR K 169 -20.20 -21.17 -35.71
N LYS K 170 -20.00 -22.17 -34.84
CA LYS K 170 -19.76 -21.88 -33.44
C LYS K 170 -18.45 -21.11 -33.26
N THR K 171 -17.37 -21.59 -33.88
CA THR K 171 -16.10 -20.88 -33.79
C THR K 171 -16.17 -19.52 -34.46
N LEU K 172 -16.93 -19.40 -35.55
CA LEU K 172 -17.09 -18.10 -36.21
C LEU K 172 -17.84 -17.12 -35.33
N ARG K 173 -18.85 -17.58 -34.60
CA ARG K 173 -19.56 -16.69 -33.69
C ARG K 173 -18.67 -16.29 -32.53
N ALA K 174 -17.86 -17.22 -32.02
CA ALA K 174 -16.90 -16.87 -30.98
C ALA K 174 -15.83 -15.93 -31.50
N GLU K 175 -15.48 -16.03 -32.79
CA GLU K 175 -14.49 -15.15 -33.38
C GLU K 175 -15.02 -13.73 -33.45
N GLN K 176 -14.10 -12.77 -33.54
CA GLN K 176 -14.43 -11.35 -33.55
C GLN K 176 -14.00 -10.74 -34.88
N ALA K 177 -14.92 -10.02 -35.52
CA ALA K 177 -14.68 -9.34 -36.79
C ALA K 177 -15.91 -8.53 -37.14
N SER K 178 -15.76 -7.67 -38.14
CA SER K 178 -16.90 -6.92 -38.65
C SER K 178 -17.83 -7.85 -39.43
N GLN K 179 -19.06 -7.38 -39.66
CA GLN K 179 -20.04 -8.22 -40.32
C GLN K 179 -19.67 -8.50 -41.78
N GLU K 180 -19.04 -7.53 -42.45
CA GLU K 180 -18.67 -7.74 -43.85
C GLU K 180 -17.53 -8.75 -43.96
N VAL K 181 -16.62 -8.75 -42.99
CA VAL K 181 -15.57 -9.76 -42.96
C VAL K 181 -16.18 -11.15 -42.81
N LYS K 182 -17.21 -11.29 -41.97
CA LYS K 182 -17.91 -12.56 -41.84
C LYS K 182 -18.64 -12.93 -43.13
N ASN K 183 -19.23 -11.95 -43.81
CA ASN K 183 -19.91 -12.22 -45.07
C ASN K 183 -18.95 -12.73 -46.11
N TRP K 184 -17.73 -12.20 -46.13
CA TRP K 184 -16.71 -12.69 -47.05
C TRP K 184 -16.19 -14.06 -46.63
N MET K 185 -16.05 -14.30 -45.33
CA MET K 185 -15.48 -15.54 -44.84
C MET K 185 -16.43 -16.71 -45.06
N THR K 186 -17.75 -16.49 -44.87
CA THR K 186 -18.70 -17.57 -45.06
C THR K 186 -18.79 -17.99 -46.52
N GLU K 187 -18.34 -17.14 -47.44
CA GLU K 187 -18.34 -17.47 -48.85
C GLU K 187 -16.99 -17.98 -49.35
N THR K 188 -15.90 -17.60 -48.70
CA THR K 188 -14.58 -18.03 -49.16
C THR K 188 -14.03 -19.24 -48.41
N LEU K 189 -14.40 -19.44 -47.14
CA LEU K 189 -13.75 -20.42 -46.29
C LEU K 189 -14.62 -21.66 -46.06
N LEU K 190 -15.94 -21.48 -46.01
CA LEU K 190 -16.83 -22.59 -45.68
C LEU K 190 -16.76 -23.71 -46.71
N VAL K 191 -16.92 -23.36 -47.99
CA VAL K 191 -16.99 -24.38 -49.03
C VAL K 191 -15.61 -24.99 -49.27
N GLN K 192 -14.55 -24.21 -49.07
CA GLN K 192 -13.22 -24.69 -49.39
C GLN K 192 -12.74 -25.77 -48.41
N ASN K 193 -13.02 -25.57 -47.12
CA ASN K 193 -12.54 -26.50 -46.10
C ASN K 193 -13.44 -27.73 -45.95
N ALA K 194 -14.46 -27.88 -46.77
CA ALA K 194 -15.34 -29.03 -46.66
C ALA K 194 -14.65 -30.29 -47.18
N ASN K 195 -15.26 -31.43 -46.90
CA ASN K 195 -14.73 -32.69 -47.40
C ASN K 195 -14.92 -32.75 -48.91
N PRO K 196 -13.91 -33.23 -49.66
CA PRO K 196 -14.03 -33.20 -51.13
C PRO K 196 -15.26 -33.89 -51.69
N ASP K 197 -15.69 -34.99 -51.05
CA ASP K 197 -16.88 -35.71 -51.51
C ASP K 197 -18.08 -34.78 -51.55
N CYS K 198 -18.31 -34.03 -50.47
CA CYS K 198 -19.40 -33.07 -50.47
C CYS K 198 -18.96 -31.70 -50.99
N LYS K 199 -17.65 -31.46 -51.07
CA LYS K 199 -17.18 -30.22 -51.67
C LYS K 199 -17.58 -30.15 -53.14
N THR K 200 -17.46 -31.27 -53.85
CA THR K 200 -17.95 -31.33 -55.23
C THR K 200 -19.44 -31.04 -55.29
N ILE K 201 -20.20 -31.54 -54.32
CA ILE K 201 -21.65 -31.31 -54.31
C ILE K 201 -21.95 -29.82 -54.11
N LEU K 202 -21.27 -29.18 -53.17
CA LEU K 202 -21.50 -27.76 -52.95
C LEU K 202 -21.06 -26.93 -54.15
N LYS K 203 -19.97 -27.34 -54.81
CA LYS K 203 -19.53 -26.64 -56.01
C LYS K 203 -20.55 -26.79 -57.14
N ALA K 204 -21.19 -27.96 -57.23
CA ALA K 204 -22.18 -28.17 -58.28
C ALA K 204 -23.40 -27.27 -58.08
N LEU K 205 -23.72 -26.93 -56.83
CA LEU K 205 -24.87 -26.08 -56.57
C LEU K 205 -24.63 -24.65 -57.04
N GLY K 206 -23.47 -24.09 -56.70
CA GLY K 206 -23.14 -22.74 -57.09
C GLY K 206 -22.44 -21.97 -56.00
N PRO K 207 -21.74 -20.89 -56.36
CA PRO K 207 -21.01 -20.11 -55.36
C PRO K 207 -21.92 -19.33 -54.42
N ALA K 208 -22.98 -18.71 -54.94
CA ALA K 208 -23.86 -17.86 -54.13
C ALA K 208 -25.04 -18.63 -53.56
N ALA K 209 -24.93 -19.95 -53.44
CA ALA K 209 -26.02 -20.74 -52.87
C ALA K 209 -26.14 -20.45 -51.38
N THR K 210 -27.35 -20.64 -50.85
CA THR K 210 -27.60 -20.40 -49.44
C THR K 210 -27.18 -21.61 -48.61
N LEU K 211 -27.29 -21.45 -47.29
CA LEU K 211 -26.87 -22.52 -46.38
C LEU K 211 -27.80 -23.73 -46.46
N GLU K 212 -29.11 -23.49 -46.55
CA GLU K 212 -30.05 -24.61 -46.54
C GLU K 212 -29.92 -25.48 -47.78
N GLU K 213 -29.62 -24.89 -48.94
CA GLU K 213 -29.44 -25.68 -50.14
C GLU K 213 -28.27 -26.63 -50.02
N MET K 214 -27.11 -26.12 -49.60
CA MET K 214 -25.94 -26.98 -49.39
C MET K 214 -26.22 -28.02 -48.31
N MET K 215 -26.93 -27.63 -47.25
CA MET K 215 -27.16 -28.54 -46.12
C MET K 215 -28.05 -29.70 -46.53
N THR K 216 -29.09 -29.42 -47.33
CA THR K 216 -29.93 -30.50 -47.82
C THR K 216 -29.26 -31.26 -48.96
N ALA K 217 -28.26 -30.64 -49.62
CA ALA K 217 -27.53 -31.35 -50.66
C ALA K 217 -26.62 -32.42 -50.06
N CYS K 218 -25.73 -32.05 -49.15
CA CYS K 218 -24.89 -33.02 -48.47
C CYS K 218 -25.64 -33.76 -47.36
N GLN K 219 -26.95 -33.57 -47.26
CA GLN K 219 -27.74 -34.29 -46.26
C GLN K 219 -27.69 -35.79 -46.52
N GLY K 220 -27.20 -36.54 -45.53
CA GLY K 220 -27.07 -37.98 -45.65
C GLY K 220 -25.81 -38.41 -46.36
N PRO L 147 29.29 -18.47 51.34
CA PRO L 147 30.50 -19.16 50.85
C PRO L 147 31.04 -18.58 49.56
N THR L 148 30.18 -18.32 48.58
CA THR L 148 30.61 -17.78 47.29
C THR L 148 29.79 -16.55 46.96
N SER L 149 30.34 -15.71 46.08
CA SER L 149 29.64 -14.51 45.65
C SER L 149 28.49 -14.88 44.72
N ILE L 150 27.49 -14.00 44.66
CA ILE L 150 26.35 -14.22 43.79
C ILE L 150 26.76 -14.18 42.32
N LEU L 151 27.83 -13.43 42.00
CA LEU L 151 28.30 -13.35 40.63
C LEU L 151 28.92 -14.65 40.15
N ASP L 152 29.36 -15.51 41.06
CA ASP L 152 30.01 -16.76 40.68
C ASP L 152 29.02 -17.91 40.49
N ILE L 153 27.73 -17.69 40.76
CA ILE L 153 26.74 -18.76 40.63
C ILE L 153 26.57 -19.10 39.15
N ARG L 154 26.96 -20.32 38.78
CA ARG L 154 26.82 -20.80 37.42
C ARG L 154 26.36 -22.25 37.44
N GLN L 155 25.54 -22.60 36.45
CA GLN L 155 24.96 -23.93 36.38
C GLN L 155 25.94 -24.92 35.75
N GLY L 156 25.90 -26.16 36.22
CA GLY L 156 26.69 -27.22 35.66
C GLY L 156 26.17 -27.67 34.31
N PRO L 157 26.96 -28.46 33.59
CA PRO L 157 26.51 -28.93 32.27
C PRO L 157 25.23 -29.76 32.34
N LYS L 158 25.10 -30.64 33.32
CA LYS L 158 23.91 -31.46 33.47
C LYS L 158 23.17 -31.14 34.77
N GLU L 159 23.62 -30.13 35.51
CA GLU L 159 22.91 -29.73 36.71
C GLU L 159 21.52 -29.23 36.33
N PRO L 160 20.46 -29.82 36.87
CA PRO L 160 19.10 -29.41 36.48
C PRO L 160 18.84 -27.96 36.87
N PHE L 161 17.90 -27.34 36.15
CA PHE L 161 17.54 -25.96 36.44
C PHE L 161 16.98 -25.82 37.84
N ARG L 162 16.37 -26.89 38.37
CA ARG L 162 15.79 -26.86 39.71
C ARG L 162 16.83 -26.48 40.76
N ASP L 163 17.86 -27.31 40.91
CA ASP L 163 18.91 -27.04 41.90
C ASP L 163 19.65 -25.75 41.58
N TYR L 164 19.80 -25.42 40.30
CA TYR L 164 20.49 -24.19 39.92
C TYR L 164 19.76 -22.97 40.44
N VAL L 165 18.46 -22.87 40.17
CA VAL L 165 17.72 -21.69 40.62
C VAL L 165 17.58 -21.71 42.14
N ASP L 166 17.48 -22.90 42.74
CA ASP L 166 17.42 -22.96 44.19
C ASP L 166 18.68 -22.37 44.83
N ARG L 167 19.85 -22.84 44.39
CA ARG L 167 21.10 -22.33 44.94
C ARG L 167 21.29 -20.86 44.62
N PHE L 168 20.90 -20.44 43.41
CA PHE L 168 21.05 -19.05 43.02
C PHE L 168 20.21 -18.13 43.90
N TYR L 169 18.94 -18.47 44.12
CA TYR L 169 18.10 -17.65 44.96
C TYR L 169 18.51 -17.70 46.42
N LYS L 170 19.06 -18.84 46.88
CA LYS L 170 19.56 -18.90 48.24
C LYS L 170 20.73 -17.94 48.44
N THR L 171 21.70 -17.99 47.52
CA THR L 171 22.83 -17.07 47.62
C THR L 171 22.40 -15.62 47.44
N LEU L 172 21.41 -15.38 46.59
CA LEU L 172 20.91 -14.01 46.42
C LEU L 172 20.23 -13.50 47.67
N ARG L 173 19.48 -14.35 48.37
CA ARG L 173 18.87 -13.94 49.62
C ARG L 173 19.92 -13.70 50.69
N ALA L 174 20.97 -14.53 50.72
CA ALA L 174 22.07 -14.28 51.65
C ALA L 174 22.83 -13.01 51.29
N GLU L 175 22.89 -12.68 50.00
CA GLU L 175 23.57 -11.48 49.56
C GLU L 175 22.82 -10.23 50.03
N GLN L 176 23.54 -9.12 50.11
CA GLN L 176 22.98 -7.86 50.59
C GLN L 176 23.01 -6.82 49.48
N ALA L 177 21.87 -6.17 49.26
CA ALA L 177 21.71 -5.14 48.25
C ALA L 177 20.32 -4.55 48.38
N SER L 178 20.10 -3.43 47.69
CA SER L 178 18.78 -2.83 47.65
C SER L 178 17.85 -3.69 46.79
N GLN L 179 16.54 -3.45 46.92
CA GLN L 179 15.58 -4.27 46.20
C GLN L 179 15.66 -4.04 44.69
N GLU L 180 15.94 -2.80 44.31
CA GLU L 180 16.07 -2.43 42.86
C GLU L 180 17.23 -3.23 42.27
N VAL L 181 18.36 -3.28 42.97
CA VAL L 181 19.54 -4.01 42.50
C VAL L 181 19.20 -5.47 42.30
N LYS L 182 18.42 -6.06 43.21
CA LYS L 182 17.99 -7.44 43.04
C LYS L 182 17.05 -7.59 41.86
N ASN L 183 16.17 -6.60 41.63
CA ASN L 183 15.28 -6.65 40.47
C ASN L 183 16.06 -6.62 39.17
N TRP L 184 17.14 -5.85 39.13
CA TRP L 184 18.00 -5.84 37.94
C TRP L 184 18.80 -7.13 37.82
N MET L 185 19.25 -7.68 38.93
CA MET L 185 20.12 -8.86 38.89
C MET L 185 19.34 -10.10 38.49
N THR L 186 18.09 -10.23 38.94
CA THR L 186 17.29 -11.40 38.57
C THR L 186 16.95 -11.40 37.10
N GLU L 187 17.04 -10.24 36.44
CA GLU L 187 16.77 -10.16 35.01
C GLU L 187 18.03 -10.21 34.16
N THR L 188 19.18 -9.80 34.71
CA THR L 188 20.41 -9.78 33.93
C THR L 188 21.30 -11.00 34.15
N LEU L 189 21.27 -11.61 35.34
CA LEU L 189 22.23 -12.64 35.71
C LEU L 189 21.64 -14.05 35.67
N LEU L 190 20.35 -14.19 36.00
CA LEU L 190 19.74 -15.51 36.10
C LEU L 190 19.77 -16.25 34.77
N VAL L 191 19.26 -15.61 33.72
CA VAL L 191 19.13 -16.28 32.42
C VAL L 191 20.50 -16.48 31.78
N GLN L 192 21.44 -15.58 32.05
CA GLN L 192 22.73 -15.64 31.38
C GLN L 192 23.56 -16.82 31.87
N ASN L 193 23.56 -17.07 33.18
CA ASN L 193 24.39 -18.11 33.75
C ASN L 193 23.76 -19.49 33.66
N ALA L 194 22.62 -19.63 33.01
CA ALA L 194 21.99 -20.93 32.90
C ALA L 194 22.72 -21.81 31.90
N ASN L 195 22.38 -23.09 31.89
CA ASN L 195 22.97 -24.02 30.94
C ASN L 195 22.46 -23.68 29.54
N PRO L 196 23.33 -23.71 28.52
CA PRO L 196 22.89 -23.30 27.17
C PRO L 196 21.69 -24.06 26.65
N ASP L 197 21.60 -25.36 26.96
CA ASP L 197 20.47 -26.16 26.50
C ASP L 197 19.15 -25.54 26.96
N CYS L 198 19.06 -25.19 28.25
CA CYS L 198 17.85 -24.53 28.73
C CYS L 198 17.95 -23.01 28.60
N LYS L 199 19.16 -22.47 28.39
CA LYS L 199 19.27 -21.05 28.15
C LYS L 199 18.55 -20.66 26.86
N THR L 200 18.68 -21.49 25.82
CA THR L 200 17.92 -21.26 24.60
C THR L 200 16.41 -21.29 24.88
N ILE L 201 15.99 -22.20 25.75
CA ILE L 201 14.57 -22.30 26.08
C ILE L 201 14.08 -21.04 26.77
N LEU L 202 14.84 -20.55 27.76
CA LEU L 202 14.45 -19.33 28.45
C LEU L 202 14.47 -18.12 27.51
N LYS L 203 15.43 -18.09 26.59
CA LYS L 203 15.47 -17.00 25.61
C LYS L 203 14.27 -17.04 24.68
N ALA L 204 13.81 -18.25 24.34
CA ALA L 204 12.66 -18.38 23.46
C ALA L 204 11.39 -17.85 24.12
N LEU L 205 11.31 -17.96 25.45
CA LEU L 205 10.13 -17.49 26.15
C LEU L 205 10.03 -15.97 26.13
N GLY L 206 11.13 -15.28 26.44
CA GLY L 206 11.15 -13.83 26.44
C GLY L 206 11.94 -13.27 27.60
N PRO L 207 12.36 -12.01 27.48
CA PRO L 207 13.16 -11.40 28.55
C PRO L 207 12.38 -11.13 29.82
N ALA L 208 11.14 -10.63 29.71
CA ALA L 208 10.34 -10.25 30.86
C ALA L 208 9.45 -11.40 31.36
N ALA L 209 9.79 -12.64 31.03
CA ALA L 209 9.01 -13.77 31.49
C ALA L 209 9.18 -13.96 33.00
N THR L 210 8.15 -14.54 33.62
CA THR L 210 8.21 -14.76 35.07
C THR L 210 8.97 -16.03 35.39
N LEU L 211 9.16 -16.28 36.69
CA LEU L 211 9.92 -17.44 37.12
C LEU L 211 9.20 -18.75 36.82
N GLU L 212 7.88 -18.79 37.03
CA GLU L 212 7.15 -20.04 36.85
C GLU L 212 7.14 -20.48 35.39
N GLU L 213 7.08 -19.54 34.44
CA GLU L 213 7.09 -19.90 33.03
C GLU L 213 8.42 -20.58 32.66
N MET L 214 9.54 -19.95 33.02
CA MET L 214 10.84 -20.57 32.76
C MET L 214 10.99 -21.90 33.47
N MET L 215 10.49 -21.99 34.71
CA MET L 215 10.66 -23.20 35.50
C MET L 215 9.89 -24.37 34.90
N THR L 216 8.67 -24.11 34.41
CA THR L 216 7.92 -25.17 33.74
C THR L 216 8.44 -25.41 32.33
N ALA L 217 9.15 -24.44 31.76
CA ALA L 217 9.74 -24.64 30.43
C ALA L 217 10.90 -25.62 30.50
N CYS L 218 11.90 -25.32 31.33
CA CYS L 218 13.02 -26.24 31.52
C CYS L 218 12.67 -27.41 32.44
N GLN L 219 11.40 -27.55 32.81
CA GLN L 219 10.98 -28.67 33.65
C GLN L 219 11.20 -29.99 32.92
N GLY L 220 12.01 -30.85 33.53
CA GLY L 220 12.32 -32.14 32.94
C GLY L 220 13.45 -32.07 31.93
N PRO M 1 -36.22 -12.02 7.22
CA PRO M 1 -35.74 -10.74 6.70
C PRO M 1 -36.88 -9.77 6.40
N ILE M 2 -36.65 -8.48 6.62
CA ILE M 2 -37.68 -7.48 6.37
C ILE M 2 -37.90 -7.32 4.88
N VAL M 3 -39.13 -7.01 4.48
CA VAL M 3 -39.49 -6.80 3.09
C VAL M 3 -40.49 -5.65 3.02
N GLN M 4 -40.31 -4.79 2.03
CA GLN M 4 -41.20 -3.65 1.86
C GLN M 4 -42.56 -4.10 1.33
N ASN M 5 -43.59 -3.33 1.65
CA ASN M 5 -44.94 -3.61 1.23
C ASN M 5 -45.32 -2.72 0.03
N ILE M 6 -46.60 -2.79 -0.35
CA ILE M 6 -47.08 -2.01 -1.48
C ILE M 6 -47.00 -0.52 -1.17
N GLN M 7 -47.34 -0.12 0.05
CA GLN M 7 -47.32 1.29 0.42
C GLN M 7 -45.95 1.78 0.88
N GLY M 8 -44.95 0.90 0.91
CA GLY M 8 -43.60 1.30 1.23
C GLY M 8 -43.07 0.87 2.57
N GLN M 9 -43.94 0.54 3.52
CA GLN M 9 -43.47 0.12 4.83
C GLN M 9 -42.99 -1.33 4.79
N MET M 10 -42.23 -1.71 5.81
CA MET M 10 -41.64 -3.03 5.89
C MET M 10 -41.93 -3.64 7.25
N VAL M 11 -42.03 -4.98 7.28
CA VAL M 11 -42.35 -5.73 8.48
C VAL M 11 -41.61 -7.06 8.39
N HIS M 12 -41.38 -7.69 9.54
CA HIS M 12 -40.64 -8.94 9.59
C HIS M 12 -41.31 -10.01 8.73
N GLN M 13 -40.48 -10.89 8.17
CA GLN M 13 -40.94 -12.01 7.38
C GLN M 13 -40.12 -13.24 7.76
N ALA M 14 -40.78 -14.39 7.85
CA ALA M 14 -40.09 -15.62 8.20
C ALA M 14 -39.05 -15.97 7.14
N ILE M 15 -37.93 -16.53 7.60
CA ILE M 15 -36.85 -16.88 6.69
C ILE M 15 -37.28 -18.03 5.80
N SER M 16 -36.98 -17.91 4.52
CA SER M 16 -37.41 -18.92 3.55
C SER M 16 -36.54 -20.16 3.69
N PRO M 17 -37.14 -21.37 3.69
CA PRO M 17 -36.31 -22.58 3.73
C PRO M 17 -35.41 -22.72 2.52
N ARG M 18 -35.79 -22.14 1.37
CA ARG M 18 -34.94 -22.22 0.19
C ARG M 18 -33.61 -21.51 0.42
N THR M 19 -33.63 -20.37 1.12
CA THR M 19 -32.39 -19.65 1.39
C THR M 19 -31.45 -20.49 2.25
N LEU M 20 -31.98 -21.09 3.32
CA LEU M 20 -31.16 -21.93 4.18
C LEU M 20 -30.62 -23.13 3.42
N ASN M 21 -31.47 -23.78 2.62
CA ASN M 21 -31.01 -24.93 1.85
C ASN M 21 -29.90 -24.55 0.89
N ALA M 22 -30.06 -23.44 0.17
CA ALA M 22 -29.05 -23.02 -0.78
C ALA M 22 -27.75 -22.66 -0.08
N TRP M 23 -27.84 -22.00 1.08
CA TRP M 23 -26.64 -21.64 1.83
C TRP M 23 -25.89 -22.87 2.32
N VAL M 24 -26.61 -23.83 2.91
CA VAL M 24 -25.95 -25.04 3.38
C VAL M 24 -25.37 -25.83 2.22
N LYS M 25 -26.08 -25.89 1.09
CA LYS M 25 -25.57 -26.64 -0.06
C LYS M 25 -24.32 -25.99 -0.64
N VAL M 26 -24.29 -24.66 -0.73
CA VAL M 26 -23.12 -24.01 -1.29
C VAL M 26 -21.95 -24.10 -0.33
N VAL M 27 -22.22 -24.11 0.97
CA VAL M 27 -21.14 -24.29 1.94
C VAL M 27 -20.56 -25.70 1.85
N GLU M 28 -21.44 -26.70 1.65
CA GLU M 28 -20.96 -28.07 1.59
C GLU M 28 -20.20 -28.33 0.29
N GLU M 29 -20.82 -27.99 -0.83
CA GLU M 29 -20.26 -28.22 -2.19
C GLU M 29 -19.03 -27.36 -2.51
N LYS M 30 -19.07 -26.07 -2.18
CA LYS M 30 -17.96 -25.15 -2.55
C LYS M 30 -16.99 -24.90 -1.39
N ALA M 31 -17.17 -25.64 -0.29
CA ALA M 31 -16.31 -25.56 0.91
C ALA M 31 -16.13 -24.11 1.34
N PHE M 32 -14.88 -23.71 1.58
CA PHE M 32 -14.58 -22.31 1.98
C PHE M 32 -13.62 -21.70 0.95
N SER M 33 -14.17 -21.27 -0.17
CA SER M 33 -13.39 -20.64 -1.26
C SER M 33 -13.77 -19.15 -1.32
N PRO M 34 -12.96 -18.28 -1.98
CA PRO M 34 -13.26 -16.86 -2.05
C PRO M 34 -14.69 -16.53 -2.48
N GLU M 35 -15.38 -17.44 -3.19
CA GLU M 35 -16.72 -17.10 -3.66
C GLU M 35 -17.81 -17.62 -2.73
N VAL M 36 -17.71 -17.33 -1.44
CA VAL M 36 -18.79 -17.63 -0.49
C VAL M 36 -19.22 -16.33 0.17
N ILE M 37 -18.30 -15.36 0.25
CA ILE M 37 -18.64 -14.06 0.82
C ILE M 37 -19.62 -13.29 -0.06
N PRO M 38 -19.44 -13.19 -1.39
CA PRO M 38 -20.48 -12.53 -2.19
C PRO M 38 -21.82 -13.24 -2.12
N MET M 39 -21.83 -14.56 -2.20
CA MET M 39 -23.09 -15.30 -2.09
C MET M 39 -23.71 -15.16 -0.71
N PHE M 40 -22.90 -15.12 0.34
CA PHE M 40 -23.45 -14.89 1.68
C PHE M 40 -24.07 -13.51 1.79
N SER M 41 -23.40 -12.48 1.26
CA SER M 41 -23.95 -11.14 1.30
C SER M 41 -25.20 -11.01 0.45
N ALA M 42 -25.32 -11.82 -0.60
CA ALA M 42 -26.49 -11.75 -1.46
C ALA M 42 -27.67 -12.52 -0.88
N LEU M 43 -27.39 -13.62 -0.18
CA LEU M 43 -28.46 -14.45 0.35
C LEU M 43 -29.22 -13.79 1.49
N SER M 44 -28.51 -13.05 2.35
CA SER M 44 -29.09 -12.55 3.60
C SER M 44 -29.16 -11.03 3.62
N GLU M 45 -29.61 -10.45 2.51
CA GLU M 45 -29.81 -9.01 2.46
C GLU M 45 -31.00 -8.61 3.32
N GLY M 46 -30.76 -7.75 4.30
CA GLY M 46 -31.80 -7.35 5.22
C GLY M 46 -32.15 -8.35 6.30
N ALA M 47 -31.31 -9.36 6.50
CA ALA M 47 -31.60 -10.39 7.48
C ALA M 47 -31.32 -9.88 8.90
N THR M 48 -32.17 -10.26 9.84
CA THR M 48 -32.00 -9.90 11.22
C THR M 48 -30.84 -10.68 11.84
N PRO M 49 -30.30 -10.20 12.97
CA PRO M 49 -29.25 -10.97 13.65
C PRO M 49 -29.64 -12.39 13.99
N GLN M 50 -30.92 -12.63 14.28
CA GLN M 50 -31.37 -14.02 14.48
C GLN M 50 -31.21 -14.84 13.21
N ASP M 51 -31.50 -14.26 12.05
CA ASP M 51 -31.35 -14.99 10.80
C ASP M 51 -29.88 -15.29 10.50
N LEU M 52 -28.99 -14.37 10.84
CA LEU M 52 -27.57 -14.62 10.63
C LEU M 52 -27.05 -15.67 11.61
N ASN M 53 -27.48 -15.63 12.86
CA ASN M 53 -27.12 -16.69 13.80
C ASN M 53 -27.66 -18.04 13.34
N THR M 54 -28.84 -18.05 12.70
CA THR M 54 -29.35 -19.26 12.09
C THR M 54 -28.44 -19.76 10.97
N MET M 55 -28.14 -18.88 10.02
CA MET M 55 -27.29 -19.26 8.88
C MET M 55 -25.90 -19.70 9.30
N LEU M 56 -25.43 -19.24 10.47
CA LEU M 56 -24.12 -19.68 10.96
C LEU M 56 -24.21 -20.98 11.75
N ASN M 57 -25.20 -21.13 12.62
CA ASN M 57 -25.33 -22.34 13.40
C ASN M 57 -25.70 -23.54 12.52
N THR M 58 -26.37 -23.29 11.40
CA THR M 58 -26.85 -24.35 10.52
C THR M 58 -25.71 -25.00 9.73
N VAL M 59 -24.52 -24.39 9.71
CA VAL M 59 -23.41 -24.94 8.95
C VAL M 59 -22.81 -26.12 9.69
N GLY M 60 -23.20 -27.32 9.29
CA GLY M 60 -22.62 -28.53 9.87
C GLY M 60 -21.24 -28.79 9.31
N GLY M 61 -20.33 -29.26 10.15
CA GLY M 61 -18.96 -29.48 9.74
C GLY M 61 -18.17 -28.18 9.68
N HIS M 62 -16.85 -28.34 9.54
CA HIS M 62 -15.92 -27.21 9.57
C HIS M 62 -16.13 -26.37 10.83
N GLN M 63 -16.20 -27.06 11.97
CA GLN M 63 -16.51 -26.38 13.22
C GLN M 63 -15.37 -25.47 13.67
N ALA M 64 -14.15 -25.76 13.22
CA ALA M 64 -13.03 -24.88 13.55
C ALA M 64 -13.20 -23.51 12.91
N ALA M 65 -13.63 -23.48 11.64
CA ALA M 65 -13.88 -22.21 10.98
C ALA M 65 -15.01 -21.44 11.66
N MET M 66 -16.07 -22.14 12.06
CA MET M 66 -17.16 -21.47 12.76
C MET M 66 -16.72 -20.95 14.11
N GLN M 67 -15.81 -21.65 14.80
CA GLN M 67 -15.29 -21.15 16.05
C GLN M 67 -14.43 -19.92 15.83
N MET M 68 -13.62 -19.91 14.78
CA MET M 68 -12.87 -18.72 14.42
C MET M 68 -13.80 -17.53 14.16
N LEU M 69 -14.88 -17.77 13.43
CA LEU M 69 -15.84 -16.72 13.15
C LEU M 69 -16.50 -16.23 14.44
N LYS M 70 -16.82 -17.14 15.35
CA LYS M 70 -17.42 -16.74 16.62
C LYS M 70 -16.44 -15.90 17.44
N GLU M 71 -15.16 -16.27 17.45
CA GLU M 71 -14.16 -15.49 18.17
C GLU M 71 -14.01 -14.11 17.56
N THR M 72 -13.99 -14.02 16.24
CA THR M 72 -13.90 -12.72 15.58
C THR M 72 -15.10 -11.85 15.90
N ILE M 73 -16.30 -12.43 15.87
CA ILE M 73 -17.51 -11.68 16.22
C ILE M 73 -17.44 -11.22 17.68
N ASN M 74 -16.90 -12.07 18.56
CA ASN M 74 -16.78 -11.70 19.96
C ASN M 74 -15.82 -10.52 20.14
N GLU M 75 -14.68 -10.54 19.45
CA GLU M 75 -13.74 -9.43 19.54
C GLU M 75 -14.35 -8.15 18.98
N GLU M 76 -15.05 -8.24 17.85
CA GLU M 76 -15.69 -7.05 17.30
C GLU M 76 -16.75 -6.50 18.23
N ALA M 77 -17.52 -7.39 18.88
CA ALA M 77 -18.55 -6.92 19.82
C ALA M 77 -17.92 -6.26 21.04
N ALA M 78 -16.81 -6.82 21.53
CA ALA M 78 -16.12 -6.20 22.66
C ALA M 78 -15.60 -4.81 22.28
N GLU M 79 -15.01 -4.68 21.09
CA GLU M 79 -14.51 -3.38 20.65
C GLU M 79 -15.67 -2.39 20.47
N TRP M 80 -16.81 -2.87 19.97
CA TRP M 80 -17.96 -1.99 19.81
C TRP M 80 -18.48 -1.51 21.16
N ASP M 81 -18.52 -2.41 22.14
CA ASP M 81 -18.97 -2.02 23.48
C ASP M 81 -17.99 -1.05 24.12
N ARG M 82 -16.70 -1.23 23.85
CA ARG M 82 -15.70 -0.31 24.40
C ARG M 82 -15.79 1.07 23.75
N VAL M 83 -16.04 1.13 22.44
CA VAL M 83 -16.09 2.41 21.73
C VAL M 83 -17.43 3.10 21.88
N HIS M 84 -18.50 2.39 22.25
CA HIS M 84 -19.82 2.97 22.42
C HIS M 84 -20.44 2.47 23.71
N PRO M 85 -20.11 3.09 24.84
CA PRO M 85 -20.74 2.70 26.10
C PRO M 85 -22.22 3.09 26.10
N VAL M 86 -23.04 2.24 26.71
CA VAL M 86 -24.49 2.44 26.77
C VAL M 86 -24.82 3.22 28.03
N HIS M 87 -25.84 4.05 27.95
CA HIS M 87 -26.26 4.86 29.09
C HIS M 87 -27.22 4.09 29.99
N ALA M 88 -27.27 4.48 31.25
CA ALA M 88 -28.15 3.87 32.24
C ALA M 88 -29.26 4.83 32.62
N GLY M 89 -30.27 4.29 33.31
CA GLY M 89 -31.39 5.07 33.75
C GLY M 89 -32.61 4.88 32.88
N PRO M 90 -33.64 5.70 33.09
CA PRO M 90 -34.86 5.58 32.28
C PRO M 90 -34.62 6.01 30.85
N ILE M 91 -35.31 5.32 29.93
CA ILE M 91 -35.18 5.59 28.51
C ILE M 91 -36.37 6.42 28.05
N ALA M 92 -36.13 7.30 27.08
CA ALA M 92 -37.17 8.17 26.57
C ALA M 92 -38.30 7.35 25.95
N PRO M 93 -39.54 7.85 25.96
CA PRO M 93 -40.64 7.08 25.37
C PRO M 93 -40.54 6.93 23.86
N GLY M 94 -40.09 7.96 23.15
CA GLY M 94 -39.96 7.90 21.71
C GLY M 94 -38.70 7.25 21.20
N GLN M 95 -37.84 6.77 22.08
CA GLN M 95 -36.58 6.14 21.72
C GLN M 95 -36.45 4.80 22.44
N MET M 96 -35.95 3.79 21.72
CA MET M 96 -35.65 2.50 22.33
C MET M 96 -34.17 2.45 22.67
N ARG M 97 -33.86 1.75 23.77
CA ARG M 97 -32.50 1.73 24.28
C ARG M 97 -31.53 1.19 23.22
N GLU M 98 -30.34 1.77 23.18
CA GLU M 98 -29.36 1.41 22.17
C GLU M 98 -28.75 0.05 22.49
N PRO M 99 -28.45 -0.78 21.49
CA PRO M 99 -27.99 -2.14 21.78
C PRO M 99 -26.51 -2.16 22.16
N ARG M 100 -26.16 -3.14 22.97
CA ARG M 100 -24.76 -3.40 23.28
C ARG M 100 -24.15 -4.36 22.26
N GLY M 101 -22.84 -4.58 22.40
CA GLY M 101 -22.17 -5.48 21.48
C GLY M 101 -22.76 -6.88 21.47
N SER M 102 -22.98 -7.46 22.65
CA SER M 102 -23.61 -8.77 22.73
C SER M 102 -25.04 -8.76 22.21
N ASP M 103 -25.70 -7.60 22.24
CA ASP M 103 -27.03 -7.47 21.67
C ASP M 103 -27.01 -7.11 20.19
N ILE M 104 -25.99 -6.36 19.74
CA ILE M 104 -25.79 -6.20 18.31
C ILE M 104 -25.56 -7.56 17.66
N ALA M 105 -24.85 -8.45 18.37
CA ALA M 105 -24.67 -9.81 17.87
C ALA M 105 -25.99 -10.57 17.79
N GLY M 106 -26.98 -10.15 18.57
CA GLY M 106 -28.26 -10.84 18.60
C GLY M 106 -28.30 -12.04 19.50
N THR M 107 -27.39 -12.14 20.46
CA THR M 107 -27.34 -13.33 21.31
C THR M 107 -28.30 -13.26 22.48
N THR M 108 -28.55 -12.06 23.02
CA THR M 108 -29.38 -11.90 24.20
C THR M 108 -30.49 -10.88 23.96
N SER M 109 -31.19 -11.01 22.84
CA SER M 109 -32.29 -10.09 22.54
C SER M 109 -33.33 -10.82 21.71
N THR M 110 -34.58 -10.41 21.85
CA THR M 110 -35.68 -11.05 21.12
C THR M 110 -35.75 -10.52 19.69
N LEU M 111 -36.49 -11.25 18.86
CA LEU M 111 -36.65 -10.86 17.46
C LEU M 111 -37.44 -9.57 17.32
N GLN M 112 -38.45 -9.38 18.17
CA GLN M 112 -39.24 -8.16 18.11
C GLN M 112 -38.39 -6.93 18.36
N GLU M 113 -37.41 -7.04 19.26
CA GLU M 113 -36.53 -5.92 19.53
C GLU M 113 -35.63 -5.62 18.33
N GLN M 114 -35.17 -6.67 17.63
CA GLN M 114 -34.41 -6.45 16.41
C GLN M 114 -35.26 -5.75 15.36
N ILE M 115 -36.52 -6.17 15.22
CA ILE M 115 -37.40 -5.53 14.24
C ILE M 115 -37.66 -4.07 14.61
N GLY M 116 -37.83 -3.79 15.91
CA GLY M 116 -38.00 -2.42 16.34
C GLY M 116 -36.77 -1.57 16.10
N TRP M 117 -35.58 -2.14 16.29
CA TRP M 117 -34.35 -1.42 15.98
C TRP M 117 -34.24 -1.14 14.48
N MET M 118 -34.63 -2.11 13.66
CA MET M 118 -34.44 -1.98 12.22
C MET M 118 -35.48 -1.07 11.58
N THR M 119 -36.67 -0.97 12.18
CA THR M 119 -37.74 -0.13 11.66
C THR M 119 -37.98 1.11 12.50
N ASN M 120 -37.00 1.51 13.32
CA ASN M 120 -37.13 2.70 14.14
C ASN M 120 -36.98 3.95 13.30
N ASN M 121 -37.22 5.10 13.92
CA ASN M 121 -37.03 6.39 13.28
C ASN M 121 -36.09 7.24 14.10
N PRO M 122 -34.82 7.41 13.69
CA PRO M 122 -34.24 6.82 12.48
C PRO M 122 -33.87 5.34 12.66
N PRO M 123 -33.83 4.59 11.56
CA PRO M 123 -33.52 3.16 11.65
C PRO M 123 -32.10 2.94 12.14
N ILE M 124 -31.91 1.84 12.88
CA ILE M 124 -30.61 1.44 13.40
C ILE M 124 -30.19 0.18 12.66
N PRO M 125 -29.08 0.19 11.92
CA PRO M 125 -28.70 -0.97 11.10
C PRO M 125 -27.87 -1.99 11.88
N VAL M 126 -28.53 -2.73 12.76
CA VAL M 126 -27.86 -3.82 13.47
C VAL M 126 -27.53 -4.96 12.52
N GLY M 127 -28.43 -5.24 11.58
CA GLY M 127 -28.19 -6.31 10.63
C GLY M 127 -26.97 -6.06 9.76
N GLU M 128 -26.82 -4.82 9.29
CA GLU M 128 -25.66 -4.48 8.47
C GLU M 128 -24.36 -4.55 9.26
N ILE M 129 -24.37 -4.12 10.52
CA ILE M 129 -23.17 -4.19 11.34
C ILE M 129 -22.76 -5.64 11.57
N TYR M 130 -23.73 -6.49 11.94
CA TYR M 130 -23.40 -7.89 12.19
C TYR M 130 -23.02 -8.60 10.90
N LYS M 131 -23.58 -8.19 9.77
CA LYS M 131 -23.17 -8.73 8.48
C LYS M 131 -21.74 -8.32 8.14
N ARG M 132 -21.36 -7.08 8.44
CA ARG M 132 -19.97 -6.66 8.23
C ARG M 132 -19.03 -7.50 9.09
N TRP M 133 -19.42 -7.73 10.35
CA TRP M 133 -18.59 -8.56 11.23
C TRP M 133 -18.45 -9.97 10.69
N ILE M 134 -19.56 -10.56 10.23
CA ILE M 134 -19.51 -11.92 9.68
C ILE M 134 -18.67 -11.96 8.41
N ILE M 135 -18.73 -10.90 7.60
CA ILE M 135 -17.93 -10.86 6.37
C ILE M 135 -16.45 -10.77 6.71
N LEU M 136 -16.09 -10.01 7.74
CA LEU M 136 -14.70 -9.97 8.18
C LEU M 136 -14.25 -11.34 8.69
N GLY M 137 -15.11 -12.00 9.47
CA GLY M 137 -14.78 -13.34 9.94
C GLY M 137 -14.60 -14.32 8.79
N LEU M 138 -15.46 -14.24 7.77
CA LEU M 138 -15.33 -15.13 6.62
C LEU M 138 -14.08 -14.80 5.81
N ASN M 139 -13.68 -13.53 5.77
CA ASN M 139 -12.41 -13.19 5.14
C ASN M 139 -11.24 -13.82 5.87
N LYS M 140 -11.26 -13.78 7.21
CA LYS M 140 -10.21 -14.45 7.97
C LYS M 140 -10.24 -15.96 7.75
N ILE M 141 -11.43 -16.53 7.63
CA ILE M 141 -11.54 -17.97 7.42
C ILE M 141 -10.98 -18.37 6.06
N VAL M 142 -11.32 -17.63 5.01
CA VAL M 142 -10.80 -17.95 3.68
C VAL M 142 -9.31 -17.65 3.61
N ARG M 143 -8.82 -16.73 4.44
CA ARG M 143 -7.38 -16.57 4.58
C ARG M 143 -6.75 -17.82 5.18
N MET M 144 -7.39 -18.39 6.21
CA MET M 144 -6.86 -19.58 6.85
C MET M 144 -6.87 -20.78 5.92
N TYR M 145 -7.91 -20.92 5.11
CA TYR M 145 -7.99 -22.11 4.21
C TYR M 145 -6.98 -22.03 3.07
N SER M 146 -6.32 -20.88 2.89
CA SER M 146 -5.41 -20.73 1.77
C SER M 146 -4.40 -21.86 1.78
N PRO M 147 -4.34 -22.69 0.74
CA PRO M 147 -3.45 -23.86 0.79
C PRO M 147 -1.97 -23.51 0.80
N THR M 148 -1.53 -22.62 -0.11
CA THR M 148 -0.11 -22.31 -0.23
C THR M 148 0.09 -20.80 -0.15
N SER M 149 1.34 -20.41 0.08
CA SER M 149 1.69 -19.00 0.12
C SER M 149 1.89 -18.45 -1.29
N ILE M 150 1.93 -17.12 -1.38
CA ILE M 150 2.04 -16.47 -2.69
C ILE M 150 3.45 -16.61 -3.25
N LEU M 151 4.46 -16.71 -2.39
CA LEU M 151 5.84 -16.69 -2.87
C LEU M 151 6.28 -18.05 -3.39
N ASP M 152 5.67 -19.13 -2.91
CA ASP M 152 6.10 -20.48 -3.28
C ASP M 152 5.65 -20.89 -4.68
N ILE M 153 4.99 -20.00 -5.42
CA ILE M 153 4.48 -20.38 -6.73
C ILE M 153 5.63 -20.45 -7.74
N ARG M 154 5.79 -21.62 -8.34
CA ARG M 154 6.76 -21.82 -9.41
C ARG M 154 6.17 -22.78 -10.43
N GLN M 155 6.15 -22.37 -11.69
CA GLN M 155 5.54 -23.19 -12.73
C GLN M 155 6.43 -24.38 -13.07
N GLY M 156 5.81 -25.55 -13.23
CA GLY M 156 6.51 -26.74 -13.63
C GLY M 156 6.90 -26.70 -15.10
N PRO M 157 7.80 -27.58 -15.51
CA PRO M 157 8.22 -27.60 -16.91
C PRO M 157 7.09 -27.94 -17.87
N LYS M 158 6.10 -28.71 -17.43
CA LYS M 158 4.98 -29.12 -18.28
C LYS M 158 3.67 -28.44 -17.94
N GLU M 159 3.51 -27.92 -16.72
CA GLU M 159 2.27 -27.27 -16.33
C GLU M 159 2.01 -26.07 -17.23
N PRO M 160 0.88 -26.03 -17.95
CA PRO M 160 0.65 -24.93 -18.89
C PRO M 160 0.54 -23.59 -18.19
N PHE M 161 0.79 -22.53 -18.96
CA PHE M 161 0.73 -21.18 -18.39
C PHE M 161 -0.66 -20.84 -17.90
N ARG M 162 -1.70 -21.40 -18.53
CA ARG M 162 -3.07 -21.12 -18.10
C ARG M 162 -3.31 -21.66 -16.68
N ASP M 163 -2.91 -22.90 -16.42
CA ASP M 163 -3.06 -23.45 -15.08
C ASP M 163 -2.19 -22.71 -14.07
N TYR M 164 -0.99 -22.29 -14.48
CA TYR M 164 -0.12 -21.53 -13.60
C TYR M 164 -0.78 -20.22 -13.17
N VAL M 165 -1.28 -19.44 -14.13
CA VAL M 165 -1.88 -18.16 -13.79
C VAL M 165 -3.20 -18.38 -13.04
N ASP M 166 -3.93 -19.45 -13.34
CA ASP M 166 -5.13 -19.77 -12.57
C ASP M 166 -4.80 -19.99 -11.10
N ARG M 167 -3.82 -20.87 -10.83
CA ARG M 167 -3.43 -21.12 -9.44
C ARG M 167 -2.91 -19.85 -8.77
N PHE M 168 -2.11 -19.07 -9.49
CA PHE M 168 -1.55 -17.83 -8.97
C PHE M 168 -2.66 -16.88 -8.54
N TYR M 169 -3.60 -16.57 -9.44
CA TYR M 169 -4.65 -15.63 -9.10
C TYR M 169 -5.63 -16.20 -8.08
N LYS M 170 -5.79 -17.53 -8.04
CA LYS M 170 -6.62 -18.12 -7.00
C LYS M 170 -6.04 -17.85 -5.62
N THR M 171 -4.77 -18.23 -5.41
CA THR M 171 -4.17 -17.98 -4.11
C THR M 171 -3.96 -16.50 -3.85
N LEU M 172 -3.91 -15.68 -4.90
CA LEU M 172 -3.79 -14.24 -4.72
C LEU M 172 -5.08 -13.64 -4.19
N ARG M 173 -6.22 -14.05 -4.77
CA ARG M 173 -7.51 -13.62 -4.22
C ARG M 173 -7.73 -14.21 -2.84
N ALA M 174 -7.17 -15.38 -2.56
CA ALA M 174 -7.25 -15.96 -1.23
C ALA M 174 -6.32 -15.29 -0.23
N GLU M 175 -5.31 -14.57 -0.70
CA GLU M 175 -4.37 -13.89 0.19
C GLU M 175 -5.00 -12.63 0.81
N GLN M 176 -5.39 -11.69 -0.04
CA GLN M 176 -6.05 -10.45 0.39
C GLN M 176 -5.22 -9.69 1.43
N ALA M 177 -3.91 -9.63 1.22
CA ALA M 177 -3.08 -8.81 2.09
C ALA M 177 -3.38 -7.33 1.91
N SER M 178 -3.44 -6.88 0.65
CA SER M 178 -3.78 -5.50 0.34
C SER M 178 -4.09 -5.37 -1.15
N GLN M 179 -4.30 -4.14 -1.63
CA GLN M 179 -4.59 -3.90 -3.03
C GLN M 179 -3.36 -3.48 -3.82
N GLU M 180 -2.60 -2.51 -3.31
CA GLU M 180 -1.40 -2.07 -4.00
C GLU M 180 -0.31 -3.13 -3.94
N VAL M 181 -0.22 -3.87 -2.82
CA VAL M 181 0.72 -4.98 -2.77
C VAL M 181 0.33 -6.05 -3.77
N LYS M 182 -0.96 -6.28 -3.95
CA LYS M 182 -1.42 -7.21 -4.98
C LYS M 182 -1.06 -6.71 -6.37
N ASN M 183 -1.20 -5.40 -6.60
CA ASN M 183 -0.83 -4.84 -7.90
C ASN M 183 0.66 -4.99 -8.17
N TRP M 184 1.50 -4.79 -7.14
CA TRP M 184 2.94 -4.99 -7.33
C TRP M 184 3.27 -6.46 -7.57
N MET M 185 2.57 -7.35 -6.86
CA MET M 185 2.82 -8.78 -7.03
C MET M 185 2.46 -9.25 -8.43
N THR M 186 1.32 -8.82 -8.96
CA THR M 186 0.93 -9.28 -10.29
C THR M 186 1.84 -8.71 -11.38
N GLU M 187 2.61 -7.66 -11.07
CA GLU M 187 3.61 -7.20 -12.02
C GLU M 187 4.90 -8.01 -11.90
N THR M 188 5.38 -8.25 -10.67
CA THR M 188 6.70 -8.87 -10.49
C THR M 188 6.64 -10.39 -10.45
N LEU M 189 5.91 -10.96 -9.49
CA LEU M 189 5.93 -12.41 -9.30
C LEU M 189 5.31 -13.16 -10.48
N LEU M 190 4.41 -12.53 -11.22
CA LEU M 190 3.75 -13.22 -12.34
C LEU M 190 4.75 -13.53 -13.44
N VAL M 191 5.61 -12.58 -13.77
CA VAL M 191 6.60 -12.80 -14.83
C VAL M 191 7.89 -13.38 -14.28
N GLN M 192 8.11 -13.33 -12.96
CA GLN M 192 9.37 -13.81 -12.42
C GLN M 192 9.44 -15.33 -12.39
N ASN M 193 8.30 -16.02 -12.42
CA ASN M 193 8.26 -17.46 -12.23
C ASN M 193 7.74 -18.23 -13.45
N ALA M 194 8.11 -17.81 -14.66
CA ALA M 194 7.66 -18.52 -15.84
C ALA M 194 8.69 -19.54 -16.29
N ASN M 195 8.24 -20.47 -17.14
CA ASN M 195 9.15 -21.46 -17.72
C ASN M 195 10.08 -20.80 -18.73
N PRO M 196 11.36 -21.19 -18.74
CA PRO M 196 12.38 -20.40 -19.46
C PRO M 196 12.03 -19.99 -20.87
N ASP M 197 11.50 -20.92 -21.69
CA ASP M 197 11.12 -20.56 -23.05
C ASP M 197 10.03 -19.50 -23.06
N CYS M 198 8.87 -19.82 -22.50
CA CYS M 198 7.82 -18.82 -22.40
C CYS M 198 8.23 -17.64 -21.53
N LYS M 199 9.14 -17.86 -20.58
CA LYS M 199 9.67 -16.75 -19.80
C LYS M 199 10.30 -15.69 -20.69
N THR M 200 11.23 -16.10 -21.56
CA THR M 200 11.85 -15.11 -22.43
C THR M 200 10.89 -14.62 -23.51
N ILE M 201 9.89 -15.42 -23.89
CA ILE M 201 8.86 -14.88 -24.78
C ILE M 201 8.12 -13.72 -24.11
N LEU M 202 7.84 -13.84 -22.81
CA LEU M 202 7.22 -12.72 -22.09
C LEU M 202 8.18 -11.55 -21.91
N LYS M 203 9.45 -11.82 -21.61
CA LYS M 203 10.41 -10.74 -21.48
C LYS M 203 10.64 -10.00 -22.80
N ALA M 204 10.36 -10.65 -23.93
CA ALA M 204 10.49 -9.98 -25.22
C ALA M 204 9.50 -8.82 -25.35
N LEU M 205 8.39 -8.90 -24.62
CA LEU M 205 7.38 -7.85 -24.67
C LEU M 205 7.61 -6.74 -23.64
N GLY M 206 8.57 -6.91 -22.74
CA GLY M 206 8.89 -5.89 -21.77
C GLY M 206 7.87 -5.81 -20.66
N PRO M 207 8.14 -4.95 -19.67
CA PRO M 207 7.19 -4.81 -18.54
C PRO M 207 5.88 -4.15 -18.94
N ALA M 208 5.85 -3.44 -20.07
CA ALA M 208 4.62 -2.81 -20.53
C ALA M 208 3.59 -3.82 -21.02
N ALA M 209 3.96 -5.10 -21.08
CA ALA M 209 3.05 -6.11 -21.60
C ALA M 209 1.85 -6.29 -20.67
N THR M 210 0.68 -6.45 -21.27
CA THR M 210 -0.55 -6.74 -20.54
C THR M 210 -0.78 -8.25 -20.46
N LEU M 211 -1.80 -8.62 -19.70
CA LEU M 211 -2.05 -10.04 -19.46
C LEU M 211 -2.51 -10.76 -20.73
N GLU M 212 -3.30 -10.11 -21.58
CA GLU M 212 -3.82 -10.75 -22.79
C GLU M 212 -2.68 -11.16 -23.71
N GLU M 213 -1.79 -10.22 -24.04
CA GLU M 213 -0.63 -10.57 -24.86
C GLU M 213 0.33 -11.48 -24.11
N MET M 214 0.40 -11.35 -22.79
CA MET M 214 1.18 -12.28 -21.98
C MET M 214 0.73 -13.72 -22.17
N MET M 215 -0.57 -13.93 -22.33
CA MET M 215 -1.08 -15.29 -22.49
C MET M 215 -1.00 -15.75 -23.93
N THR M 216 -1.37 -14.89 -24.89
CA THR M 216 -1.33 -15.32 -26.28
C THR M 216 0.10 -15.47 -26.80
N ALA M 217 1.08 -14.94 -26.07
CA ALA M 217 2.49 -15.20 -26.42
C ALA M 217 2.81 -16.67 -26.21
N CYS M 218 2.62 -17.16 -24.98
CA CYS M 218 2.83 -18.57 -24.67
C CYS M 218 1.76 -19.47 -25.28
N GLN M 219 0.70 -18.89 -25.84
CA GLN M 219 -0.35 -19.70 -26.45
C GLN M 219 0.11 -20.24 -27.81
N GLY M 220 -0.29 -21.47 -28.10
CA GLY M 220 0.04 -22.11 -29.35
C GLY M 220 1.52 -22.38 -29.52
#